data_2PKQ
#
_entry.id   2PKQ
#
_cell.length_a   186.147
_cell.length_b   215.687
_cell.length_c   81.469
_cell.angle_alpha   90.00
_cell.angle_beta   102.52
_cell.angle_gamma   90.00
#
_symmetry.space_group_name_H-M   'C 1 2 1'
#
loop_
_entity.id
_entity.type
_entity.pdbx_description
1 polymer 'Glyceraldehyde-3-phosphate dehydrogenase B'
2 polymer 'Glyceraldehyde-3-phosphate dehydrogenase A'
3 non-polymer 'SULFATE ION'
4 non-polymer 'NADPH DIHYDRO-NICOTINAMIDE-ADENINE-DINUCLEOTIDE PHOSPHATE'
#
loop_
_entity_poly.entity_id
_entity_poly.type
_entity_poly.pdbx_seq_one_letter_code
_entity_poly.pdbx_strand_id
1 'polypeptide(L)'
;KLKVAINGFGRIGRNFLRCWHGRKDSPLDVVVVNDSGGVKSATHLLKYDSILGTFKADVKIIDNETFSIDGKPIKVVSNR
DPLKLPWAELGIDIVIEGTGVFVDGPGAGKHIQAGAKKVIITAPAKGSDIPTYVVGVNEKDYGHDVANIISNASCTTNCL
APFVKVLDEELGIVKGTMTTTHSYTGDQRLLDASHRDLRRARAAALNIVPTSTGAAKAVSLVLPQLKGKLNGIALRVPTP
NVSVVDLVVNIEKVGVTAEDVNNAFRKAAAGPLKGVLDVCDIPLVSVDFRCSDFSSTIDSSLTMVMGGDMVKVVAWYDNE
WGYSQRVVDLADLVANKWPGLEGSVASGDPLEDFCKDNPADEECKLYE
;
O,Q,T
2 'polypeptide(L)'
;KLKVAINGFGRIGRNFLRCWHGRKDSPLDVVVINDTGGVKQASHLLKYDSILGTFDADVKTAGDSAISVDGKVIKVVSDR
NPVNLPWGDMGIDLVIEGTGVFVDRDGAGKHLQAGAKKVLITAPGKGDIPTYVVGVNEEGYTHADTIISNASCTTNCLAP
FVKVLDQKFGIIKGTMTTTHSYTGDQRLLDASHRDLRRARAACLNIVPTSTGAAKAVALVLPNLKGKLNGIALRVPTPNV
SVVDLVVQVSKKTFAEEVNAAFRESADNELKGILSVCDEPLVSIDFRCTDVSSTIDSSLTMVMGDDMVKVIAWYDNEWGY
SQRVVDLADIVANKWQA
;
P,R,S
#
# COMPACT_ATOMS: atom_id res chain seq x y z
N LYS A 1 20.98 32.13 16.65
CA LYS A 1 20.50 33.31 15.87
C LYS A 1 18.99 33.53 16.01
N LEU A 2 18.23 32.44 16.05
CA LEU A 2 16.77 32.44 16.12
C LEU A 2 16.27 31.71 17.37
N LYS A 3 15.41 32.39 18.15
CA LYS A 3 14.86 31.82 19.39
C LYS A 3 13.75 30.80 19.16
N VAL A 4 13.88 29.62 19.74
CA VAL A 4 12.89 28.56 19.59
C VAL A 4 12.25 28.08 20.88
N ALA A 5 10.96 27.80 20.81
CA ALA A 5 10.23 27.31 21.96
C ALA A 5 9.76 25.92 21.60
N ILE A 6 9.54 25.09 22.62
CA ILE A 6 9.10 23.72 22.41
C ILE A 6 7.86 23.48 23.22
N ASN A 7 6.71 23.44 22.56
CA ASN A 7 5.49 23.22 23.30
C ASN A 7 5.14 21.75 23.27
N GLY A 8 5.38 21.07 24.40
CA GLY A 8 5.09 19.65 24.51
C GLY A 8 6.38 18.88 24.69
N PHE A 9 6.78 18.67 25.94
CA PHE A 9 8.03 17.96 26.23
C PHE A 9 7.85 16.47 26.44
N GLY A 10 7.51 15.80 25.35
CA GLY A 10 7.33 14.36 25.41
C GLY A 10 7.96 13.77 24.17
N ARG A 11 8.46 12.55 24.30
CA ARG A 11 9.11 11.82 23.22
C ARG A 11 9.61 12.71 22.09
N ILE A 12 8.72 13.03 21.16
CA ILE A 12 9.05 13.85 20.01
C ILE A 12 9.65 15.22 20.34
N GLY A 13 9.14 15.84 21.38
CA GLY A 13 9.64 17.14 21.78
C GLY A 13 11.00 17.00 22.44
N ARG A 14 11.12 15.99 23.27
CA ARG A 14 12.38 15.74 23.95
C ARG A 14 13.38 15.21 22.93
N ASN A 15 12.90 14.34 22.04
CA ASN A 15 13.73 13.79 20.99
C ASN A 15 14.23 14.96 20.18
N PHE A 16 13.38 15.99 20.07
CA PHE A 16 13.77 17.19 19.33
C PHE A 16 14.99 17.78 20.05
N LEU A 17 14.73 18.37 21.21
CA LEU A 17 15.77 19.00 22.01
C LEU A 17 17.08 18.25 21.94
N ARG A 18 17.04 16.94 22.09
CA ARG A 18 18.27 16.16 22.03
C ARG A 18 18.89 16.31 20.66
N CYS A 19 18.11 16.05 19.62
CA CYS A 19 18.59 16.16 18.25
C CYS A 19 19.31 17.46 18.03
N TRP A 20 18.66 18.54 18.45
CA TRP A 20 19.21 19.87 18.32
C TRP A 20 20.53 20.09 19.08
N HIS A 21 20.58 19.65 20.33
CA HIS A 21 21.79 19.87 21.13
C HIS A 21 23.04 19.49 20.36
N GLY A 22 23.34 18.19 20.34
CA GLY A 22 24.50 17.72 19.61
C GLY A 22 24.33 17.92 18.11
N ARG A 23 24.54 19.15 17.67
CA ARG A 23 24.42 19.49 16.27
C ARG A 23 25.55 20.39 15.83
N LYS A 24 25.73 20.50 14.53
CA LYS A 24 26.77 21.34 13.96
C LYS A 24 26.79 22.70 14.66
N ASP A 25 25.79 23.52 14.33
CA ASP A 25 25.65 24.86 14.88
C ASP A 25 24.31 25.46 14.43
N SER A 26 23.24 24.73 14.70
CA SER A 26 21.89 25.14 14.32
C SER A 26 21.61 26.59 14.65
N PRO A 27 20.96 27.31 13.71
CA PRO A 27 20.60 28.72 13.85
C PRO A 27 19.53 28.80 14.93
N LEU A 28 18.96 27.64 15.23
CA LEU A 28 17.92 27.51 16.23
C LEU A 28 18.53 27.67 17.63
N ASP A 29 17.70 28.01 18.60
CA ASP A 29 18.16 28.16 19.97
C ASP A 29 16.99 28.00 20.92
N VAL A 30 16.83 26.78 21.42
CA VAL A 30 15.77 26.47 22.36
C VAL A 30 15.99 27.29 23.61
N VAL A 31 15.00 28.09 23.98
CA VAL A 31 15.10 28.93 25.17
C VAL A 31 13.96 28.67 26.14
N VAL A 32 12.96 27.90 25.72
CA VAL A 32 11.86 27.61 26.61
C VAL A 32 11.12 26.34 26.24
N VAL A 33 10.61 25.65 27.26
CA VAL A 33 9.88 24.41 27.07
C VAL A 33 8.55 24.53 27.82
N ASN A 34 7.53 23.83 27.34
CA ASN A 34 6.26 23.88 28.03
C ASN A 34 5.83 22.48 28.45
N ASP A 35 6.44 21.98 29.52
CA ASP A 35 6.11 20.66 30.04
C ASP A 35 5.31 20.81 31.32
N SER A 36 4.05 20.40 31.27
CA SER A 36 3.16 20.50 32.42
C SER A 36 3.67 19.64 33.55
N GLY A 37 4.81 19.98 34.12
CA GLY A 37 5.38 19.19 35.21
C GLY A 37 6.51 19.84 35.97
N GLY A 38 6.91 21.02 35.53
CA GLY A 38 7.96 21.73 36.22
C GLY A 38 9.34 21.36 35.75
N VAL A 39 10.35 21.97 36.36
CA VAL A 39 11.72 21.71 36.01
C VAL A 39 12.10 20.30 36.39
N LYS A 40 11.55 19.80 37.49
CA LYS A 40 11.87 18.43 37.91
C LYS A 40 11.47 17.48 36.80
N SER A 41 10.17 17.24 36.68
CA SER A 41 9.62 16.33 35.68
C SER A 41 10.15 16.56 34.28
N ALA A 42 10.50 17.79 33.97
CA ALA A 42 11.02 18.09 32.64
C ALA A 42 12.51 17.79 32.55
N THR A 43 13.23 17.92 33.65
CA THR A 43 14.65 17.64 33.63
C THR A 43 14.87 16.15 33.59
N HIS A 44 14.49 15.49 34.69
CA HIS A 44 14.64 14.05 34.80
C HIS A 44 14.48 13.35 33.46
N LEU A 45 13.33 13.54 32.82
CA LEU A 45 13.07 12.87 31.54
C LEU A 45 13.94 13.29 30.37
N LEU A 46 14.69 14.36 30.51
CA LEU A 46 15.56 14.78 29.45
C LEU A 46 16.89 14.08 29.68
N LYS A 47 17.18 13.80 30.94
CA LYS A 47 18.44 13.16 31.33
C LYS A 47 18.40 11.66 31.24
N TYR A 48 17.32 11.07 31.70
CA TYR A 48 17.18 9.63 31.68
C TYR A 48 16.03 9.23 30.75
N ASP A 49 16.35 8.57 29.65
CA ASP A 49 15.35 8.17 28.67
C ASP A 49 15.47 6.69 28.41
N SER A 50 14.36 5.98 28.57
CA SER A 50 14.31 4.52 28.38
C SER A 50 14.58 4.06 26.98
N ILE A 51 14.40 4.93 25.99
CA ILE A 51 14.62 4.55 24.60
C ILE A 51 15.88 5.17 23.98
N LEU A 52 16.39 6.24 24.55
CA LEU A 52 17.59 6.85 24.01
C LEU A 52 18.75 6.67 24.96
N GLY A 53 18.43 6.42 26.23
CA GLY A 53 19.46 6.22 27.22
C GLY A 53 19.98 7.50 27.80
N THR A 54 20.39 7.47 29.06
CA THR A 54 20.93 8.63 29.75
C THR A 54 21.62 9.66 28.84
N PHE A 55 21.08 10.89 28.84
CA PHE A 55 21.60 11.99 28.02
C PHE A 55 22.99 12.41 28.46
N LYS A 56 23.92 12.41 27.52
CA LYS A 56 25.31 12.74 27.79
C LYS A 56 25.68 14.19 27.97
N ALA A 57 25.35 14.77 29.13
CA ALA A 57 25.70 16.17 29.38
C ALA A 57 25.14 16.70 30.69
N ASP A 58 25.88 17.58 31.35
CA ASP A 58 25.43 18.16 32.60
C ASP A 58 24.10 18.89 32.49
N VAL A 59 23.06 18.32 33.08
CA VAL A 59 21.74 18.91 33.05
C VAL A 59 21.35 19.28 34.47
N LYS A 60 21.47 20.55 34.84
CA LYS A 60 21.11 20.93 36.20
C LYS A 60 19.92 21.87 36.30
N ILE A 61 19.29 21.84 37.47
CA ILE A 61 18.12 22.65 37.76
C ILE A 61 18.46 23.98 38.42
N ILE A 62 18.48 25.04 37.61
CA ILE A 62 18.76 26.37 38.11
C ILE A 62 17.40 26.97 38.34
N ASP A 63 17.33 28.02 39.17
CA ASP A 63 16.06 28.66 39.42
C ASP A 63 15.02 27.60 39.80
N ASN A 64 13.76 28.00 39.76
CA ASN A 64 12.64 27.14 40.09
C ASN A 64 11.91 26.94 38.79
N GLU A 65 12.49 27.50 37.74
CA GLU A 65 11.91 27.43 36.42
C GLU A 65 12.99 27.73 35.39
N THR A 66 14.12 27.04 35.46
CA THR A 66 15.18 27.33 34.50
C THR A 66 16.32 26.32 34.53
N PHE A 67 16.14 25.13 33.97
CA PHE A 67 17.24 24.16 33.98
C PHE A 67 18.28 24.56 32.96
N SER A 68 19.41 23.85 32.93
CA SER A 68 20.48 24.19 32.01
C SER A 68 21.25 22.99 31.46
N ILE A 69 21.41 22.95 30.14
CA ILE A 69 22.13 21.87 29.48
C ILE A 69 23.56 22.28 29.15
N ASP A 70 24.47 22.06 30.10
CA ASP A 70 25.88 22.40 29.95
C ASP A 70 26.09 23.90 30.09
N GLY A 71 25.36 24.53 31.00
CA GLY A 71 25.51 25.96 31.21
C GLY A 71 24.43 26.79 30.55
N LYS A 72 24.10 26.47 29.29
CA LYS A 72 23.07 27.18 28.50
C LYS A 72 21.72 26.99 29.18
N PRO A 73 21.12 28.08 29.68
CA PRO A 73 19.82 28.02 30.34
C PRO A 73 18.67 27.77 29.41
N ILE A 74 17.59 27.28 30.00
CA ILE A 74 16.36 27.02 29.29
C ILE A 74 15.23 27.27 30.28
N LYS A 75 14.48 28.33 30.03
CA LYS A 75 13.37 28.74 30.87
C LYS A 75 12.26 27.73 30.60
N VAL A 76 11.53 27.33 31.63
CA VAL A 76 10.45 26.37 31.45
C VAL A 76 9.16 26.80 32.09
N VAL A 77 8.12 26.90 31.27
CA VAL A 77 6.82 27.31 31.76
C VAL A 77 5.86 26.18 31.55
N SER A 78 4.65 26.34 32.06
CA SER A 78 3.63 25.31 31.94
C SER A 78 2.21 25.82 32.01
N ASN A 79 1.45 25.55 30.96
CA ASN A 79 0.04 25.93 30.91
C ASN A 79 -0.57 25.34 29.66
N ARG A 80 -1.70 24.66 29.85
CA ARG A 80 -2.39 24.03 28.73
C ARG A 80 -2.91 25.03 27.69
N ASP A 81 -3.13 26.27 28.09
CA ASP A 81 -3.67 27.28 27.17
C ASP A 81 -2.61 28.18 26.58
N PRO A 82 -2.10 27.85 25.39
CA PRO A 82 -1.07 28.64 24.72
C PRO A 82 -1.24 30.16 24.88
N LEU A 83 -2.47 30.62 24.87
CA LEU A 83 -2.76 32.04 25.00
C LEU A 83 -2.05 32.68 26.20
N LYS A 84 -1.90 31.93 27.28
CA LYS A 84 -1.25 32.45 28.48
C LYS A 84 0.28 32.39 28.38
N LEU A 85 0.77 31.80 27.29
CA LEU A 85 2.21 31.67 27.11
C LEU A 85 2.94 32.97 26.83
N PRO A 86 4.15 33.11 27.39
CA PRO A 86 5.01 34.28 27.26
C PRO A 86 5.80 34.34 25.96
N TRP A 87 5.23 33.82 24.89
CA TRP A 87 5.93 33.82 23.61
C TRP A 87 6.42 35.21 23.21
N ALA A 88 5.53 36.19 23.34
CA ALA A 88 5.85 37.56 22.99
C ALA A 88 6.90 38.10 23.96
N GLU A 89 6.64 37.95 25.25
CA GLU A 89 7.55 38.44 26.28
C GLU A 89 8.97 37.97 26.01
N LEU A 90 9.12 36.68 25.74
CA LEU A 90 10.43 36.10 25.46
C LEU A 90 10.87 36.39 24.04
N GLY A 91 9.90 36.64 23.16
CA GLY A 91 10.22 36.92 21.77
C GLY A 91 10.53 35.65 21.01
N ILE A 92 9.63 34.68 21.11
CA ILE A 92 9.80 33.39 20.44
C ILE A 92 9.58 33.49 18.94
N ASP A 93 10.56 33.01 18.19
CA ASP A 93 10.51 33.03 16.74
C ASP A 93 9.89 31.77 16.13
N ILE A 94 10.20 30.60 16.68
CA ILE A 94 9.62 29.36 16.17
C ILE A 94 9.09 28.54 17.32
N VAL A 95 7.97 27.88 17.11
CA VAL A 95 7.37 27.04 18.14
C VAL A 95 7.15 25.64 17.60
N ILE A 96 7.73 24.64 18.26
CA ILE A 96 7.60 23.27 17.85
C ILE A 96 6.42 22.67 18.60
N GLU A 97 5.25 22.75 17.98
CA GLU A 97 4.04 22.23 18.59
C GLU A 97 4.00 20.71 18.56
N GLY A 98 4.51 20.09 19.62
CA GLY A 98 4.50 18.64 19.67
C GLY A 98 3.64 18.06 20.77
N THR A 99 2.34 18.30 20.70
CA THR A 99 1.43 17.80 21.71
C THR A 99 0.41 16.86 21.07
N GLY A 100 0.12 17.10 19.80
CA GLY A 100 -0.85 16.26 19.09
C GLY A 100 -2.29 16.68 19.34
N VAL A 101 -2.43 17.87 19.93
CA VAL A 101 -3.74 18.42 20.22
C VAL A 101 -3.96 19.62 19.29
N PHE A 102 -3.03 20.57 19.33
CA PHE A 102 -3.16 21.74 18.48
C PHE A 102 -2.60 21.42 17.10
N VAL A 103 -3.46 20.88 16.25
CA VAL A 103 -3.08 20.51 14.91
C VAL A 103 -3.95 21.11 13.81
N ASP A 104 -4.81 22.06 14.18
CA ASP A 104 -5.67 22.74 13.21
C ASP A 104 -5.26 24.21 13.17
N GLY A 105 -5.70 24.92 12.13
CA GLY A 105 -5.37 26.33 12.02
C GLY A 105 -5.67 27.09 13.30
N PRO A 106 -6.95 27.16 13.72
CA PRO A 106 -7.37 27.87 14.93
C PRO A 106 -6.46 27.56 16.12
N GLY A 107 -6.26 26.26 16.37
CA GLY A 107 -5.42 25.82 17.47
C GLY A 107 -3.98 26.27 17.39
N ALA A 108 -3.18 25.55 16.62
CA ALA A 108 -1.76 25.88 16.48
C ALA A 108 -1.50 27.37 16.38
N GLY A 109 -2.48 28.10 15.85
CA GLY A 109 -2.34 29.53 15.70
C GLY A 109 -2.40 30.29 17.02
N LYS A 110 -2.98 29.66 18.04
CA LYS A 110 -3.09 30.28 19.34
C LYS A 110 -1.70 30.74 19.77
N HIS A 111 -0.68 30.08 19.21
CA HIS A 111 0.70 30.43 19.54
C HIS A 111 1.08 31.76 18.95
N ILE A 112 0.53 32.06 17.78
CA ILE A 112 0.85 33.32 17.14
C ILE A 112 0.23 34.44 17.96
N GLN A 113 -1.02 34.23 18.38
CA GLN A 113 -1.75 35.19 19.20
C GLN A 113 -0.99 35.51 20.50
N ALA A 114 -0.28 34.51 21.02
CA ALA A 114 0.47 34.70 22.25
C ALA A 114 1.71 35.54 21.98
N GLY A 115 2.11 35.60 20.72
CA GLY A 115 3.28 36.39 20.36
C GLY A 115 4.35 35.64 19.60
N ALA A 116 3.97 34.50 19.03
CA ALA A 116 4.88 33.67 18.28
C ALA A 116 4.97 34.15 16.84
N LYS A 117 6.14 34.00 16.23
CA LYS A 117 6.31 34.42 14.86
C LYS A 117 5.86 33.29 13.93
N LYS A 118 6.46 32.10 14.08
CA LYS A 118 6.12 30.95 13.24
C LYS A 118 5.90 29.67 14.03
N VAL A 119 4.96 28.84 13.58
CA VAL A 119 4.61 27.58 14.24
C VAL A 119 4.75 26.31 13.38
N ILE A 120 5.53 25.32 13.86
CA ILE A 120 5.74 24.04 13.16
C ILE A 120 5.04 22.91 13.93
N ILE A 121 4.10 22.23 13.30
CA ILE A 121 3.42 21.12 13.97
C ILE A 121 4.19 19.82 13.74
N THR A 122 4.44 19.07 14.80
CA THR A 122 5.13 17.79 14.66
C THR A 122 4.10 16.67 14.46
N ALA A 123 3.28 16.82 13.41
CA ALA A 123 2.24 15.86 13.07
C ALA A 123 1.42 16.39 11.91
N PRO A 124 0.49 15.59 11.36
CA PRO A 124 -0.32 16.06 10.24
C PRO A 124 -1.36 17.07 10.69
N ALA A 125 -1.59 18.10 9.87
CA ALA A 125 -2.57 19.13 10.21
C ALA A 125 -3.98 18.59 10.00
N LYS A 126 -4.93 19.03 10.82
CA LYS A 126 -6.30 18.56 10.67
C LYS A 126 -7.06 19.50 9.75
N GLY A 127 -6.49 20.67 9.54
CA GLY A 127 -7.12 21.65 8.66
C GLY A 127 -6.91 21.29 7.20
N SER A 128 -6.65 22.29 6.38
CA SER A 128 -6.43 22.10 4.95
C SER A 128 -5.64 23.30 4.44
N ASP A 129 -5.65 24.36 5.24
CA ASP A 129 -4.97 25.60 4.91
C ASP A 129 -3.50 25.57 5.34
N ILE A 130 -3.10 24.50 6.00
CA ILE A 130 -1.72 24.36 6.46
C ILE A 130 -0.88 23.45 5.56
N PRO A 131 0.29 23.96 5.12
CA PRO A 131 1.24 23.27 4.25
C PRO A 131 1.93 22.09 4.93
N THR A 132 2.03 20.97 4.22
CA THR A 132 2.67 19.79 4.75
C THR A 132 3.98 19.61 3.99
N TYR A 133 5.11 19.70 4.69
CA TYR A 133 6.40 19.54 4.04
C TYR A 133 7.11 18.25 4.47
N VAL A 134 8.05 17.79 3.66
CA VAL A 134 8.77 16.56 3.98
C VAL A 134 10.20 16.66 3.45
N VAL A 135 11.08 17.24 4.25
CA VAL A 135 12.48 17.41 3.86
C VAL A 135 12.92 16.27 2.98
N GLY A 136 13.58 16.62 1.88
CA GLY A 136 14.07 15.64 0.91
C GLY A 136 13.18 15.61 -0.32
N VAL A 137 11.88 15.80 -0.09
CA VAL A 137 10.90 15.81 -1.14
C VAL A 137 10.62 17.23 -1.68
N ASN A 138 9.74 17.96 -0.99
CA ASN A 138 9.35 19.30 -1.39
C ASN A 138 9.64 20.37 -0.35
N GLU A 139 10.87 20.43 0.14
CA GLU A 139 11.15 21.43 1.16
C GLU A 139 11.27 22.80 0.53
N LYS A 140 11.74 22.86 -0.71
CA LYS A 140 11.89 24.14 -1.40
C LYS A 140 10.59 24.93 -1.40
N ASP A 141 9.49 24.21 -1.60
CA ASP A 141 8.17 24.82 -1.63
C ASP A 141 7.89 25.72 -0.44
N TYR A 142 8.82 25.79 0.51
CA TYR A 142 8.62 26.66 1.66
C TYR A 142 9.48 27.92 1.57
N GLY A 143 8.81 29.06 1.69
CA GLY A 143 9.47 30.34 1.64
C GLY A 143 8.74 31.31 2.57
N HIS A 144 9.50 32.13 3.29
CA HIS A 144 8.92 33.09 4.22
C HIS A 144 7.71 33.76 3.58
N ASP A 145 6.84 34.34 4.41
CA ASP A 145 5.63 35.02 3.94
C ASP A 145 4.55 34.02 3.53
N VAL A 146 4.97 32.80 3.18
CA VAL A 146 4.04 31.75 2.80
C VAL A 146 3.62 30.96 4.04
N ALA A 147 2.44 31.27 4.56
CA ALA A 147 1.92 30.60 5.76
C ALA A 147 2.91 30.58 6.92
N ASN A 148 2.43 30.93 8.11
CA ASN A 148 3.27 30.94 9.30
C ASN A 148 2.96 29.71 10.17
N ILE A 149 2.35 28.70 9.55
CA ILE A 149 2.01 27.45 10.22
C ILE A 149 2.21 26.28 9.24
N ILE A 150 3.19 25.42 9.54
CA ILE A 150 3.49 24.27 8.69
C ILE A 150 3.51 22.97 9.47
N SER A 151 3.36 21.86 8.77
CA SER A 151 3.34 20.52 9.37
C SER A 151 4.43 19.64 8.76
N ASN A 152 5.26 19.02 9.60
CA ASN A 152 6.32 18.16 9.10
C ASN A 152 5.79 16.77 8.82
N ALA A 153 4.50 16.69 8.51
CA ALA A 153 3.87 15.41 8.17
C ALA A 153 3.86 14.40 9.28
N SER A 154 3.88 13.13 8.88
CA SER A 154 3.87 12.00 9.81
C SER A 154 5.20 11.28 9.83
N CYS A 155 5.41 10.46 10.84
CA CYS A 155 6.64 9.69 10.96
C CYS A 155 6.70 8.73 9.80
N THR A 156 5.55 8.11 9.54
CA THR A 156 5.38 7.14 8.47
C THR A 156 5.47 7.84 7.12
N THR A 157 4.66 8.87 6.93
CA THR A 157 4.64 9.62 5.68
C THR A 157 6.03 10.20 5.37
N ASN A 158 6.79 10.56 6.40
CA ASN A 158 8.11 11.11 6.18
C ASN A 158 9.12 10.00 5.85
N CYS A 159 8.70 8.74 6.02
CA CYS A 159 9.57 7.61 5.69
C CYS A 159 9.19 7.10 4.31
N LEU A 160 7.91 7.23 3.99
CA LEU A 160 7.40 6.76 2.72
C LEU A 160 7.74 7.75 1.61
N ALA A 161 7.15 8.93 1.68
CA ALA A 161 7.35 9.97 0.68
C ALA A 161 8.68 9.87 -0.04
N PRO A 162 9.80 10.08 0.66
CA PRO A 162 11.14 10.02 0.07
C PRO A 162 11.37 8.94 -0.97
N PHE A 163 11.28 7.68 -0.56
CA PHE A 163 11.51 6.58 -1.48
C PHE A 163 10.30 6.33 -2.38
N VAL A 164 9.16 6.92 -2.05
CA VAL A 164 7.98 6.76 -2.89
C VAL A 164 8.24 7.61 -4.12
N LYS A 165 8.87 8.75 -3.89
CA LYS A 165 9.20 9.68 -4.94
C LYS A 165 10.07 8.92 -5.92
N VAL A 166 11.31 8.64 -5.52
CA VAL A 166 12.24 7.93 -6.38
C VAL A 166 11.56 6.82 -7.17
N LEU A 167 10.57 6.17 -6.58
CA LEU A 167 9.87 5.11 -7.30
C LEU A 167 9.12 5.66 -8.52
N ASP A 168 8.20 6.59 -8.28
CA ASP A 168 7.40 7.22 -9.34
C ASP A 168 8.24 8.06 -10.31
N GLU A 169 9.12 8.88 -9.76
CA GLU A 169 9.99 9.77 -10.51
C GLU A 169 11.01 9.06 -11.40
N GLU A 170 11.12 7.74 -11.27
CA GLU A 170 12.08 6.96 -12.07
C GLU A 170 11.58 5.55 -12.36
N LEU A 171 10.27 5.39 -12.49
CA LEU A 171 9.71 4.08 -12.77
C LEU A 171 8.21 4.21 -12.99
N GLY A 172 7.64 5.31 -12.48
CA GLY A 172 6.22 5.58 -12.63
C GLY A 172 5.29 4.72 -11.81
N ILE A 173 4.76 5.28 -10.73
CA ILE A 173 3.86 4.53 -9.86
C ILE A 173 2.41 4.54 -10.32
N VAL A 174 1.93 3.39 -10.77
CA VAL A 174 0.54 3.28 -11.20
C VAL A 174 -0.33 3.54 -10.00
N LYS A 175 -0.14 2.70 -8.99
CA LYS A 175 -0.90 2.78 -7.76
C LYS A 175 -0.57 1.53 -6.95
N GLY A 176 -0.77 1.61 -5.64
CA GLY A 176 -0.48 0.47 -4.80
C GLY A 176 -0.92 0.61 -3.37
N THR A 177 -0.89 -0.48 -2.64
CA THR A 177 -1.26 -0.48 -1.25
C THR A 177 0.00 -0.53 -0.41
N MET A 178 -0.16 -0.49 0.91
CA MET A 178 0.98 -0.53 1.82
C MET A 178 0.53 -0.83 3.25
N THR A 179 1.47 -1.37 4.03
CA THR A 179 1.23 -1.71 5.43
C THR A 179 2.43 -1.21 6.21
N THR A 180 2.28 -1.06 7.51
CA THR A 180 3.40 -0.62 8.32
C THR A 180 3.38 -1.24 9.70
N THR A 181 4.33 -2.15 9.92
CA THR A 181 4.49 -2.81 11.20
C THR A 181 5.14 -1.71 12.02
N HIS A 182 4.33 -1.12 12.89
CA HIS A 182 4.73 0.02 13.72
C HIS A 182 4.85 -0.20 15.21
N SER A 183 5.94 0.32 15.76
CA SER A 183 6.23 0.25 17.18
C SER A 183 5.08 0.94 17.89
N TYR A 184 4.60 0.38 18.99
CA TYR A 184 3.49 1.01 19.68
C TYR A 184 3.83 2.45 20.10
N THR A 185 2.79 3.24 20.38
CA THR A 185 2.96 4.63 20.79
C THR A 185 2.04 5.13 21.89
N GLY A 186 2.48 6.22 22.52
CA GLY A 186 1.74 6.82 23.61
C GLY A 186 0.22 6.84 23.53
N ASP A 187 -0.33 6.96 22.33
CA ASP A 187 -1.76 7.03 22.17
C ASP A 187 -2.45 5.70 22.44
N GLN A 188 -1.65 4.66 22.67
CA GLN A 188 -2.21 3.35 22.96
C GLN A 188 -2.34 3.10 24.44
N ARG A 189 -3.28 2.23 24.80
CA ARG A 189 -3.49 1.89 26.20
C ARG A 189 -2.42 0.92 26.66
N LEU A 190 -2.08 0.97 27.94
CA LEU A 190 -1.05 0.06 28.44
C LEU A 190 -1.73 -1.26 28.69
N LEU A 191 -2.93 -1.18 29.23
CA LEU A 191 -3.71 -2.37 29.48
C LEU A 191 -5.09 -2.03 28.99
N ASP A 192 -5.82 -3.06 28.57
CA ASP A 192 -7.18 -2.88 28.02
C ASP A 192 -8.03 -1.92 28.85
N ALA A 193 -8.21 -0.70 28.31
CA ALA A 193 -9.00 0.35 28.96
C ALA A 193 -9.72 1.20 27.92
N SER A 194 -10.71 1.98 28.36
CA SER A 194 -11.48 2.82 27.46
C SER A 194 -10.62 3.71 26.56
N HIS A 195 -10.98 3.74 25.28
CA HIS A 195 -10.28 4.54 24.29
C HIS A 195 -11.14 4.62 23.01
N ARG A 196 -11.29 5.83 22.47
CA ARG A 196 -12.13 6.05 21.28
C ARG A 196 -11.94 5.08 20.10
N ASP A 197 -10.85 4.31 20.10
CA ASP A 197 -10.55 3.35 19.03
C ASP A 197 -10.33 2.01 19.71
N LEU A 198 -11.36 1.17 19.73
CA LEU A 198 -11.28 -0.14 20.39
C LEU A 198 -10.09 -1.07 20.03
N ARG A 199 -9.15 -0.54 19.26
CA ARG A 199 -7.98 -1.29 18.87
C ARG A 199 -6.84 -0.76 19.74
N ARG A 200 -6.75 0.55 19.79
CA ARG A 200 -5.74 1.22 20.58
C ARG A 200 -6.03 1.02 22.05
N ALA A 201 -7.26 0.65 22.35
CA ALA A 201 -7.64 0.44 23.73
C ALA A 201 -7.13 -0.90 24.25
N ARG A 202 -6.45 -1.64 23.40
CA ARG A 202 -5.95 -2.94 23.82
C ARG A 202 -4.47 -2.88 24.16
N ALA A 203 -4.09 -3.66 25.17
CA ALA A 203 -2.72 -3.70 25.67
C ALA A 203 -1.68 -3.49 24.58
N ALA A 204 -1.21 -2.27 24.45
CA ALA A 204 -0.23 -1.94 23.43
C ALA A 204 0.92 -2.94 23.36
N ALA A 205 1.28 -3.47 24.54
CA ALA A 205 2.40 -4.39 24.68
C ALA A 205 2.18 -5.86 24.40
N LEU A 206 0.95 -6.31 24.26
CA LEU A 206 0.76 -7.73 24.02
C LEU A 206 -0.14 -8.08 22.83
N ASN A 207 -0.25 -7.17 21.86
CA ASN A 207 -1.12 -7.42 20.72
C ASN A 207 -0.54 -6.84 19.45
N ILE A 208 -0.93 -7.43 18.32
CA ILE A 208 -0.54 -6.90 17.03
C ILE A 208 -1.82 -6.11 16.91
N VAL A 209 -1.71 -4.78 16.78
CA VAL A 209 -2.91 -3.96 16.72
C VAL A 209 -3.11 -3.15 15.45
N PRO A 210 -4.13 -3.54 14.65
CA PRO A 210 -4.50 -2.88 13.40
C PRO A 210 -5.19 -1.54 13.66
N THR A 211 -4.70 -0.48 13.03
CA THR A 211 -5.31 0.81 13.22
C THR A 211 -5.12 1.64 11.98
N SER A 212 -6.20 2.28 11.55
CA SER A 212 -6.16 3.12 10.37
C SER A 212 -4.96 4.07 10.41
N THR A 213 -4.66 4.63 9.25
CA THR A 213 -3.57 5.59 9.11
C THR A 213 -3.70 6.36 7.80
N GLY A 214 -3.64 7.68 7.90
CA GLY A 214 -3.75 8.50 6.72
C GLY A 214 -2.39 8.65 6.07
N ALA A 215 -1.34 8.40 6.86
CA ALA A 215 0.03 8.52 6.39
C ALA A 215 0.18 8.12 4.92
N ALA A 216 -0.69 7.21 4.48
CA ALA A 216 -0.68 6.74 3.11
C ALA A 216 -1.18 7.82 2.16
N LYS A 217 -2.42 8.25 2.37
CA LYS A 217 -3.02 9.28 1.53
C LYS A 217 -2.16 10.55 1.54
N ALA A 218 -1.87 11.06 2.73
CA ALA A 218 -1.06 12.27 2.89
C ALA A 218 0.20 12.33 2.04
N VAL A 219 0.65 11.20 1.51
CA VAL A 219 1.83 11.24 0.66
C VAL A 219 1.60 12.29 -0.41
N SER A 220 0.40 12.29 -0.96
CA SER A 220 0.01 13.23 -2.01
C SER A 220 0.32 14.68 -1.61
N LEU A 221 -0.07 15.07 -0.40
CA LEU A 221 0.16 16.41 0.09
C LEU A 221 1.54 16.94 -0.32
N VAL A 222 2.49 16.05 -0.52
CA VAL A 222 3.84 16.45 -0.92
C VAL A 222 4.14 15.97 -2.34
N LEU A 223 3.46 14.89 -2.73
CA LEU A 223 3.62 14.32 -4.05
C LEU A 223 2.26 14.27 -4.69
N PRO A 224 1.79 15.41 -5.21
CA PRO A 224 0.48 15.52 -5.86
C PRO A 224 0.20 14.42 -6.87
N GLN A 225 1.16 14.20 -7.76
CA GLN A 225 1.00 13.18 -8.79
C GLN A 225 0.37 11.87 -8.32
N LEU A 226 0.59 11.52 -7.06
CA LEU A 226 0.05 10.26 -6.54
C LEU A 226 -1.33 10.41 -5.93
N LYS A 227 -1.76 11.65 -5.72
CA LYS A 227 -3.06 11.91 -5.09
C LYS A 227 -4.11 10.83 -5.33
N GLY A 228 -4.51 10.16 -4.25
CA GLY A 228 -5.52 9.12 -4.31
C GLY A 228 -5.13 7.80 -4.96
N LYS A 229 -3.84 7.47 -4.93
CA LYS A 229 -3.36 6.22 -5.53
C LYS A 229 -2.76 5.25 -4.50
N LEU A 230 -2.22 5.79 -3.40
CA LEU A 230 -1.64 4.98 -2.35
C LEU A 230 -2.72 4.79 -1.31
N ASN A 231 -2.38 4.08 -0.24
CA ASN A 231 -3.33 3.80 0.86
C ASN A 231 -2.89 2.57 1.65
N GLY A 232 -3.43 2.40 2.86
CA GLY A 232 -3.05 1.26 3.67
C GLY A 232 -3.43 1.31 5.15
N ILE A 233 -3.02 0.27 5.86
CA ILE A 233 -3.31 0.16 7.27
C ILE A 233 -2.00 0.27 8.03
N ALA A 234 -2.03 -0.12 9.30
CA ALA A 234 -0.86 -0.09 10.18
C ALA A 234 -1.05 -1.15 11.27
N LEU A 235 0.05 -1.76 11.68
CA LEU A 235 -0.02 -2.77 12.71
C LEU A 235 0.91 -2.49 13.88
N ARG A 236 0.32 -2.32 15.05
CA ARG A 236 1.09 -2.05 16.24
C ARG A 236 1.59 -3.34 16.87
N VAL A 237 2.91 -3.44 17.03
CA VAL A 237 3.51 -4.63 17.61
C VAL A 237 4.44 -4.25 18.76
N PRO A 238 4.43 -5.05 19.83
CA PRO A 238 5.23 -4.86 21.04
C PRO A 238 6.70 -4.51 20.84
N THR A 239 6.95 -3.32 20.33
CA THR A 239 8.32 -2.85 20.10
C THR A 239 8.32 -1.33 20.28
N PRO A 240 8.81 -0.85 21.44
CA PRO A 240 8.88 0.56 21.80
C PRO A 240 9.41 1.57 20.78
N ASN A 241 10.07 1.11 19.74
CA ASN A 241 10.56 2.08 18.78
C ASN A 241 11.19 1.45 17.55
N VAL A 242 11.19 2.20 16.45
CA VAL A 242 11.75 1.75 15.18
C VAL A 242 10.70 0.91 14.45
N SER A 243 10.27 1.36 13.27
CA SER A 243 9.27 0.63 12.50
C SER A 243 9.60 0.36 11.04
N VAL A 244 8.76 -0.41 10.38
CA VAL A 244 9.00 -0.76 9.00
C VAL A 244 7.76 -0.64 8.12
N VAL A 245 7.95 -0.18 6.88
CA VAL A 245 6.85 -0.04 5.94
C VAL A 245 6.95 -1.10 4.86
N ASP A 246 5.79 -1.59 4.45
CA ASP A 246 5.68 -2.63 3.42
C ASP A 246 4.87 -2.14 2.21
N LEU A 247 5.53 -1.41 1.31
CA LEU A 247 4.90 -0.84 0.12
C LEU A 247 4.79 -1.83 -1.05
N VAL A 248 3.60 -1.89 -1.65
CA VAL A 248 3.34 -2.79 -2.76
C VAL A 248 2.65 -2.09 -3.93
N VAL A 249 3.40 -1.31 -4.71
CA VAL A 249 2.81 -0.60 -5.83
C VAL A 249 3.17 -1.25 -7.16
N ASN A 250 2.18 -1.63 -7.98
CA ASN A 250 2.55 -2.21 -9.27
C ASN A 250 2.88 -1.07 -10.21
N ILE A 251 4.16 -1.02 -10.57
CA ILE A 251 4.74 0.00 -11.43
C ILE A 251 4.06 0.13 -12.78
N GLU A 252 4.42 1.20 -13.47
CA GLU A 252 3.92 1.54 -14.78
C GLU A 252 4.95 1.12 -15.80
N LYS A 253 6.21 1.38 -15.49
CA LYS A 253 7.30 1.05 -16.37
C LYS A 253 7.36 -0.44 -16.71
N VAL A 254 8.20 -0.73 -17.71
CA VAL A 254 8.46 -2.05 -18.28
C VAL A 254 8.07 -3.27 -17.45
N GLY A 255 9.03 -3.71 -16.65
CA GLY A 255 8.89 -4.87 -15.80
C GLY A 255 10.31 -5.12 -15.35
N VAL A 256 10.92 -4.07 -14.81
CA VAL A 256 12.30 -4.11 -14.32
C VAL A 256 12.51 -5.22 -13.30
N THR A 257 13.78 -5.51 -12.99
CA THR A 257 14.09 -6.56 -12.01
C THR A 257 14.24 -5.97 -10.62
N ALA A 258 14.46 -6.85 -9.66
CA ALA A 258 14.64 -6.46 -8.29
C ALA A 258 15.84 -5.52 -8.13
N GLU A 259 17.02 -6.11 -7.93
CA GLU A 259 18.26 -5.36 -7.71
C GLU A 259 18.47 -4.06 -8.50
N ASP A 260 17.69 -3.82 -9.55
CA ASP A 260 17.88 -2.55 -10.27
C ASP A 260 16.99 -1.50 -9.59
N VAL A 261 15.79 -1.92 -9.17
CA VAL A 261 14.90 -1.01 -8.46
C VAL A 261 15.78 -0.41 -7.38
N ASN A 262 16.43 -1.29 -6.63
CA ASN A 262 17.34 -0.91 -5.56
C ASN A 262 18.30 0.16 -6.05
N ASN A 263 19.11 -0.18 -7.05
CA ASN A 263 20.08 0.76 -7.60
C ASN A 263 19.56 2.18 -7.74
N ALA A 264 18.27 2.33 -8.06
CA ALA A 264 17.67 3.66 -8.19
C ALA A 264 17.83 4.36 -6.84
N PHE A 265 17.42 3.66 -5.79
CA PHE A 265 17.52 4.18 -4.43
C PHE A 265 18.98 4.51 -4.23
N ARG A 266 19.79 3.46 -4.23
CA ARG A 266 21.24 3.59 -4.05
C ARG A 266 21.77 4.83 -4.77
N LYS A 267 21.25 5.09 -5.98
CA LYS A 267 21.69 6.22 -6.78
C LYS A 267 21.17 7.51 -6.18
N ALA A 268 19.86 7.57 -6.03
CA ALA A 268 19.20 8.72 -5.47
C ALA A 268 19.54 8.87 -3.98
N ALA A 269 20.14 7.83 -3.41
CA ALA A 269 20.50 7.84 -2.00
C ALA A 269 21.78 8.61 -1.70
N ALA A 270 22.83 8.36 -2.46
CA ALA A 270 24.09 9.05 -2.25
C ALA A 270 24.10 10.33 -3.08
N GLY A 271 22.97 10.62 -3.71
CA GLY A 271 22.87 11.81 -4.54
C GLY A 271 22.00 12.93 -3.98
N PRO A 272 20.75 13.04 -4.43
CA PRO A 272 19.80 14.07 -3.98
C PRO A 272 19.24 13.82 -2.58
N LEU A 273 19.18 12.56 -2.18
CA LEU A 273 18.66 12.21 -0.88
C LEU A 273 19.73 11.80 0.13
N LYS A 274 20.93 12.33 -0.05
CA LYS A 274 22.06 12.04 0.84
C LYS A 274 21.76 12.66 2.20
N GLY A 275 21.20 11.85 3.08
CA GLY A 275 20.86 12.32 4.41
C GLY A 275 19.43 11.93 4.71
N VAL A 276 18.68 11.59 3.67
CA VAL A 276 17.30 11.20 3.85
C VAL A 276 17.12 9.73 3.54
N LEU A 277 17.48 9.32 2.34
CA LEU A 277 17.34 7.91 1.98
C LEU A 277 18.67 7.20 2.15
N ASP A 278 18.62 5.88 2.10
CA ASP A 278 19.79 5.05 2.24
C ASP A 278 19.40 3.59 2.08
N VAL A 279 20.34 2.77 1.63
CA VAL A 279 20.05 1.36 1.48
C VAL A 279 21.08 0.53 2.21
N CYS A 280 20.56 -0.32 3.10
CA CYS A 280 21.39 -1.21 3.91
C CYS A 280 21.24 -2.63 3.41
N ASP A 281 22.34 -3.14 2.87
CA ASP A 281 22.39 -4.48 2.31
C ASP A 281 22.59 -5.59 3.35
N ILE A 282 23.19 -5.22 4.48
CA ILE A 282 23.45 -6.14 5.56
C ILE A 282 22.19 -6.45 6.35
N PRO A 283 21.79 -7.73 6.40
CA PRO A 283 20.60 -8.21 7.11
C PRO A 283 20.66 -7.96 8.62
N LEU A 284 19.89 -6.97 9.07
CA LEU A 284 19.83 -6.58 10.49
C LEU A 284 18.39 -6.71 10.95
N VAL A 285 18.09 -6.14 12.10
CA VAL A 285 16.73 -6.17 12.62
C VAL A 285 16.44 -4.82 13.25
N SER A 286 15.15 -4.53 13.45
CA SER A 286 14.72 -3.26 14.03
C SER A 286 15.72 -2.59 14.96
N VAL A 287 16.01 -3.22 16.09
CA VAL A 287 16.94 -2.66 17.05
C VAL A 287 18.23 -2.06 16.50
N ASP A 288 18.59 -2.43 15.28
CA ASP A 288 19.82 -1.92 14.68
C ASP A 288 19.63 -0.55 14.03
N PHE A 289 18.40 -0.06 14.04
CA PHE A 289 18.13 1.24 13.42
C PHE A 289 17.87 2.34 14.45
N ARG A 290 17.99 2.01 15.73
CA ARG A 290 17.77 3.00 16.77
C ARG A 290 18.70 4.16 16.39
N CYS A 291 18.31 5.37 16.75
CA CYS A 291 19.10 6.55 16.45
C CYS A 291 19.63 6.62 15.01
N SER A 292 18.74 6.41 14.04
CA SER A 292 19.10 6.48 12.62
C SER A 292 18.70 7.81 12.01
N ASP A 293 19.69 8.58 11.60
CA ASP A 293 19.46 9.89 11.00
C ASP A 293 18.74 9.87 9.65
N PHE A 294 18.61 8.70 9.03
CA PHE A 294 17.95 8.62 7.73
C PHE A 294 16.45 8.53 7.89
N SER A 295 15.72 9.36 7.13
CA SER A 295 14.27 9.38 7.18
C SER A 295 13.69 8.08 6.67
N SER A 296 14.52 7.29 6.01
CA SER A 296 14.08 6.01 5.45
C SER A 296 15.28 5.16 4.99
N THR A 297 15.21 3.86 5.29
CA THR A 297 16.26 2.91 4.92
C THR A 297 15.63 1.67 4.32
N ILE A 298 16.04 1.30 3.10
CA ILE A 298 15.45 0.12 2.46
C ILE A 298 16.27 -1.12 2.71
N ASP A 299 15.59 -2.21 3.01
CA ASP A 299 16.27 -3.48 3.25
C ASP A 299 16.47 -4.12 1.89
N SER A 300 17.65 -3.91 1.33
CA SER A 300 18.02 -4.42 0.01
C SER A 300 17.47 -5.79 -0.22
N SER A 301 18.01 -6.75 0.52
CA SER A 301 17.61 -8.14 0.41
C SER A 301 16.12 -8.43 0.52
N LEU A 302 15.33 -7.44 0.90
CA LEU A 302 13.90 -7.67 1.04
C LEU A 302 13.10 -7.24 -0.19
N THR A 303 13.62 -6.27 -0.93
CA THR A 303 12.93 -5.80 -2.13
C THR A 303 12.71 -6.96 -3.06
N MET A 304 11.62 -6.91 -3.83
CA MET A 304 11.33 -7.98 -4.79
C MET A 304 10.15 -7.67 -5.71
N VAL A 305 10.44 -7.68 -7.02
CA VAL A 305 9.41 -7.45 -8.03
C VAL A 305 8.76 -8.79 -8.33
N MET A 306 7.44 -8.79 -8.46
CA MET A 306 6.74 -10.05 -8.71
C MET A 306 6.40 -10.29 -10.19
N GLY A 307 5.31 -9.69 -10.67
CA GLY A 307 4.91 -9.89 -12.05
C GLY A 307 5.40 -8.84 -13.03
N GLY A 308 6.67 -8.48 -12.95
CA GLY A 308 7.20 -7.47 -13.86
C GLY A 308 6.67 -6.08 -13.53
N ASP A 309 5.36 -5.96 -13.29
CA ASP A 309 4.78 -4.68 -12.96
C ASP A 309 4.70 -4.42 -11.45
N MET A 310 4.44 -5.45 -10.65
CA MET A 310 4.32 -5.28 -9.19
C MET A 310 5.65 -5.27 -8.42
N VAL A 311 5.99 -4.12 -7.85
CA VAL A 311 7.21 -3.94 -7.06
C VAL A 311 6.83 -3.93 -5.57
N LYS A 312 7.72 -4.47 -4.74
CA LYS A 312 7.50 -4.52 -3.29
C LYS A 312 8.77 -4.07 -2.59
N VAL A 313 8.61 -3.08 -1.71
CA VAL A 313 9.73 -2.54 -0.96
C VAL A 313 9.44 -2.57 0.53
N VAL A 314 10.51 -2.54 1.32
CA VAL A 314 10.44 -2.54 2.78
C VAL A 314 11.46 -1.53 3.28
N ALA A 315 11.02 -0.60 4.10
CA ALA A 315 11.91 0.42 4.62
C ALA A 315 11.95 0.47 6.12
N TRP A 316 13.10 0.88 6.64
CA TRP A 316 13.34 1.00 8.08
C TRP A 316 13.45 2.46 8.50
N TYR A 317 12.75 2.83 9.56
CA TYR A 317 12.79 4.20 10.04
C TYR A 317 12.54 4.28 11.54
N ASP A 318 13.38 5.06 12.23
CA ASP A 318 13.20 5.25 13.66
C ASP A 318 12.14 6.32 13.77
N ASN A 319 10.95 5.95 14.26
CA ASN A 319 9.87 6.91 14.36
C ASN A 319 10.10 8.07 15.31
N GLU A 320 10.86 7.85 16.37
CA GLU A 320 11.11 8.94 17.31
C GLU A 320 12.25 9.81 16.80
N TRP A 321 13.45 9.27 16.82
CA TRP A 321 14.63 9.98 16.39
C TRP A 321 14.54 10.54 14.97
N GLY A 322 14.42 9.67 13.98
CA GLY A 322 14.35 10.11 12.59
C GLY A 322 13.49 11.35 12.38
N TYR A 323 12.20 11.22 12.66
CA TYR A 323 11.24 12.30 12.51
C TYR A 323 11.76 13.55 13.22
N SER A 324 12.11 13.40 14.49
CA SER A 324 12.63 14.52 15.25
C SER A 324 13.81 15.16 14.55
N GLN A 325 14.61 14.35 13.88
CA GLN A 325 15.75 14.91 13.20
C GLN A 325 15.29 15.75 12.02
N ARG A 326 14.26 15.29 11.32
CA ARG A 326 13.77 16.06 10.18
C ARG A 326 13.14 17.33 10.71
N VAL A 327 12.35 17.20 11.77
CA VAL A 327 11.71 18.33 12.39
C VAL A 327 12.73 19.40 12.76
N VAL A 328 13.99 19.02 12.95
CA VAL A 328 15.03 20.01 13.26
C VAL A 328 15.61 20.57 11.96
N ASP A 329 15.43 19.82 10.88
CA ASP A 329 15.91 20.24 9.58
C ASP A 329 14.86 21.23 9.06
N LEU A 330 13.59 20.88 9.23
CA LEU A 330 12.50 21.75 8.78
C LEU A 330 12.44 23.05 9.57
N ALA A 331 13.01 23.03 10.75
CA ALA A 331 13.02 24.22 11.58
C ALA A 331 14.32 24.91 11.24
N ASP A 332 15.23 24.14 10.68
CA ASP A 332 16.53 24.66 10.28
C ASP A 332 16.31 25.45 9.00
N LEU A 333 15.34 24.99 8.23
CA LEU A 333 15.00 25.64 6.96
C LEU A 333 14.48 27.03 7.27
N VAL A 334 13.33 27.06 7.94
CA VAL A 334 12.66 28.31 8.34
C VAL A 334 13.67 29.40 8.62
N ALA A 335 14.71 29.06 9.38
CA ALA A 335 15.74 30.01 9.75
C ALA A 335 16.67 30.40 8.61
N ASN A 336 16.95 29.48 7.70
CA ASN A 336 17.83 29.78 6.58
C ASN A 336 17.12 30.60 5.51
N LYS A 337 15.80 30.65 5.60
CA LYS A 337 14.98 31.41 4.67
C LYS A 337 14.25 32.51 5.43
N TRP A 338 14.95 33.13 6.38
CA TRP A 338 14.36 34.18 7.21
C TRP A 338 15.05 35.53 6.95
N PRO A 339 14.26 36.61 6.82
CA PRO A 339 14.78 37.96 6.58
C PRO A 339 16.02 38.37 7.36
N PHE A 354 -15.49 11.75 20.91
CA PHE A 354 -16.72 12.48 20.61
C PHE A 354 -16.55 14.00 20.52
N CYS A 355 -16.30 14.65 21.66
CA CYS A 355 -16.13 16.12 21.74
C CYS A 355 -17.38 16.86 21.23
N CYS A 364 -12.94 20.28 24.81
CA CYS A 364 -12.72 19.10 23.98
C CYS A 364 -11.44 18.38 24.41
N LYS A 365 -11.47 17.06 24.32
CA LYS A 365 -10.34 16.23 24.72
C LYS A 365 -10.08 15.00 23.81
N LEU A 366 -10.83 13.92 24.03
CA LEU A 366 -10.74 12.63 23.29
C LEU A 366 -9.50 11.76 23.61
N TYR A 367 -9.63 10.90 24.64
CA TYR A 367 -8.57 10.03 25.15
C TYR A 367 -7.36 10.78 25.75
N GLU A 368 -7.65 11.95 26.34
CA GLU A 368 -6.69 12.86 27.00
C GLU A 368 -5.99 13.90 26.11
N LYS B 1 50.43 -7.35 26.26
CA LYS B 1 51.46 -8.45 26.33
C LYS B 1 50.88 -9.89 26.42
N LEU B 2 50.18 -10.17 27.51
CA LEU B 2 49.54 -11.47 27.79
C LEU B 2 48.53 -11.95 26.72
N LYS B 3 48.91 -12.98 25.97
CA LYS B 3 48.05 -13.54 24.92
C LYS B 3 46.79 -14.20 25.49
N VAL B 4 45.63 -13.78 25.00
CA VAL B 4 44.35 -14.33 25.48
C VAL B 4 43.51 -15.01 24.40
N ALA B 5 42.69 -15.96 24.84
CA ALA B 5 41.83 -16.70 23.93
C ALA B 5 40.43 -16.75 24.49
N ILE B 6 39.46 -16.30 23.70
CA ILE B 6 38.09 -16.29 24.15
C ILE B 6 37.38 -17.54 23.66
N ASN B 7 36.99 -18.39 24.59
CA ASN B 7 36.28 -19.60 24.22
C ASN B 7 34.83 -19.50 24.67
N GLY B 8 33.94 -19.41 23.70
CA GLY B 8 32.53 -19.27 24.02
C GLY B 8 32.17 -17.82 23.73
N PHE B 9 32.21 -17.46 22.45
CA PHE B 9 31.89 -16.10 22.04
C PHE B 9 30.42 -15.80 22.15
N GLY B 10 29.87 -16.02 23.33
CA GLY B 10 28.46 -15.76 23.55
C GLY B 10 28.27 -14.35 24.08
N ARG B 11 27.27 -14.16 24.93
CA ARG B 11 27.01 -12.85 25.50
C ARG B 11 28.18 -12.33 26.34
N ILE B 12 28.72 -13.15 27.23
CA ILE B 12 29.82 -12.69 28.04
C ILE B 12 31.09 -12.70 27.21
N GLY B 13 31.13 -13.56 26.20
CA GLY B 13 32.29 -13.62 25.35
C GLY B 13 32.46 -12.29 24.64
N ARG B 14 31.38 -11.83 24.02
CA ARG B 14 31.41 -10.58 23.27
C ARG B 14 31.40 -9.37 24.18
N ASN B 15 30.51 -9.36 25.17
CA ASN B 15 30.42 -8.26 26.11
C ASN B 15 31.81 -8.00 26.68
N PHE B 16 32.61 -9.06 26.71
CA PHE B 16 33.97 -8.99 27.21
C PHE B 16 34.89 -8.34 26.19
N LEU B 17 34.95 -8.94 24.99
CA LEU B 17 35.80 -8.45 23.93
C LEU B 17 35.66 -6.96 23.82
N ARG B 18 34.41 -6.51 23.79
CA ARG B 18 34.13 -5.09 23.67
C ARG B 18 34.54 -4.36 24.92
N CYS B 19 34.22 -4.92 26.07
CA CYS B 19 34.59 -4.30 27.33
C CYS B 19 36.07 -3.99 27.28
N TRP B 20 36.80 -4.91 26.66
CA TRP B 20 38.25 -4.82 26.52
C TRP B 20 38.66 -3.68 25.59
N HIS B 21 38.14 -3.72 24.37
CA HIS B 21 38.47 -2.70 23.39
C HIS B 21 38.45 -1.29 23.97
N GLY B 22 37.62 -1.10 25.00
CA GLY B 22 37.49 0.21 25.61
C GLY B 22 38.53 0.59 26.63
N ARG B 23 39.29 -0.40 27.08
CA ARG B 23 40.33 -0.17 28.08
C ARG B 23 41.58 0.42 27.45
N LYS B 24 42.30 1.24 28.22
CA LYS B 24 43.52 1.87 27.73
C LYS B 24 44.76 1.15 28.24
N ASP B 25 45.63 0.76 27.30
CA ASP B 25 46.86 0.05 27.62
C ASP B 25 46.50 -1.20 28.42
N SER B 26 45.92 -2.17 27.73
CA SER B 26 45.48 -3.41 28.36
C SER B 26 46.47 -4.54 28.31
N PRO B 27 46.94 -4.99 29.47
CA PRO B 27 47.91 -6.09 29.56
C PRO B 27 47.38 -7.30 28.81
N LEU B 28 46.09 -7.29 28.49
CA LEU B 28 45.47 -8.38 27.77
C LEU B 28 45.60 -8.18 26.26
N ASP B 29 45.54 -9.27 25.52
CA ASP B 29 45.58 -9.23 24.07
C ASP B 29 44.87 -10.42 23.48
N VAL B 30 43.69 -10.19 22.92
CA VAL B 30 42.91 -11.27 22.33
C VAL B 30 43.50 -11.59 20.97
N VAL B 31 43.64 -12.89 20.70
CA VAL B 31 44.23 -13.36 19.44
C VAL B 31 43.41 -14.44 18.74
N VAL B 32 42.65 -15.20 19.51
CA VAL B 32 41.86 -16.25 18.93
C VAL B 32 40.50 -16.31 19.60
N ILE B 33 39.50 -16.69 18.83
CA ILE B 33 38.13 -16.81 19.32
C ILE B 33 37.58 -18.15 18.90
N ASN B 34 37.04 -18.90 19.84
CA ASN B 34 36.48 -20.18 19.51
C ASN B 34 35.01 -20.23 19.90
N ASP B 35 34.17 -20.47 18.90
CA ASP B 35 32.73 -20.58 19.11
C ASP B 35 32.17 -21.44 18.00
N THR B 36 31.13 -22.18 18.32
CA THR B 36 30.48 -23.07 17.38
C THR B 36 30.13 -22.35 16.07
N GLY B 37 30.12 -21.02 16.11
CA GLY B 37 29.79 -20.23 14.93
C GLY B 37 30.91 -19.81 14.00
N GLY B 38 30.58 -19.73 12.72
CA GLY B 38 31.55 -19.35 11.70
C GLY B 38 31.97 -17.89 11.76
N VAL B 39 32.97 -17.54 10.96
CA VAL B 39 33.47 -16.18 10.94
C VAL B 39 32.35 -15.18 10.73
N LYS B 40 31.35 -15.57 9.96
CA LYS B 40 30.22 -14.69 9.70
C LYS B 40 29.63 -14.35 11.06
N GLN B 41 29.11 -15.38 11.71
CA GLN B 41 28.49 -15.28 13.03
C GLN B 41 29.27 -14.43 14.02
N ALA B 42 30.57 -14.62 14.08
CA ALA B 42 31.41 -13.86 15.00
C ALA B 42 31.44 -12.39 14.67
N SER B 43 31.56 -12.09 13.39
CA SER B 43 31.58 -10.72 12.93
C SER B 43 30.27 -10.01 13.28
N HIS B 44 29.22 -10.35 12.54
CA HIS B 44 27.89 -9.79 12.72
C HIS B 44 27.59 -9.45 14.17
N LEU B 45 27.43 -10.47 15.01
CA LEU B 45 27.10 -10.28 16.41
C LEU B 45 28.08 -9.50 17.28
N LEU B 46 29.30 -9.30 16.80
CA LEU B 46 30.23 -8.51 17.57
C LEU B 46 29.92 -7.06 17.21
N LYS B 47 29.45 -6.85 15.98
CA LYS B 47 29.11 -5.53 15.46
C LYS B 47 27.71 -5.07 15.81
N TYR B 48 26.72 -5.94 15.61
CA TYR B 48 25.33 -5.60 15.88
C TYR B 48 24.81 -6.32 17.10
N ASP B 49 24.68 -5.59 18.20
CA ASP B 49 24.19 -6.15 19.46
C ASP B 49 22.83 -5.57 19.81
N SER B 50 21.90 -6.42 20.20
CA SER B 50 20.57 -5.96 20.54
C SER B 50 20.48 -5.35 21.91
N ILE B 51 21.56 -5.42 22.68
CA ILE B 51 21.55 -4.86 24.02
C ILE B 51 22.58 -3.78 24.21
N LEU B 52 23.74 -3.93 23.58
CA LEU B 52 24.77 -2.92 23.70
C LEU B 52 24.70 -1.99 22.51
N GLY B 53 23.90 -2.38 21.52
CA GLY B 53 23.75 -1.59 20.31
C GLY B 53 24.96 -1.74 19.41
N THR B 54 24.83 -1.29 18.17
CA THR B 54 25.94 -1.40 17.24
C THR B 54 27.26 -0.97 17.84
N PHE B 55 28.31 -1.77 17.62
CA PHE B 55 29.65 -1.53 18.15
C PHE B 55 30.37 -0.43 17.38
N ASP B 56 30.89 0.56 18.10
CA ASP B 56 31.57 1.65 17.45
C ASP B 56 33.00 1.27 17.11
N ALA B 57 33.18 0.72 15.92
CA ALA B 57 34.48 0.30 15.42
C ALA B 57 34.23 -0.39 14.09
N ASP B 58 35.28 -0.51 13.29
CA ASP B 58 35.14 -1.15 12.00
C ASP B 58 35.35 -2.65 12.15
N VAL B 59 34.29 -3.43 11.94
CA VAL B 59 34.38 -4.87 12.08
C VAL B 59 34.08 -5.61 10.81
N LYS B 60 35.13 -6.10 10.16
CA LYS B 60 34.96 -6.84 8.91
C LYS B 60 35.38 -8.30 9.06
N THR B 61 34.93 -9.11 8.12
CA THR B 61 35.21 -10.54 8.11
C THR B 61 36.49 -10.85 7.35
N ALA B 62 37.62 -10.37 7.86
CA ALA B 62 38.91 -10.60 7.21
C ALA B 62 39.45 -12.02 7.38
N GLY B 63 39.40 -12.81 6.31
CA GLY B 63 39.91 -14.17 6.37
C GLY B 63 38.84 -15.22 6.31
N ASP B 64 39.25 -16.48 6.29
CA ASP B 64 38.34 -17.63 6.25
C ASP B 64 38.26 -18.14 7.67
N SER B 65 39.27 -17.78 8.46
CA SER B 65 39.37 -18.18 9.85
C SER B 65 39.81 -16.99 10.71
N ALA B 66 39.25 -15.83 10.45
CA ALA B 66 39.58 -14.64 11.22
C ALA B 66 38.64 -13.47 10.95
N ILE B 67 38.70 -12.47 11.83
CA ILE B 67 37.87 -11.28 11.69
C ILE B 67 38.74 -10.09 12.08
N SER B 68 38.37 -8.90 11.61
CA SER B 68 39.18 -7.73 11.94
C SER B 68 38.40 -6.70 12.73
N VAL B 69 39.07 -6.12 13.72
CA VAL B 69 38.49 -5.10 14.58
C VAL B 69 39.43 -3.92 14.63
N ASP B 70 39.15 -2.91 13.82
CA ASP B 70 39.98 -1.71 13.79
C ASP B 70 41.38 -2.09 13.36
N GLY B 71 41.48 -3.14 12.55
CA GLY B 71 42.79 -3.57 12.09
C GLY B 71 43.33 -4.77 12.85
N LYS B 72 43.22 -4.75 14.18
CA LYS B 72 43.72 -5.86 15.00
C LYS B 72 43.04 -7.12 14.48
N VAL B 73 43.82 -8.08 14.00
CA VAL B 73 43.25 -9.31 13.46
C VAL B 73 43.12 -10.40 14.51
N ILE B 74 42.05 -11.19 14.40
CA ILE B 74 41.80 -12.27 15.34
C ILE B 74 41.30 -13.50 14.62
N LYS B 75 41.84 -14.66 15.00
CA LYS B 75 41.44 -15.93 14.39
C LYS B 75 40.21 -16.50 15.05
N VAL B 76 39.37 -17.11 14.23
CA VAL B 76 38.15 -17.71 14.69
C VAL B 76 38.17 -19.16 14.31
N VAL B 77 38.15 -20.03 15.30
CA VAL B 77 38.15 -21.47 15.08
C VAL B 77 36.84 -22.02 15.60
N SER B 78 36.66 -23.34 15.52
CA SER B 78 35.42 -23.94 16.00
C SER B 78 35.44 -25.46 16.26
N ASP B 79 35.82 -25.83 17.48
CA ASP B 79 35.83 -27.23 17.85
C ASP B 79 35.03 -27.40 19.11
N ARG B 80 33.97 -28.20 19.04
CA ARG B 80 33.12 -28.43 20.19
C ARG B 80 33.86 -29.13 21.32
N ASN B 81 35.08 -29.59 21.05
CA ASN B 81 35.88 -30.27 22.08
C ASN B 81 37.19 -29.51 22.17
N PRO B 82 37.40 -28.79 23.27
CA PRO B 82 38.58 -27.97 23.57
C PRO B 82 39.94 -28.57 23.23
N VAL B 83 40.23 -29.75 23.79
CA VAL B 83 41.50 -30.42 23.58
C VAL B 83 42.10 -30.15 22.21
N ASN B 84 41.27 -30.02 21.19
CA ASN B 84 41.72 -29.78 19.83
C ASN B 84 42.23 -28.37 19.55
N LEU B 85 41.56 -27.38 20.12
CA LEU B 85 41.94 -25.99 19.92
C LEU B 85 43.46 -25.87 20.01
N PRO B 86 44.08 -25.15 19.07
CA PRO B 86 45.53 -24.96 19.06
C PRO B 86 46.00 -23.93 20.07
N TRP B 87 45.68 -24.15 21.34
CA TRP B 87 46.12 -23.23 22.38
C TRP B 87 47.63 -23.28 22.53
N GLY B 88 48.19 -24.48 22.50
CA GLY B 88 49.64 -24.63 22.62
C GLY B 88 50.35 -24.04 21.42
N ASP B 89 49.85 -24.36 20.23
CA ASP B 89 50.44 -23.86 18.99
C ASP B 89 50.51 -22.33 18.96
N MET B 90 49.46 -21.66 19.46
CA MET B 90 49.42 -20.20 19.46
C MET B 90 49.98 -19.60 20.75
N GLY B 91 50.44 -20.45 21.65
CA GLY B 91 51.00 -20.01 22.91
C GLY B 91 49.99 -19.24 23.72
N ILE B 92 48.83 -19.86 23.92
CA ILE B 92 47.74 -19.24 24.67
C ILE B 92 48.07 -19.23 26.15
N ASP B 93 48.26 -18.02 26.69
CA ASP B 93 48.59 -17.87 28.09
C ASP B 93 47.33 -17.88 28.97
N LEU B 94 46.23 -17.36 28.44
CA LEU B 94 44.98 -17.32 29.19
C LEU B 94 43.77 -17.57 28.31
N VAL B 95 42.81 -18.30 28.87
CA VAL B 95 41.61 -18.63 28.16
C VAL B 95 40.41 -18.17 28.97
N ILE B 96 39.52 -17.42 28.33
CA ILE B 96 38.31 -16.92 28.98
C ILE B 96 37.17 -17.88 28.66
N GLU B 97 37.00 -18.87 29.53
CA GLU B 97 35.97 -19.89 29.36
C GLU B 97 34.54 -19.41 29.60
N GLY B 98 33.90 -18.92 28.55
CA GLY B 98 32.54 -18.45 28.66
C GLY B 98 31.65 -19.26 27.74
N THR B 99 31.49 -20.53 28.05
CA THR B 99 30.65 -21.39 27.23
C THR B 99 29.49 -21.90 28.05
N GLY B 100 29.72 -22.00 29.36
CA GLY B 100 28.69 -22.46 30.27
C GLY B 100 28.67 -23.95 30.49
N VAL B 101 29.58 -24.67 29.84
CA VAL B 101 29.63 -26.12 29.98
C VAL B 101 30.87 -26.57 30.75
N PHE B 102 32.01 -25.98 30.40
CA PHE B 102 33.27 -26.31 31.02
C PHE B 102 33.48 -25.48 32.29
N VAL B 103 32.81 -25.91 33.35
CA VAL B 103 32.84 -25.25 34.62
C VAL B 103 33.45 -26.10 35.73
N ASP B 104 33.99 -27.26 35.36
CA ASP B 104 34.56 -28.16 36.33
C ASP B 104 36.02 -28.48 36.05
N ARG B 105 36.68 -29.02 37.06
CA ARG B 105 38.07 -29.42 36.95
C ARG B 105 38.28 -30.09 35.59
N ASP B 106 37.63 -31.23 35.40
CA ASP B 106 37.70 -32.02 34.17
C ASP B 106 37.56 -31.20 32.90
N GLY B 107 36.44 -30.48 32.81
CA GLY B 107 36.17 -29.67 31.63
C GLY B 107 37.15 -28.56 31.34
N ALA B 108 37.24 -27.59 32.24
CA ALA B 108 38.13 -26.46 32.03
C ALA B 108 39.52 -26.94 31.68
N GLY B 109 39.87 -28.07 32.25
CA GLY B 109 41.18 -28.64 32.02
C GLY B 109 41.52 -28.91 30.55
N LYS B 110 40.55 -29.41 29.79
CA LYS B 110 40.77 -29.69 28.38
C LYS B 110 41.49 -28.52 27.70
N HIS B 111 41.38 -27.33 28.28
CA HIS B 111 42.03 -26.15 27.74
C HIS B 111 43.51 -26.24 28.00
N LEU B 112 43.84 -26.69 29.19
CA LEU B 112 45.24 -26.85 29.58
C LEU B 112 45.90 -27.82 28.62
N GLN B 113 45.21 -28.92 28.34
CA GLN B 113 45.71 -29.93 27.42
C GLN B 113 45.98 -29.31 26.05
N ALA B 114 45.04 -28.54 25.54
CA ALA B 114 45.20 -27.91 24.23
C ALA B 114 46.46 -27.04 24.17
N GLY B 115 47.13 -26.89 25.31
CA GLY B 115 48.33 -26.11 25.35
C GLY B 115 48.19 -24.77 26.03
N ALA B 116 47.00 -24.51 26.56
CA ALA B 116 46.73 -23.25 27.25
C ALA B 116 47.39 -23.27 28.61
N LYS B 117 47.75 -22.09 29.11
CA LYS B 117 48.42 -22.00 30.41
C LYS B 117 47.45 -21.81 31.57
N LYS B 118 46.48 -20.92 31.40
CA LYS B 118 45.47 -20.66 32.45
C LYS B 118 44.06 -20.60 31.90
N VAL B 119 43.08 -20.86 32.77
CA VAL B 119 41.70 -20.84 32.36
C VAL B 119 40.77 -20.07 33.29
N LEU B 120 40.36 -18.88 32.85
CA LEU B 120 39.47 -18.05 33.65
C LEU B 120 38.04 -18.41 33.32
N ILE B 121 37.34 -19.02 34.25
CA ILE B 121 35.95 -19.40 34.03
C ILE B 121 34.99 -18.24 34.33
N THR B 122 34.34 -17.73 33.29
CA THR B 122 33.40 -16.61 33.44
C THR B 122 32.13 -17.00 34.17
N ALA B 123 32.24 -17.86 35.18
CA ALA B 123 31.08 -18.28 35.95
C ALA B 123 31.55 -18.91 37.24
N PRO B 124 30.60 -19.30 38.09
CA PRO B 124 31.03 -19.92 39.34
C PRO B 124 31.71 -21.23 39.03
N GLY B 125 32.71 -21.60 39.82
CA GLY B 125 33.38 -22.86 39.59
C GLY B 125 32.64 -23.99 40.26
N LYS B 126 32.60 -25.15 39.61
CA LYS B 126 31.93 -26.31 40.18
C LYS B 126 32.98 -27.20 40.82
N GLY B 127 32.87 -27.38 42.14
CA GLY B 127 33.81 -28.20 42.87
C GLY B 127 34.89 -27.39 43.59
N ASP B 128 36.10 -27.93 43.63
CA ASP B 128 37.22 -27.27 44.27
C ASP B 128 37.97 -26.39 43.27
N ILE B 129 37.61 -25.10 43.22
CA ILE B 129 38.27 -24.15 42.31
C ILE B 129 38.36 -22.78 42.95
N PRO B 130 39.45 -22.06 42.69
CA PRO B 130 39.63 -20.73 43.25
C PRO B 130 38.59 -19.76 42.72
N THR B 131 37.81 -19.17 43.62
CA THR B 131 36.80 -18.22 43.22
C THR B 131 37.24 -16.87 43.75
N TYR B 132 37.31 -15.89 42.86
CA TYR B 132 37.74 -14.54 43.24
C TYR B 132 36.75 -13.50 42.73
N VAL B 133 36.40 -12.51 43.55
CA VAL B 133 35.47 -11.45 43.14
C VAL B 133 36.16 -10.12 43.26
N VAL B 134 36.72 -9.63 42.16
CA VAL B 134 37.45 -8.36 42.15
C VAL B 134 36.86 -7.30 43.08
N GLY B 135 37.57 -7.00 44.15
CA GLY B 135 37.12 -6.01 45.10
C GLY B 135 36.79 -6.68 46.42
N VAL B 136 36.62 -7.99 46.37
CA VAL B 136 36.30 -8.74 47.57
C VAL B 136 37.40 -9.68 48.06
N ASN B 137 38.40 -9.97 47.21
CA ASN B 137 39.49 -10.84 47.60
C ASN B 137 40.42 -11.21 46.48
N GLU B 138 40.69 -10.27 45.59
CA GLU B 138 41.57 -10.56 44.46
C GLU B 138 43.02 -10.72 44.91
N GLU B 139 43.31 -10.35 46.15
CA GLU B 139 44.67 -10.49 46.63
C GLU B 139 44.91 -11.93 46.99
N GLY B 140 43.84 -12.71 47.07
CA GLY B 140 43.97 -14.13 47.38
C GLY B 140 44.61 -14.85 46.21
N TYR B 141 44.50 -14.27 45.02
CA TYR B 141 45.06 -14.86 43.80
C TYR B 141 46.59 -14.93 43.88
N THR B 142 47.14 -15.93 43.20
CA THR B 142 48.58 -16.19 43.11
C THR B 142 48.81 -16.84 41.76
N HIS B 143 49.88 -16.45 41.06
CA HIS B 143 50.14 -17.02 39.74
C HIS B 143 50.13 -18.55 39.74
N ALA B 144 50.07 -19.14 40.93
CA ALA B 144 50.05 -20.60 41.08
C ALA B 144 48.77 -21.27 40.57
N ASP B 145 47.63 -20.58 40.71
CA ASP B 145 46.34 -21.08 40.29
C ASP B 145 46.25 -21.19 38.78
N THR B 146 45.90 -22.37 38.29
CA THR B 146 45.79 -22.57 36.84
C THR B 146 44.35 -22.42 36.37
N ILE B 147 43.42 -22.58 37.31
CA ILE B 147 42.00 -22.46 36.99
C ILE B 147 41.23 -21.69 38.04
N ILE B 148 40.72 -20.52 37.66
CA ILE B 148 39.96 -19.67 38.56
C ILE B 148 38.62 -19.26 37.96
N SER B 149 37.65 -19.00 38.83
CA SER B 149 36.31 -18.58 38.41
C SER B 149 36.10 -17.19 38.98
N ASN B 150 35.53 -16.32 38.16
CA ASN B 150 35.25 -14.95 38.56
C ASN B 150 33.82 -14.85 39.12
N ALA B 151 33.36 -15.94 39.75
CA ALA B 151 32.03 -16.01 40.35
C ALA B 151 30.90 -15.65 39.40
N SER B 152 29.69 -15.53 39.91
CA SER B 152 28.52 -15.20 39.09
C SER B 152 28.24 -13.70 38.97
N CYS B 153 27.31 -13.34 38.09
CA CYS B 153 26.96 -11.94 37.88
C CYS B 153 26.33 -11.41 39.15
N THR B 154 25.56 -12.24 39.84
CA THR B 154 24.89 -11.85 41.09
C THR B 154 25.90 -11.68 42.22
N THR B 155 26.64 -12.75 42.51
CA THR B 155 27.66 -12.73 43.57
C THR B 155 28.55 -11.51 43.41
N ASN B 156 29.00 -11.27 42.19
CA ASN B 156 29.87 -10.12 41.93
C ASN B 156 29.20 -8.78 42.31
N CYS B 157 27.90 -8.80 42.52
CA CYS B 157 27.20 -7.60 42.91
C CYS B 157 27.03 -7.61 44.41
N LEU B 158 26.34 -8.64 44.87
CA LEU B 158 26.02 -8.84 46.28
C LEU B 158 27.24 -8.84 47.19
N ALA B 159 28.33 -9.41 46.73
CA ALA B 159 29.53 -9.48 47.55
C ALA B 159 30.06 -8.14 48.04
N PRO B 160 30.52 -7.28 47.12
CA PRO B 160 31.07 -5.98 47.47
C PRO B 160 30.37 -5.25 48.60
N PHE B 161 29.07 -5.09 48.52
CA PHE B 161 28.40 -4.37 49.58
C PHE B 161 28.07 -5.21 50.80
N VAL B 162 28.25 -6.53 50.70
CA VAL B 162 28.01 -7.40 51.84
C VAL B 162 29.24 -7.23 52.72
N LYS B 163 30.40 -7.23 52.09
CA LYS B 163 31.65 -7.04 52.80
C LYS B 163 31.51 -5.76 53.61
N VAL B 164 31.04 -4.70 52.96
CA VAL B 164 30.85 -3.41 53.60
C VAL B 164 29.98 -3.51 54.84
N LEU B 165 28.88 -4.25 54.74
CA LEU B 165 27.99 -4.43 55.88
C LEU B 165 28.66 -5.15 57.04
N ASP B 166 28.94 -6.43 56.83
CA ASP B 166 29.59 -7.27 57.84
C ASP B 166 30.78 -6.56 58.46
N GLN B 167 31.68 -6.11 57.61
CA GLN B 167 32.89 -5.40 58.02
C GLN B 167 32.60 -4.10 58.78
N LYS B 168 31.32 -3.86 59.11
CA LYS B 168 30.97 -2.64 59.79
C LYS B 168 29.82 -2.78 60.78
N PHE B 169 28.89 -3.68 60.50
CA PHE B 169 27.73 -3.89 61.39
C PHE B 169 27.61 -5.34 61.86
N GLY B 170 28.37 -6.21 61.19
CA GLY B 170 28.36 -7.62 61.53
C GLY B 170 27.11 -8.35 61.09
N ILE B 171 27.19 -9.05 59.95
CA ILE B 171 26.04 -9.80 59.48
C ILE B 171 25.88 -11.06 60.30
N ILE B 172 24.72 -11.17 60.94
CA ILE B 172 24.42 -12.33 61.75
C ILE B 172 23.85 -13.42 60.86
N LYS B 173 22.87 -13.05 60.06
CA LYS B 173 22.20 -13.96 59.15
C LYS B 173 21.38 -13.11 58.19
N GLY B 174 20.95 -13.69 57.07
CA GLY B 174 20.16 -12.92 56.14
C GLY B 174 19.90 -13.56 54.81
N THR B 175 18.70 -13.33 54.28
CA THR B 175 18.30 -13.88 53.00
C THR B 175 18.38 -12.79 51.96
N MET B 176 18.16 -13.18 50.71
CA MET B 176 18.19 -12.23 49.62
C MET B 176 17.45 -12.80 48.43
N THR B 177 16.91 -11.92 47.60
CA THR B 177 16.17 -12.31 46.42
C THR B 177 16.57 -11.37 45.31
N THR B 178 16.99 -11.96 44.18
CA THR B 178 17.43 -11.18 43.03
C THR B 178 16.46 -11.19 41.86
N THR B 179 15.85 -10.05 41.61
CA THR B 179 14.94 -9.91 40.49
C THR B 179 15.90 -9.76 39.34
N HIS B 180 15.98 -10.81 38.53
CA HIS B 180 16.92 -10.90 37.44
C HIS B 180 16.37 -10.93 36.01
N SER B 181 17.06 -10.24 35.10
CA SER B 181 16.68 -10.19 33.69
C SER B 181 16.84 -11.63 33.25
N TYR B 182 16.25 -12.02 32.13
CA TYR B 182 16.40 -13.42 31.69
C TYR B 182 17.74 -13.62 30.98
N THR B 183 18.10 -14.88 30.73
CA THR B 183 19.36 -15.20 30.04
C THR B 183 19.24 -16.34 29.06
N GLY B 184 20.27 -16.48 28.22
CA GLY B 184 20.25 -17.54 27.23
C GLY B 184 19.77 -18.88 27.77
N ASP B 185 19.97 -19.11 29.06
CA ASP B 185 19.56 -20.35 29.68
C ASP B 185 18.07 -20.63 29.65
N GLN B 186 17.24 -19.60 29.68
CA GLN B 186 15.81 -19.85 29.67
C GLN B 186 15.26 -20.23 28.31
N ARG B 187 14.10 -20.88 28.31
CA ARG B 187 13.45 -21.30 27.09
C ARG B 187 12.56 -20.16 26.60
N LEU B 188 12.61 -19.87 25.30
CA LEU B 188 11.79 -18.79 24.77
C LEU B 188 10.32 -19.15 24.80
N LEU B 189 10.03 -20.43 24.69
CA LEU B 189 8.65 -20.88 24.75
C LEU B 189 8.62 -22.21 25.48
N ASP B 190 7.63 -22.39 26.34
CA ASP B 190 7.51 -23.61 27.10
C ASP B 190 8.11 -24.80 26.39
N ALA B 191 9.35 -25.13 26.76
CA ALA B 191 10.07 -26.25 26.17
C ALA B 191 10.84 -26.97 27.24
N SER B 192 11.21 -28.21 26.96
CA SER B 192 11.93 -29.04 27.91
C SER B 192 13.17 -28.35 28.50
N HIS B 193 13.49 -28.71 29.73
CA HIS B 193 14.62 -28.13 30.46
C HIS B 193 14.75 -28.95 31.75
N ARG B 194 15.92 -28.91 32.40
CA ARG B 194 16.08 -29.68 33.62
C ARG B 194 15.53 -28.92 34.83
N ASP B 195 15.05 -27.71 34.57
CA ASP B 195 14.50 -26.85 35.61
C ASP B 195 13.13 -26.43 35.08
N LEU B 196 12.11 -27.24 35.34
CA LEU B 196 10.76 -26.94 34.84
C LEU B 196 10.27 -25.51 35.04
N ARG B 197 11.05 -24.71 35.74
CA ARG B 197 10.67 -23.33 35.93
C ARG B 197 11.35 -22.66 34.75
N ARG B 198 12.69 -22.74 34.72
CA ARG B 198 13.46 -22.14 33.63
C ARG B 198 12.94 -22.60 32.28
N ALA B 199 12.23 -23.72 32.29
CA ALA B 199 11.67 -24.30 31.08
C ALA B 199 10.47 -23.52 30.55
N ARG B 200 9.94 -22.61 31.36
CA ARG B 200 8.77 -21.84 30.99
C ARG B 200 9.04 -20.58 30.19
N ALA B 201 7.97 -20.08 29.57
CA ALA B 201 7.92 -18.87 28.73
C ALA B 201 9.06 -17.85 28.75
N ALA B 202 9.62 -17.59 29.92
CA ALA B 202 10.75 -16.64 30.05
C ALA B 202 10.37 -15.18 29.89
N CYS B 203 9.66 -14.86 28.80
CA CYS B 203 9.23 -13.49 28.51
C CYS B 203 7.82 -13.20 28.96
N LEU B 204 7.14 -14.20 29.48
CA LEU B 204 5.77 -13.98 29.89
C LEU B 204 5.59 -14.26 31.36
N ASN B 205 6.67 -14.58 32.07
CA ASN B 205 6.54 -14.87 33.48
C ASN B 205 7.67 -14.37 34.33
N ILE B 206 7.41 -14.50 35.62
CA ILE B 206 8.36 -14.17 36.65
C ILE B 206 8.72 -15.61 36.94
N VAL B 207 9.96 -15.98 36.63
CA VAL B 207 10.38 -17.34 36.78
C VAL B 207 11.28 -17.53 37.98
N PRO B 208 10.76 -18.18 39.03
CA PRO B 208 11.59 -18.38 40.21
C PRO B 208 12.60 -19.45 39.87
N THR B 209 13.87 -19.14 40.05
CA THR B 209 14.88 -20.15 39.81
C THR B 209 15.79 -19.97 40.98
N SER B 210 16.68 -20.93 41.18
CA SER B 210 17.57 -20.83 42.31
C SER B 210 18.91 -20.26 41.87
N THR B 211 19.63 -19.66 42.82
CA THR B 211 20.94 -19.11 42.53
C THR B 211 21.95 -19.50 43.60
N GLY B 212 23.20 -19.66 43.17
CA GLY B 212 24.26 -20.04 44.07
C GLY B 212 24.86 -18.85 44.78
N ALA B 213 24.82 -17.68 44.11
CA ALA B 213 25.34 -16.45 44.67
C ALA B 213 25.08 -16.36 46.18
N ALA B 214 24.03 -17.04 46.63
CA ALA B 214 23.68 -17.08 48.04
C ALA B 214 24.84 -17.65 48.86
N LYS B 215 25.18 -18.91 48.61
CA LYS B 215 26.26 -19.55 49.34
C LYS B 215 27.62 -19.13 48.77
N ALA B 216 27.63 -18.77 47.49
CA ALA B 216 28.85 -18.35 46.81
C ALA B 216 29.48 -17.14 47.49
N VAL B 217 28.66 -16.32 48.14
CA VAL B 217 29.22 -15.16 48.82
C VAL B 217 30.30 -15.72 49.73
N ALA B 218 29.89 -16.64 50.61
CA ALA B 218 30.79 -17.28 51.57
C ALA B 218 32.11 -17.73 50.93
N LEU B 219 32.02 -18.15 49.67
CA LEU B 219 33.19 -18.60 48.94
C LEU B 219 34.28 -17.54 48.99
N VAL B 220 33.88 -16.28 48.84
CA VAL B 220 34.84 -15.19 48.84
C VAL B 220 34.87 -14.37 50.14
N LEU B 221 33.86 -14.54 50.97
CA LEU B 221 33.78 -13.86 52.26
C LEU B 221 33.58 -14.95 53.29
N PRO B 222 34.61 -15.79 53.46
CA PRO B 222 34.67 -16.92 54.38
C PRO B 222 33.82 -16.75 55.63
N ASN B 223 33.81 -15.53 56.14
CA ASN B 223 33.08 -15.25 57.35
C ASN B 223 31.58 -15.54 57.29
N LEU B 224 30.95 -15.26 56.16
CA LEU B 224 29.50 -15.47 56.07
C LEU B 224 29.05 -16.90 55.77
N LYS B 225 29.94 -17.88 55.93
CA LYS B 225 29.54 -19.26 55.62
C LYS B 225 28.23 -19.66 56.29
N GLY B 226 27.27 -20.06 55.47
CA GLY B 226 25.97 -20.49 55.95
C GLY B 226 25.10 -19.44 56.61
N LYS B 227 25.40 -18.17 56.36
CA LYS B 227 24.64 -17.08 56.94
C LYS B 227 23.72 -16.45 55.91
N LEU B 228 24.04 -16.66 54.65
CA LEU B 228 23.26 -16.11 53.57
C LEU B 228 22.65 -17.18 52.71
N ASN B 229 21.54 -16.84 52.07
CA ASN B 229 20.86 -17.75 51.16
C ASN B 229 19.60 -17.11 50.61
N GLY B 230 19.40 -17.29 49.31
CA GLY B 230 18.24 -16.73 48.66
C GLY B 230 17.87 -17.41 47.36
N ILE B 231 16.86 -16.86 46.71
CA ILE B 231 16.38 -17.39 45.45
C ILE B 231 16.55 -16.29 44.42
N ALA B 232 15.89 -16.42 43.28
CA ALA B 232 15.95 -15.43 42.23
C ALA B 232 14.67 -15.45 41.40
N LEU B 233 14.34 -14.30 40.81
CA LEU B 233 13.16 -14.18 39.98
C LEU B 233 13.50 -13.65 38.57
N ARG B 234 13.30 -14.49 37.56
CA ARG B 234 13.61 -14.14 36.19
C ARG B 234 12.49 -13.36 35.51
N VAL B 235 12.59 -12.03 35.52
CA VAL B 235 11.55 -11.25 34.89
C VAL B 235 11.87 -10.78 33.47
N PRO B 236 10.84 -10.57 32.67
CA PRO B 236 10.93 -10.13 31.29
C PRO B 236 11.77 -8.91 30.96
N THR B 237 13.09 -9.02 31.08
CA THR B 237 13.99 -7.93 30.70
C THR B 237 15.27 -8.59 30.24
N PRO B 238 15.83 -8.11 29.12
CA PRO B 238 17.06 -8.66 28.56
C PRO B 238 18.35 -8.33 29.31
N ASN B 239 18.29 -7.41 30.25
CA ASN B 239 19.52 -7.08 30.94
C ASN B 239 19.34 -6.14 32.13
N VAL B 240 20.34 -6.14 33.00
CA VAL B 240 20.37 -5.32 34.20
C VAL B 240 19.44 -5.96 35.20
N SER B 241 19.97 -6.25 36.38
CA SER B 241 19.17 -6.88 37.41
C SER B 241 19.33 -6.22 38.76
N VAL B 242 18.43 -6.54 39.67
CA VAL B 242 18.48 -5.96 41.01
C VAL B 242 18.40 -7.00 42.10
N VAL B 243 19.21 -6.81 43.15
CA VAL B 243 19.25 -7.70 44.30
C VAL B 243 18.61 -7.04 45.51
N ASP B 244 17.88 -7.84 46.26
CA ASP B 244 17.17 -7.36 47.45
C ASP B 244 17.69 -8.06 48.71
N LEU B 245 18.83 -7.60 49.21
CA LEU B 245 19.40 -8.22 50.41
C LEU B 245 18.67 -7.85 51.68
N VAL B 246 18.69 -8.75 52.67
CA VAL B 246 18.03 -8.52 53.95
C VAL B 246 18.82 -9.19 55.08
N VAL B 247 19.80 -8.48 55.63
CA VAL B 247 20.62 -9.02 56.70
C VAL B 247 20.27 -8.44 58.07
N GLN B 248 20.58 -9.20 59.11
CA GLN B 248 20.36 -8.78 60.48
C GLN B 248 21.76 -8.58 61.05
N VAL B 249 22.10 -7.36 61.43
CA VAL B 249 23.42 -7.10 61.98
C VAL B 249 23.37 -7.01 63.49
N SER B 250 24.54 -7.00 64.12
CA SER B 250 24.59 -6.92 65.57
C SER B 250 24.44 -5.48 66.02
N LYS B 251 25.36 -4.63 65.58
CA LYS B 251 25.40 -3.21 65.92
C LYS B 251 24.14 -2.49 65.46
N LYS B 252 23.26 -2.10 66.38
CA LYS B 252 22.03 -1.40 65.99
C LYS B 252 22.39 -0.25 65.05
N THR B 253 21.62 -0.07 63.98
CA THR B 253 21.91 1.00 63.03
C THR B 253 20.65 1.58 62.41
N PHE B 254 20.81 2.68 61.66
CA PHE B 254 19.69 3.34 61.02
C PHE B 254 19.91 3.61 59.53
N ALA B 255 18.80 3.85 58.83
CA ALA B 255 18.80 4.10 57.40
C ALA B 255 20.02 4.79 56.80
N GLU B 256 20.12 6.11 56.97
CA GLU B 256 21.22 6.83 56.37
C GLU B 256 22.62 6.44 56.81
N GLU B 257 22.78 5.86 58.01
CA GLU B 257 24.12 5.45 58.45
C GLU B 257 24.63 4.37 57.54
N VAL B 258 23.77 3.42 57.23
CA VAL B 258 24.15 2.33 56.35
C VAL B 258 24.63 2.93 55.05
N ASN B 259 23.72 3.59 54.33
CA ASN B 259 24.06 4.19 53.05
C ASN B 259 25.39 4.93 53.11
N ALA B 260 25.57 5.70 54.17
CA ALA B 260 26.79 6.46 54.36
C ALA B 260 27.98 5.54 54.19
N ALA B 261 28.04 4.54 55.05
CA ALA B 261 29.12 3.56 55.01
C ALA B 261 29.40 3.15 53.57
N PHE B 262 28.35 2.78 52.85
CA PHE B 262 28.48 2.37 51.47
C PHE B 262 29.24 3.45 50.71
N ARG B 263 28.68 4.66 50.69
CA ARG B 263 29.34 5.73 49.98
C ARG B 263 30.83 5.81 50.34
N GLU B 264 31.12 5.90 51.63
CA GLU B 264 32.52 5.99 52.06
C GLU B 264 33.37 4.98 51.33
N SER B 265 33.02 3.70 51.41
CA SER B 265 33.78 2.67 50.73
C SER B 265 33.80 2.88 49.22
N ALA B 266 32.66 3.29 48.67
CA ALA B 266 32.54 3.52 47.25
C ALA B 266 33.45 4.63 46.76
N ASP B 267 33.80 5.53 47.66
CA ASP B 267 34.68 6.66 47.31
C ASP B 267 36.14 6.34 47.56
N ASN B 268 36.40 5.34 48.41
CA ASN B 268 37.76 4.97 48.74
C ASN B 268 38.18 3.62 48.16
N GLU B 269 38.05 2.58 48.98
CA GLU B 269 38.42 1.23 48.63
C GLU B 269 37.70 0.63 47.43
N LEU B 270 36.38 0.64 47.45
CA LEU B 270 35.63 0.06 46.35
C LEU B 270 35.45 0.98 45.15
N LYS B 271 36.11 2.13 45.17
CA LYS B 271 36.01 3.08 44.06
C LYS B 271 36.20 2.36 42.73
N GLY B 272 35.15 2.32 41.91
CA GLY B 272 35.24 1.64 40.64
C GLY B 272 34.42 0.36 40.64
N ILE B 273 34.18 -0.18 41.83
CA ILE B 273 33.38 -1.39 41.96
C ILE B 273 31.98 -1.10 42.47
N LEU B 274 31.87 -0.59 43.69
CA LEU B 274 30.56 -0.26 44.26
C LEU B 274 30.29 1.19 43.97
N SER B 275 29.05 1.59 44.16
CA SER B 275 28.65 2.97 43.94
C SER B 275 27.22 3.16 44.38
N VAL B 276 26.88 4.40 44.74
CA VAL B 276 25.54 4.73 45.19
C VAL B 276 24.85 5.65 44.17
N CYS B 277 23.52 5.68 44.19
CA CYS B 277 22.75 6.53 43.28
C CYS B 277 21.46 6.95 43.94
N ASP B 278 21.28 8.26 44.09
CA ASP B 278 20.11 8.84 44.73
C ASP B 278 19.01 9.18 43.72
N GLU B 279 19.42 9.64 42.55
CA GLU B 279 18.49 9.95 41.48
C GLU B 279 17.61 8.72 41.23
N PRO B 280 16.31 8.81 41.53
CA PRO B 280 15.36 7.70 41.33
C PRO B 280 15.27 7.23 39.89
N LEU B 281 16.00 6.15 39.60
CA LEU B 281 16.04 5.60 38.26
C LEU B 281 15.36 4.25 38.13
N VAL B 282 15.62 3.56 37.02
CA VAL B 282 15.03 2.26 36.75
C VAL B 282 16.01 1.40 35.96
N SER B 283 15.70 0.12 35.81
CA SER B 283 16.55 -0.81 35.08
C SER B 283 17.34 -0.14 33.97
N ILE B 284 16.71 -0.02 32.79
CA ILE B 284 17.35 0.56 31.63
C ILE B 284 18.37 1.66 31.91
N ASP B 285 18.15 2.42 32.97
CA ASP B 285 19.07 3.50 33.29
C ASP B 285 20.41 3.02 33.78
N PHE B 286 20.60 1.71 33.84
CA PHE B 286 21.87 1.17 34.32
C PHE B 286 22.65 0.35 33.31
N ARG B 287 22.40 0.53 32.02
CA ARG B 287 23.14 -0.23 31.01
C ARG B 287 24.58 0.27 31.03
N CYS B 288 25.46 -0.43 30.32
CA CYS B 288 26.87 -0.05 30.27
C CYS B 288 27.39 0.66 31.53
N THR B 289 27.32 0.02 32.69
CA THR B 289 27.83 0.65 33.91
C THR B 289 29.04 -0.12 34.42
N ASP B 290 30.22 0.45 34.17
CA ASP B 290 31.51 -0.15 34.54
C ASP B 290 31.66 -0.72 35.97
N VAL B 291 30.74 -0.37 36.87
CA VAL B 291 30.81 -0.86 38.24
C VAL B 291 30.05 -2.15 38.38
N SER B 292 30.42 -2.93 39.41
CA SER B 292 29.82 -4.21 39.69
C SER B 292 28.47 -4.07 40.39
N SER B 293 28.37 -3.12 41.32
CA SER B 293 27.14 -2.93 42.09
C SER B 293 26.82 -1.46 42.30
N THR B 294 25.53 -1.13 42.32
CA THR B 294 25.07 0.26 42.51
C THR B 294 23.89 0.32 43.48
N ILE B 295 24.11 0.87 44.66
CA ILE B 295 23.07 0.96 45.69
C ILE B 295 22.01 2.03 45.43
N ASP B 296 20.74 1.64 45.53
CA ASP B 296 19.65 2.59 45.32
C ASP B 296 19.32 3.14 46.68
N SER B 297 20.14 4.11 47.10
CA SER B 297 20.04 4.77 48.39
C SER B 297 18.63 4.99 48.90
N SER B 298 17.85 5.77 48.18
CA SER B 298 16.49 6.07 48.59
C SER B 298 15.61 4.87 48.94
N LEU B 299 16.08 3.67 48.63
CA LEU B 299 15.32 2.45 48.91
C LEU B 299 15.73 1.74 50.19
N THR B 300 17.00 1.87 50.56
CA THR B 300 17.55 1.26 51.76
C THR B 300 16.72 1.57 52.96
N MET B 301 16.34 0.55 53.72
CA MET B 301 15.53 0.78 54.91
C MET B 301 15.85 -0.21 56.03
N VAL B 302 15.78 0.27 57.27
CA VAL B 302 16.06 -0.55 58.45
C VAL B 302 14.82 -0.79 59.33
N MET B 303 14.82 -1.90 60.04
CA MET B 303 13.71 -2.27 60.91
C MET B 303 14.18 -2.74 62.26
N GLY B 304 13.49 -2.30 63.31
CA GLY B 304 13.84 -2.71 64.64
C GLY B 304 15.29 -2.52 65.00
N ASP B 305 15.96 -1.62 64.28
CA ASP B 305 17.37 -1.27 64.51
C ASP B 305 18.44 -2.24 64.01
N ASP B 306 18.07 -3.50 63.77
CA ASP B 306 19.05 -4.50 63.34
C ASP B 306 18.79 -5.23 62.03
N MET B 307 17.59 -5.08 61.47
CA MET B 307 17.25 -5.73 60.21
C MET B 307 17.41 -4.73 59.07
N VAL B 308 18.45 -4.91 58.26
CA VAL B 308 18.72 -4.01 57.15
C VAL B 308 18.35 -4.59 55.78
N LYS B 309 17.70 -3.82 54.93
CA LYS B 309 17.36 -4.27 53.59
C LYS B 309 18.09 -3.32 52.65
N VAL B 310 18.72 -3.83 51.61
CA VAL B 310 19.43 -2.98 50.67
C VAL B 310 19.10 -3.40 49.24
N ILE B 311 18.72 -2.47 48.39
CA ILE B 311 18.44 -2.84 47.00
C ILE B 311 19.69 -2.47 46.23
N ALA B 312 20.03 -3.23 45.20
CA ALA B 312 21.22 -2.89 44.45
C ALA B 312 21.11 -3.31 43.00
N TRP B 313 21.42 -2.41 42.10
CA TRP B 313 21.35 -2.68 40.67
C TRP B 313 22.69 -3.13 40.13
N TYR B 314 22.69 -3.80 38.99
CA TYR B 314 23.95 -4.26 38.38
C TYR B 314 23.69 -4.78 36.97
N ASP B 315 24.58 -4.44 36.04
CA ASP B 315 24.40 -4.91 34.68
C ASP B 315 25.02 -6.31 34.54
N ASN B 316 24.19 -7.32 34.74
CA ASN B 316 24.63 -8.70 34.67
C ASN B 316 25.49 -9.06 33.49
N GLU B 317 25.51 -8.24 32.46
CA GLU B 317 26.32 -8.57 31.30
C GLU B 317 27.58 -7.75 31.20
N TRP B 318 27.42 -6.43 31.09
CA TRP B 318 28.51 -5.49 30.97
C TRP B 318 29.34 -5.42 32.23
N GLY B 319 28.71 -4.98 33.31
CA GLY B 319 29.39 -4.87 34.58
C GLY B 319 30.19 -6.12 34.91
N TYR B 320 29.61 -7.28 34.64
CA TYR B 320 30.32 -8.51 34.89
C TYR B 320 31.54 -8.57 33.99
N SER B 321 31.33 -8.46 32.69
CA SER B 321 32.43 -8.49 31.75
C SER B 321 33.55 -7.59 32.25
N GLN B 322 33.23 -6.35 32.58
CA GLN B 322 34.24 -5.43 33.06
C GLN B 322 35.01 -6.04 34.22
N ARG B 323 34.34 -6.91 34.99
CA ARG B 323 35.02 -7.56 36.10
C ARG B 323 35.92 -8.63 35.51
N VAL B 324 35.35 -9.47 34.66
CA VAL B 324 36.12 -10.52 34.01
C VAL B 324 37.40 -9.90 33.48
N VAL B 325 37.29 -8.83 32.71
CA VAL B 325 38.48 -8.16 32.20
C VAL B 325 39.41 -7.75 33.32
N ASP B 326 38.86 -7.12 34.35
CA ASP B 326 39.66 -6.67 35.49
C ASP B 326 40.41 -7.83 36.17
N LEU B 327 39.83 -9.02 36.12
CA LEU B 327 40.45 -10.18 36.74
C LEU B 327 41.59 -10.61 35.85
N ALA B 328 41.29 -10.78 34.57
CA ALA B 328 42.31 -11.17 33.61
C ALA B 328 43.36 -10.07 33.58
N ASP B 329 42.90 -8.85 33.78
CA ASP B 329 43.78 -7.70 33.80
C ASP B 329 44.78 -7.94 34.90
N ILE B 330 44.32 -8.57 35.98
CA ILE B 330 45.17 -8.88 37.12
C ILE B 330 46.11 -10.02 36.79
N VAL B 331 45.59 -11.14 36.30
CA VAL B 331 46.44 -12.27 35.97
C VAL B 331 47.67 -11.83 35.18
N ALA B 332 47.51 -10.82 34.33
CA ALA B 332 48.61 -10.29 33.52
C ALA B 332 49.66 -9.63 34.42
N ASN B 333 49.19 -8.98 35.48
CA ASN B 333 50.09 -8.39 36.45
C ASN B 333 50.32 -9.57 37.38
N LYS B 334 51.32 -9.49 38.26
CA LYS B 334 51.57 -10.58 39.16
C LYS B 334 51.61 -11.92 38.43
N TRP B 335 52.25 -11.93 37.27
CA TRP B 335 52.44 -13.11 36.42
C TRP B 335 53.94 -13.28 36.25
N GLN B 336 54.47 -14.39 36.73
CA GLN B 336 55.91 -14.62 36.65
C GLN B 336 56.37 -15.60 35.57
N ALA B 337 55.92 -16.86 35.65
CA ALA B 337 56.33 -17.88 34.69
C ALA B 337 55.70 -19.26 34.95
N LYS C 1 -10.31 -46.24 18.03
CA LYS C 1 -10.17 -47.26 16.95
C LYS C 1 -8.71 -47.36 16.40
N LEU C 2 -8.23 -46.25 15.86
CA LEU C 2 -6.88 -46.15 15.26
C LEU C 2 -5.84 -45.62 16.25
N LYS C 3 -4.78 -46.39 16.44
CA LYS C 3 -3.69 -46.02 17.37
C LYS C 3 -2.75 -44.94 16.82
N VAL C 4 -2.58 -43.85 17.58
CA VAL C 4 -1.71 -42.75 17.17
C VAL C 4 -0.52 -42.47 18.09
N ALA C 5 0.62 -42.18 17.47
CA ALA C 5 1.83 -41.86 18.22
C ALA C 5 2.14 -40.39 17.89
N ILE C 6 2.81 -39.72 18.82
CA ILE C 6 3.18 -38.32 18.65
C ILE C 6 4.67 -38.20 18.86
N ASN C 7 5.41 -38.02 17.77
CA ASN C 7 6.84 -37.89 17.89
C ASN C 7 7.20 -36.42 17.93
N GLY C 8 7.52 -35.94 19.13
CA GLY C 8 7.86 -34.54 19.32
C GLY C 8 6.82 -33.85 20.20
N PHE C 9 7.06 -33.86 21.51
CA PHE C 9 6.14 -33.26 22.44
C PHE C 9 6.47 -31.81 22.74
N GLY C 10 6.31 -30.96 21.74
CA GLY C 10 6.57 -29.55 21.89
C GLY C 10 5.48 -28.77 21.20
N ARG C 11 5.16 -27.60 21.74
CA ARG C 11 4.09 -26.73 21.20
C ARG C 11 3.09 -27.44 20.30
N ILE C 12 3.47 -27.58 19.04
CA ILE C 12 2.62 -28.21 18.06
C ILE C 12 2.16 -29.61 18.42
N GLY C 13 3.07 -30.40 18.99
CA GLY C 13 2.76 -31.77 19.38
C GLY C 13 1.84 -31.79 20.59
N ARG C 14 2.14 -30.90 21.54
CA ARG C 14 1.33 -30.81 22.73
C ARG C 14 0.02 -30.13 22.36
N ASN C 15 0.10 -29.12 21.49
CA ASN C 15 -1.10 -28.42 21.05
C ASN C 15 -1.98 -29.48 20.38
N PHE C 16 -1.34 -30.45 19.74
CA PHE C 16 -2.07 -31.53 19.10
C PHE C 16 -2.87 -32.25 20.17
N LEU C 17 -2.16 -33.04 20.96
CA LEU C 17 -2.76 -33.83 22.04
C LEU C 17 -3.90 -33.10 22.69
N ARG C 18 -3.72 -31.82 22.99
CA ARG C 18 -4.79 -31.04 23.61
C ARG C 18 -5.99 -30.99 22.67
N CYS C 19 -5.75 -30.55 21.43
CA CYS C 19 -6.79 -30.44 20.43
C CYS C 19 -7.61 -31.71 20.39
N TRP C 20 -6.89 -32.83 20.32
CA TRP C 20 -7.50 -34.16 20.25
C TRP C 20 -8.34 -34.56 21.46
N HIS C 21 -7.80 -34.33 22.65
CA HIS C 21 -8.52 -34.69 23.87
C HIS C 21 -9.97 -34.21 23.81
N GLY C 22 -10.17 -32.92 24.11
CA GLY C 22 -11.51 -32.37 24.09
C GLY C 22 -12.03 -32.33 22.67
N ARG C 23 -12.49 -33.47 22.18
CA ARG C 23 -13.02 -33.59 20.84
C ARG C 23 -14.28 -34.44 20.82
N LYS C 24 -15.03 -34.35 19.72
CA LYS C 24 -16.27 -35.12 19.58
C LYS C 24 -16.04 -36.59 19.98
N ASP C 25 -15.33 -37.31 19.13
CA ASP C 25 -15.01 -38.72 19.35
C ASP C 25 -14.06 -39.20 18.26
N SER C 26 -12.94 -38.48 18.10
CA SER C 26 -11.95 -38.80 17.09
C SER C 26 -11.60 -40.29 17.02
N PRO C 27 -11.49 -40.82 15.80
CA PRO C 27 -11.16 -42.23 15.56
C PRO C 27 -9.72 -42.46 16.01
N LEU C 28 -9.03 -41.35 16.21
CA LEU C 28 -7.64 -41.32 16.66
C LEU C 28 -7.56 -41.72 18.13
N ASP C 29 -6.39 -42.21 18.53
CA ASP C 29 -6.21 -42.58 19.92
C ASP C 29 -4.72 -42.53 20.27
N VAL C 30 -4.30 -41.40 20.83
CA VAL C 30 -2.91 -41.22 21.21
C VAL C 30 -2.59 -42.23 22.30
N VAL C 31 -1.56 -43.04 22.06
CA VAL C 31 -1.18 -44.05 23.03
C VAL C 31 0.28 -43.92 23.42
N VAL C 32 1.01 -43.07 22.72
CA VAL C 32 2.42 -42.89 23.02
C VAL C 32 2.97 -41.56 22.55
N VAL C 33 3.93 -41.04 23.32
CA VAL C 33 4.57 -39.78 23.02
C VAL C 33 6.07 -39.97 23.07
N ASN C 34 6.81 -39.21 22.27
CA ASN C 34 8.26 -39.33 22.29
C ASN C 34 8.89 -38.00 22.69
N ASP C 35 8.86 -37.71 23.99
CA ASP C 35 9.45 -36.47 24.51
C ASP C 35 10.74 -36.81 25.25
N SER C 36 11.85 -36.35 24.70
CA SER C 36 13.16 -36.62 25.30
C SER C 36 13.26 -35.94 26.65
N GLY C 37 12.47 -36.40 27.60
CA GLY C 37 12.49 -35.81 28.93
C GLY C 37 11.79 -36.63 30.03
N GLY C 38 11.19 -37.74 29.63
CA GLY C 38 10.53 -38.57 30.61
C GLY C 38 9.10 -38.15 30.86
N VAL C 39 8.46 -38.87 31.78
CA VAL C 39 7.07 -38.61 32.12
C VAL C 39 6.96 -37.27 32.84
N LYS C 40 7.96 -36.95 33.65
CA LYS C 40 7.95 -35.67 34.36
C LYS C 40 7.84 -34.52 33.35
N SER C 41 8.97 -34.23 32.69
CA SER C 41 9.05 -33.15 31.71
C SER C 41 7.92 -33.18 30.70
N ALA C 42 7.43 -34.38 30.38
CA ALA C 42 6.35 -34.51 29.41
C ALA C 42 4.98 -34.21 30.02
N THR C 43 4.82 -34.54 31.31
CA THR C 43 3.55 -34.28 31.99
C THR C 43 3.40 -32.79 32.28
N HIS C 44 4.29 -32.30 33.15
CA HIS C 44 4.29 -30.90 33.53
C HIS C 44 3.84 -29.98 32.39
N LEU C 45 4.58 -30.04 31.28
CA LEU C 45 4.28 -29.20 30.14
C LEU C 45 2.96 -29.43 29.42
N LEU C 46 2.30 -30.54 29.75
CA LEU C 46 1.01 -30.82 29.15
C LEU C 46 -0.03 -30.20 30.07
N LYS C 47 0.29 -30.14 31.35
CA LYS C 47 -0.61 -29.59 32.37
C LYS C 47 -0.57 -28.09 32.49
N TYR C 48 0.63 -27.53 32.49
CA TYR C 48 0.81 -26.09 32.64
C TYR C 48 1.44 -25.52 31.37
N ASP C 49 0.66 -24.71 30.66
CA ASP C 49 1.13 -24.13 29.41
C ASP C 49 1.00 -22.63 29.45
N SER C 50 2.11 -21.94 29.20
CA SER C 50 2.14 -20.48 29.23
C SER C 50 1.27 -19.81 28.18
N ILE C 51 0.95 -20.50 27.09
CA ILE C 51 0.16 -19.91 26.04
C ILE C 51 -1.27 -20.44 25.96
N LEU C 52 -1.52 -21.60 26.54
CA LEU C 52 -2.86 -22.17 26.51
C LEU C 52 -3.46 -22.16 27.89
N GLY C 53 -2.59 -22.11 28.90
CA GLY C 53 -3.05 -22.09 30.28
C GLY C 53 -3.33 -23.48 30.82
N THR C 54 -3.13 -23.66 32.12
CA THR C 54 -3.35 -24.93 32.78
C THR C 54 -4.40 -25.82 32.12
N PHE C 55 -3.99 -27.01 31.69
CA PHE C 55 -4.86 -27.99 31.04
C PHE C 55 -5.93 -28.51 32.00
N LYS C 56 -7.19 -28.39 31.58
CA LYS C 56 -8.34 -28.79 32.39
C LYS C 56 -8.67 -30.28 32.49
N ALA C 57 -7.88 -31.03 33.27
CA ALA C 57 -8.14 -32.46 33.45
C ALA C 57 -7.06 -33.18 34.25
N ASP C 58 -7.48 -34.15 35.04
CA ASP C 58 -6.54 -34.92 35.85
C ASP C 58 -5.44 -35.59 35.04
N VAL C 59 -4.23 -35.07 35.19
CA VAL C 59 -3.09 -35.63 34.47
C VAL C 59 -2.11 -36.22 35.47
N LYS C 60 -2.12 -37.54 35.66
CA LYS C 60 -1.20 -38.13 36.63
C LYS C 60 -0.12 -39.03 36.05
N ILE C 61 0.96 -39.15 36.82
CA ILE C 61 2.09 -39.97 36.42
C ILE C 61 2.02 -41.39 36.94
N ILE C 62 1.58 -42.30 36.08
CA ILE C 62 1.50 -43.73 36.44
C ILE C 62 2.79 -44.33 35.92
N ASP C 63 3.19 -45.47 36.47
CA ASP C 63 4.41 -46.13 36.02
C ASP C 63 5.55 -45.12 36.07
N ASN C 64 6.64 -45.47 35.39
CA ASN C 64 7.84 -44.64 35.31
C ASN C 64 7.90 -44.20 33.85
N GLU C 65 6.87 -44.58 33.12
CA GLU C 65 6.79 -44.30 31.69
C GLU C 65 5.35 -44.46 31.23
N THR C 66 4.41 -43.84 31.94
CA THR C 66 3.02 -43.98 31.53
C THR C 66 2.06 -43.04 32.20
N PHE C 67 2.05 -41.76 31.83
CA PHE C 67 1.11 -40.84 32.48
C PHE C 67 -0.29 -41.12 31.98
N SER C 68 -1.28 -40.44 32.55
CA SER C 68 -2.68 -40.64 32.17
C SER C 68 -3.57 -39.39 32.21
N ILE C 69 -4.30 -39.17 31.12
CA ILE C 69 -5.18 -38.01 31.03
C ILE C 69 -6.63 -38.40 31.33
N ASP C 70 -6.98 -38.34 32.60
CA ASP C 70 -8.32 -38.70 33.06
C ASP C 70 -8.51 -40.20 33.05
N GLY C 71 -7.47 -40.94 33.44
CA GLY C 71 -7.58 -42.38 33.47
C GLY C 71 -6.96 -43.07 32.27
N LYS C 72 -7.23 -42.54 31.07
CA LYS C 72 -6.70 -43.08 29.80
C LYS C 72 -5.17 -42.98 29.81
N PRO C 73 -4.47 -44.13 29.82
CA PRO C 73 -3.01 -44.12 29.83
C PRO C 73 -2.38 -43.70 28.53
N ILE C 74 -1.12 -43.30 28.62
CA ILE C 74 -0.34 -42.90 27.46
C ILE C 74 1.10 -43.26 27.80
N LYS C 75 1.59 -44.26 27.10
CA LYS C 75 2.94 -44.76 27.28
C LYS C 75 3.86 -43.69 26.70
N VAL C 76 5.01 -43.47 27.32
CA VAL C 76 5.92 -42.46 26.82
C VAL C 76 7.35 -42.94 26.73
N VAL C 77 7.89 -42.88 25.52
CA VAL C 77 9.25 -43.31 25.30
C VAL C 77 10.07 -42.12 24.86
N SER C 78 11.37 -42.33 24.74
CA SER C 78 12.26 -41.26 24.33
C SER C 78 13.55 -41.76 23.67
N ASN C 79 13.76 -41.32 22.43
CA ASN C 79 14.96 -41.64 21.68
C ASN C 79 14.99 -40.84 20.41
N ARG C 80 16.12 -40.17 20.17
CA ARG C 80 16.27 -39.35 18.99
C ARG C 80 16.21 -40.13 17.69
N ASP C 81 16.53 -41.43 17.75
CA ASP C 81 16.55 -42.27 16.55
C ASP C 81 15.30 -43.10 16.35
N PRO C 82 14.33 -42.59 15.56
CA PRO C 82 13.07 -43.30 15.31
C PRO C 82 13.21 -44.80 15.15
N LEU C 83 14.30 -45.23 14.53
CA LEU C 83 14.54 -46.65 14.32
C LEU C 83 14.41 -47.49 15.58
N LYS C 84 14.83 -46.94 16.72
CA LYS C 84 14.74 -47.67 17.98
C LYS C 84 13.33 -47.61 18.60
N LEU C 85 12.42 -46.87 17.96
CA LEU C 85 11.05 -46.73 18.45
C LEU C 85 10.22 -48.00 18.34
N PRO C 86 9.40 -48.27 19.37
CA PRO C 86 8.52 -49.44 19.46
C PRO C 86 7.22 -49.29 18.68
N TRP C 87 7.28 -48.58 17.55
CA TRP C 87 6.08 -48.39 16.74
C TRP C 87 5.38 -49.71 16.40
N ALA C 88 6.18 -50.68 15.96
CA ALA C 88 5.68 -52.01 15.60
C ALA C 88 5.17 -52.73 16.83
N GLU C 89 5.99 -52.78 17.87
CA GLU C 89 5.62 -53.43 19.11
C GLU C 89 4.24 -52.98 19.60
N LEU C 90 4.04 -51.66 19.62
CA LEU C 90 2.77 -51.07 20.07
C LEU C 90 1.71 -51.12 18.96
N GLY C 91 2.19 -51.21 17.71
CA GLY C 91 1.28 -51.28 16.59
C GLY C 91 0.71 -49.93 16.25
N ILE C 92 1.61 -48.97 16.09
CA ILE C 92 1.22 -47.61 15.77
C ILE C 92 0.72 -47.45 14.34
N ASP C 93 -0.48 -46.89 14.20
CA ASP C 93 -1.07 -46.69 12.89
C ASP C 93 -0.72 -45.33 12.28
N ILE C 94 -0.72 -44.27 13.09
CA ILE C 94 -0.36 -42.94 12.57
C ILE C 94 0.69 -42.27 13.47
N VAL C 95 1.63 -41.57 12.86
CA VAL C 95 2.65 -40.90 13.62
C VAL C 95 2.65 -39.41 13.26
N ILE C 96 2.48 -38.57 14.27
CA ILE C 96 2.49 -37.12 14.07
C ILE C 96 3.91 -36.62 14.28
N GLU C 97 4.69 -36.57 13.20
CA GLU C 97 6.07 -36.12 13.25
C GLU C 97 6.18 -34.62 13.45
N GLY C 98 6.22 -34.19 14.71
CA GLY C 98 6.31 -32.76 15.00
C GLY C 98 7.61 -32.34 15.67
N THR C 99 8.72 -32.52 14.99
CA THR C 99 10.02 -32.14 15.52
C THR C 99 10.68 -31.10 14.63
N GLY C 100 10.35 -31.13 13.34
CA GLY C 100 10.92 -30.17 12.42
C GLY C 100 12.29 -30.61 11.91
N VAL C 101 12.62 -31.85 12.19
CA VAL C 101 13.89 -32.39 11.75
C VAL C 101 13.63 -33.41 10.64
N PHE C 102 12.78 -34.38 10.95
CA PHE C 102 12.44 -35.42 9.99
C PHE C 102 11.34 -34.89 9.09
N VAL C 103 11.76 -34.21 8.02
CA VAL C 103 10.82 -33.65 7.07
C VAL C 103 11.09 -34.03 5.61
N ASP C 104 11.96 -35.03 5.42
CA ASP C 104 12.27 -35.52 4.08
C ASP C 104 11.81 -36.96 3.99
N GLY C 105 11.71 -37.48 2.77
CA GLY C 105 11.30 -38.86 2.60
C GLY C 105 12.10 -39.80 3.48
N PRO C 106 13.41 -39.92 3.26
CA PRO C 106 14.30 -40.78 4.04
C PRO C 106 14.04 -40.69 5.55
N GLY C 107 14.05 -39.46 6.06
CA GLY C 107 13.84 -39.24 7.47
C GLY C 107 12.49 -39.72 7.98
N ALA C 108 11.46 -38.92 7.77
CA ALA C 108 10.11 -39.24 8.24
C ALA C 108 9.75 -40.69 8.03
N GLY C 109 10.36 -41.30 7.02
CA GLY C 109 10.07 -42.70 6.75
C GLY C 109 10.71 -43.66 7.73
N LYS C 110 11.71 -43.18 8.46
CA LYS C 110 12.37 -44.02 9.45
C LYS C 110 11.31 -44.56 10.40
N HIS C 111 10.19 -43.85 10.49
CA HIS C 111 9.09 -44.27 11.35
C HIS C 111 8.40 -45.51 10.78
N ILE C 112 8.34 -45.59 9.46
CA ILE C 112 7.73 -46.74 8.83
C ILE C 112 8.60 -47.96 9.12
N GLN C 113 9.91 -47.79 8.93
CA GLN C 113 10.87 -48.86 9.17
C GLN C 113 10.75 -49.39 10.61
N ALA C 114 10.40 -48.51 11.54
CA ALA C 114 10.26 -48.91 12.94
C ALA C 114 8.99 -49.73 13.12
N GLY C 115 8.07 -49.61 12.18
CA GLY C 115 6.85 -50.37 12.27
C GLY C 115 5.59 -49.54 12.21
N ALA C 116 5.73 -48.29 11.75
CA ALA C 116 4.58 -47.40 11.65
C ALA C 116 3.86 -47.64 10.33
N LYS C 117 2.56 -47.42 10.33
CA LYS C 117 1.77 -47.62 9.11
C LYS C 117 1.80 -46.34 8.27
N LYS C 118 1.38 -45.21 8.86
CA LYS C 118 1.37 -43.92 8.15
C LYS C 118 1.98 -42.77 8.96
N VAL C 119 2.67 -41.86 8.25
CA VAL C 119 3.34 -40.70 8.88
C VAL C 119 2.88 -39.33 8.39
N ILE C 120 2.46 -38.47 9.32
CA ILE C 120 2.01 -37.11 9.00
C ILE C 120 3.02 -36.09 9.53
N ILE C 121 3.61 -35.29 8.64
CA ILE C 121 4.57 -34.27 9.06
C ILE C 121 3.85 -32.98 9.39
N THR C 122 4.13 -32.41 10.56
CA THR C 122 3.53 -31.14 10.97
C THR C 122 4.42 -30.00 10.50
N ALA C 123 4.67 -29.95 9.19
CA ALA C 123 5.51 -28.92 8.58
C ALA C 123 5.68 -29.23 7.10
N PRO C 124 6.30 -28.34 6.32
CA PRO C 124 6.48 -28.59 4.89
C PRO C 124 7.55 -29.64 4.68
N ALA C 125 7.36 -30.52 3.69
CA ALA C 125 8.34 -31.56 3.38
C ALA C 125 9.52 -30.95 2.64
N LYS C 126 10.71 -31.51 2.87
CA LYS C 126 11.90 -30.98 2.20
C LYS C 126 12.12 -31.72 0.90
N GLY C 127 11.47 -32.88 0.79
CA GLY C 127 11.58 -33.69 -0.41
C GLY C 127 10.77 -33.10 -1.55
N SER C 128 10.14 -33.97 -2.33
CA SER C 128 9.30 -33.56 -3.46
C SER C 128 8.29 -34.67 -3.74
N ASP C 129 8.60 -35.85 -3.22
CA ASP C 129 7.78 -37.04 -3.37
C ASP C 129 6.65 -37.10 -2.32
N ILE C 130 6.65 -36.15 -1.39
CA ILE C 130 5.65 -36.12 -0.33
C ILE C 130 4.54 -35.12 -0.61
N PRO C 131 3.28 -35.57 -0.55
CA PRO C 131 2.08 -34.77 -0.79
C PRO C 131 1.81 -33.74 0.30
N THR C 132 1.44 -32.53 -0.11
CA THR C 132 1.15 -31.48 0.85
C THR C 132 -0.35 -31.22 0.79
N TYR C 133 -1.04 -31.44 1.91
CA TYR C 133 -2.49 -31.23 1.95
C TYR C 133 -2.86 -30.06 2.84
N VAL C 134 -4.03 -29.47 2.59
CA VAL C 134 -4.48 -28.34 3.39
C VAL C 134 -5.99 -28.39 3.57
N VAL C 135 -6.44 -29.11 4.59
CA VAL C 135 -7.87 -29.25 4.86
C VAL C 135 -8.61 -27.99 4.46
N GLY C 136 -9.71 -28.17 3.75
CA GLY C 136 -10.51 -27.06 3.27
C GLY C 136 -10.27 -26.81 1.80
N VAL C 137 -9.03 -27.03 1.39
CA VAL C 137 -8.61 -26.84 0.00
C VAL C 137 -8.68 -28.15 -0.81
N ASN C 138 -7.62 -28.94 -0.70
CA ASN C 138 -7.53 -30.19 -1.45
C ASN C 138 -7.36 -31.42 -0.55
N GLU C 139 -8.24 -31.61 0.42
CA GLU C 139 -8.10 -32.76 1.29
C GLU C 139 -8.55 -34.03 0.57
N LYS C 140 -9.53 -33.90 -0.32
CA LYS C 140 -10.04 -35.04 -1.08
C LYS C 140 -8.91 -35.78 -1.77
N ASP C 141 -7.98 -35.02 -2.35
CA ASP C 141 -6.83 -35.58 -3.05
C ASP C 141 -6.10 -36.64 -2.26
N TYR C 142 -6.50 -36.89 -1.02
CA TYR C 142 -5.85 -37.94 -0.23
C TYR C 142 -6.71 -39.18 -0.12
N GLY C 143 -6.11 -40.31 -0.49
CA GLY C 143 -6.79 -41.58 -0.43
C GLY C 143 -5.77 -42.64 -0.09
N HIS C 144 -6.16 -43.60 0.76
CA HIS C 144 -5.28 -44.68 1.16
C HIS C 144 -4.52 -45.22 -0.05
N ASP C 145 -3.39 -45.89 0.21
CA ASP C 145 -2.56 -46.45 -0.87
C ASP C 145 -1.74 -45.36 -1.55
N VAL C 146 -2.22 -44.12 -1.50
CA VAL C 146 -1.52 -42.98 -2.10
C VAL C 146 -0.54 -42.40 -1.07
N ALA C 147 0.73 -42.79 -1.17
CA ALA C 147 1.77 -42.32 -0.25
C ALA C 147 1.40 -42.49 1.22
N ASN C 148 2.35 -43.02 1.99
CA ASN C 148 2.13 -43.22 3.42
C ASN C 148 2.86 -42.14 4.23
N ILE C 149 3.16 -41.03 3.56
CA ILE C 149 3.83 -39.89 4.17
C ILE C 149 3.26 -38.60 3.60
N ILE C 150 2.59 -37.82 4.45
CA ILE C 150 2.00 -36.56 4.02
C ILE C 150 2.42 -35.41 4.92
N SER C 151 2.27 -34.19 4.40
CA SER C 151 2.63 -32.94 5.11
C SER C 151 1.43 -31.99 5.19
N ASN C 152 1.07 -31.57 6.39
CA ASN C 152 -0.07 -30.67 6.56
C ASN C 152 0.35 -29.23 6.29
N ALA C 153 1.35 -29.07 5.44
CA ALA C 153 1.85 -27.75 5.06
C ALA C 153 2.40 -26.91 6.21
N SER C 154 2.27 -25.59 6.06
CA SER C 154 2.75 -24.62 7.03
C SER C 154 1.61 -23.93 7.76
N CYS C 155 1.90 -23.31 8.90
CA CYS C 155 0.88 -22.59 9.68
C CYS C 155 0.37 -21.45 8.84
N THR C 156 1.31 -20.77 8.19
CA THR C 156 1.03 -19.64 7.31
C THR C 156 0.30 -20.13 6.05
N THR C 157 0.90 -21.09 5.34
CA THR C 157 0.31 -21.65 4.14
C THR C 157 -1.10 -22.19 4.41
N ASN C 158 -1.32 -22.74 5.60
CA ASN C 158 -2.63 -23.28 5.90
C ASN C 158 -3.62 -22.17 6.24
N CYS C 159 -3.12 -20.95 6.36
CA CYS C 159 -3.98 -19.80 6.64
C CYS C 159 -4.24 -19.06 5.36
N LEU C 160 -3.25 -19.10 4.49
CA LEU C 160 -3.34 -18.43 3.22
C LEU C 160 -4.18 -19.23 2.24
N ALA C 161 -3.67 -20.39 1.84
CA ALA C 161 -4.36 -21.26 0.89
C ALA C 161 -5.87 -21.08 0.86
N PRO C 162 -6.56 -21.44 1.95
CA PRO C 162 -8.02 -21.33 2.06
C PRO C 162 -8.63 -20.10 1.40
N PHE C 163 -8.32 -18.92 1.94
CA PHE C 163 -8.88 -17.69 1.40
C PHE C 163 -8.18 -17.26 0.12
N VAL C 164 -7.06 -17.90 -0.21
CA VAL C 164 -6.35 -17.58 -1.44
C VAL C 164 -7.17 -18.22 -2.54
N LYS C 165 -7.70 -19.40 -2.23
CA LYS C 165 -8.53 -20.14 -3.16
C LYS C 165 -9.73 -19.26 -3.51
N VAL C 166 -10.65 -19.09 -2.56
CA VAL C 166 -11.83 -18.28 -2.79
C VAL C 166 -11.53 -17.03 -3.63
N LEU C 167 -10.34 -16.45 -3.47
CA LEU C 167 -9.98 -15.26 -4.25
C LEU C 167 -9.88 -15.59 -5.74
N ASP C 168 -9.00 -16.53 -6.08
CA ASP C 168 -8.78 -16.96 -7.48
C ASP C 168 -10.00 -17.66 -8.10
N GLU C 169 -10.58 -18.58 -7.34
CA GLU C 169 -11.74 -19.37 -7.75
C GLU C 169 -13.03 -18.55 -7.94
N GLU C 170 -13.01 -17.27 -7.58
CA GLU C 170 -14.17 -16.39 -7.71
C GLU C 170 -13.79 -14.95 -7.95
N LEU C 171 -12.68 -14.73 -8.65
CA LEU C 171 -12.22 -13.38 -8.95
C LEU C 171 -11.00 -13.44 -9.85
N GLY C 172 -10.33 -14.59 -9.84
CA GLY C 172 -9.14 -14.80 -10.66
C GLY C 172 -7.90 -14.04 -10.23
N ILE C 173 -6.97 -14.74 -9.59
CA ILE C 173 -5.75 -14.10 -9.10
C ILE C 173 -4.65 -14.03 -10.16
N VAL C 174 -4.35 -12.81 -10.62
CA VAL C 174 -3.32 -12.60 -11.61
C VAL C 174 -2.00 -13.00 -11.00
N LYS C 175 -1.69 -12.37 -9.88
CA LYS C 175 -0.46 -12.61 -9.15
C LYS C 175 -0.34 -11.53 -8.09
N GLY C 176 0.44 -11.81 -7.04
CA GLY C 176 0.59 -10.81 -6.00
C GLY C 176 1.62 -11.18 -4.95
N THR C 177 1.97 -10.20 -4.13
CA THR C 177 2.94 -10.40 -3.06
C THR C 177 2.18 -10.51 -1.73
N MET C 178 2.92 -10.76 -0.67
CA MET C 178 2.33 -10.91 0.66
C MET C 178 3.38 -10.84 1.75
N THR C 179 2.95 -10.44 2.94
CA THR C 179 3.80 -10.31 4.11
C THR C 179 3.05 -10.95 5.27
N THR C 180 3.78 -11.31 6.31
CA THR C 180 3.12 -11.91 7.44
C THR C 180 3.78 -11.51 8.75
N THR C 181 3.07 -10.68 9.51
CA THR C 181 3.54 -10.23 10.81
C THR C 181 3.27 -11.47 11.66
N HIS C 182 4.35 -12.17 11.98
CA HIS C 182 4.29 -13.43 12.71
C HIS C 182 4.87 -13.45 14.12
N SER C 183 4.12 -14.10 15.00
CA SER C 183 4.51 -14.28 16.39
C SER C 183 5.82 -15.02 16.38
N TYR C 184 6.77 -14.63 17.22
CA TYR C 184 8.05 -15.32 17.24
C TYR C 184 7.87 -16.80 17.53
N THR C 185 8.88 -17.61 17.18
CA THR C 185 8.84 -19.06 17.40
C THR C 185 10.13 -19.72 17.90
N GLY C 186 9.96 -20.90 18.48
CA GLY C 186 11.09 -21.65 19.02
C GLY C 186 12.39 -21.62 18.25
N ASP C 187 12.34 -21.51 16.92
CA ASP C 187 13.57 -21.51 16.13
C ASP C 187 14.35 -20.23 16.25
N GLN C 188 13.81 -19.27 16.99
CA GLN C 188 14.50 -18.00 17.17
C GLN C 188 15.30 -17.98 18.45
N ARG C 189 16.33 -17.15 18.49
CA ARG C 189 17.16 -17.05 19.67
C ARG C 189 16.45 -16.19 20.71
N LEU C 190 16.68 -16.45 21.98
CA LEU C 190 16.06 -15.65 23.03
C LEU C 190 16.82 -14.36 23.15
N LEU C 191 18.14 -14.47 23.06
CA LEU C 191 19.01 -13.33 23.09
C LEU C 191 20.02 -13.54 21.99
N ASP C 192 20.54 -12.45 21.44
CA ASP C 192 21.50 -12.51 20.35
C ASP C 192 22.59 -13.59 20.50
N ALA C 193 22.42 -14.70 19.80
CA ALA C 193 23.40 -15.79 19.84
C ALA C 193 23.53 -16.47 18.47
N SER C 194 24.58 -17.27 18.29
CA SER C 194 24.81 -17.94 17.02
C SER C 194 23.60 -18.69 16.47
N HIS C 195 23.35 -18.50 15.19
CA HIS C 195 22.24 -19.15 14.51
C HIS C 195 22.44 -19.02 12.99
N ARG C 196 22.23 -20.11 12.25
CA ARG C 196 22.43 -20.11 10.81
C ARG C 196 21.80 -18.97 10.01
N ASP C 197 20.85 -18.28 10.62
CA ASP C 197 20.16 -17.15 9.98
C ASP C 197 20.32 -15.92 10.87
N LEU C 198 21.28 -15.07 10.55
CA LEU C 198 21.57 -13.89 11.35
C LEU C 198 20.41 -12.96 11.69
N ARG C 199 19.19 -13.40 11.38
CA ARG C 199 18.03 -12.59 11.69
C ARG C 199 17.35 -13.29 12.87
N ARG C 200 17.25 -14.61 12.77
CA ARG C 200 16.64 -15.39 13.83
C ARG C 200 17.57 -15.42 15.02
N ALA C 201 18.83 -15.09 14.78
CA ALA C 201 19.83 -15.07 15.85
C ALA C 201 19.66 -13.87 16.74
N ARG C 202 18.70 -12.99 16.42
CA ARG C 202 18.51 -11.80 17.23
C ARG C 202 17.35 -11.98 18.19
N ALA C 203 17.47 -11.34 19.34
CA ALA C 203 16.47 -11.43 20.41
C ALA C 203 15.07 -11.49 19.88
N ALA C 204 14.54 -12.70 19.79
CA ALA C 204 13.19 -12.88 19.28
C ALA C 204 12.18 -11.92 19.91
N ALA C 205 12.41 -11.59 21.18
CA ALA C 205 11.49 -10.74 21.94
C ALA C 205 11.65 -9.24 21.84
N LEU C 206 12.69 -8.75 21.21
CA LEU C 206 12.84 -7.30 21.15
C LEU C 206 13.14 -6.76 19.78
N ASN C 207 12.75 -7.49 18.75
CA ASN C 207 12.98 -7.02 17.39
C ASN C 207 11.88 -7.40 16.44
N ILE C 208 11.75 -6.63 15.37
CA ILE C 208 10.82 -6.98 14.31
C ILE C 208 11.86 -7.72 13.48
N VAL C 209 11.66 -9.01 13.22
CA VAL C 209 12.66 -9.78 12.49
C VAL C 209 12.24 -10.38 11.16
N PRO C 210 12.80 -9.85 10.07
CA PRO C 210 12.52 -10.26 8.69
C PRO C 210 13.20 -11.59 8.42
N THR C 211 12.44 -12.56 7.92
CA THR C 211 13.01 -13.86 7.59
C THR C 211 12.24 -14.48 6.47
N SER C 212 12.97 -14.99 5.49
CA SER C 212 12.35 -15.62 4.35
C SER C 212 11.27 -16.62 4.78
N THR C 213 10.44 -16.99 3.81
CA THR C 213 9.38 -17.97 4.04
C THR C 213 8.86 -18.52 2.71
N GLY C 214 8.80 -19.84 2.63
CA GLY C 214 8.31 -20.49 1.42
C GLY C 214 6.80 -20.56 1.46
N ALA C 215 6.23 -20.46 2.66
CA ALA C 215 4.79 -20.53 2.85
C ALA C 215 4.03 -19.92 1.68
N ALA C 216 4.64 -18.93 1.04
CA ALA C 216 4.04 -18.24 -0.10
C ALA C 216 4.02 -19.14 -1.34
N LYS C 217 5.21 -19.58 -1.76
CA LYS C 217 5.31 -20.45 -2.94
C LYS C 217 4.48 -21.72 -2.74
N ALA C 218 4.73 -22.42 -1.64
CA ALA C 218 4.03 -23.66 -1.32
C ALA C 218 2.51 -23.61 -1.51
N VAL C 219 1.92 -22.43 -1.60
CA VAL C 219 0.48 -22.37 -1.81
C VAL C 219 0.17 -23.23 -3.03
N SER C 220 1.01 -23.11 -4.04
CA SER C 220 0.84 -23.86 -5.29
C SER C 220 0.66 -25.35 -5.02
N LEU C 221 1.52 -25.91 -4.18
CA LEU C 221 1.48 -27.33 -3.84
C LEU C 221 0.04 -27.84 -3.66
N VAL C 222 -0.87 -26.94 -3.26
CA VAL C 222 -2.28 -27.30 -3.08
C VAL C 222 -3.16 -26.60 -4.10
N LEU C 223 -2.67 -25.46 -4.59
CA LEU C 223 -3.39 -24.70 -5.60
C LEU C 223 -2.45 -24.50 -6.78
N PRO C 224 -2.28 -25.56 -7.61
CA PRO C 224 -1.40 -25.51 -8.78
C PRO C 224 -1.58 -24.26 -9.65
N GLN C 225 -2.82 -23.93 -9.97
CA GLN C 225 -3.12 -22.76 -10.79
C GLN C 225 -2.28 -21.51 -10.47
N LEU C 226 -1.89 -21.36 -9.20
CA LEU C 226 -1.11 -20.19 -8.79
C LEU C 226 0.39 -20.40 -8.91
N LYS C 227 0.81 -21.65 -9.10
CA LYS C 227 2.23 -21.98 -9.18
C LYS C 227 3.12 -20.84 -9.70
N GLY C 228 3.99 -20.35 -8.82
CA GLY C 228 4.92 -19.28 -9.20
C GLY C 228 4.33 -17.90 -9.38
N LYS C 229 3.21 -17.63 -8.71
CA LYS C 229 2.56 -16.32 -8.81
C LYS C 229 2.53 -15.52 -7.48
N LEU C 230 2.51 -16.24 -6.36
CA LEU C 230 2.51 -15.61 -5.06
C LEU C 230 3.96 -15.53 -4.60
N ASN C 231 4.18 -15.04 -3.39
CA ASN C 231 5.52 -14.90 -2.81
C ASN C 231 5.55 -13.83 -1.71
N GLY C 232 6.60 -13.85 -0.89
CA GLY C 232 6.69 -12.85 0.15
C GLY C 232 7.69 -13.11 1.26
N ILE C 233 7.68 -12.22 2.26
CA ILE C 233 8.57 -12.33 3.39
C ILE C 233 7.75 -12.59 4.65
N ALA C 234 8.38 -12.41 5.80
CA ALA C 234 7.73 -12.60 7.09
C ALA C 234 8.44 -11.73 8.12
N LEU C 235 7.68 -11.22 9.07
CA LEU C 235 8.24 -10.37 10.11
C LEU C 235 7.92 -10.87 11.50
N ARG C 236 8.97 -11.21 12.25
CA ARG C 236 8.77 -11.69 13.60
C ARG C 236 8.66 -10.53 14.57
N VAL C 237 7.58 -10.52 15.33
CA VAL C 237 7.35 -9.47 16.29
C VAL C 237 7.03 -10.03 17.66
N PRO C 238 7.55 -9.40 18.70
CA PRO C 238 7.37 -9.76 20.10
C PRO C 238 5.97 -10.14 20.53
N THR C 239 5.45 -11.24 20.02
CA THR C 239 4.12 -11.71 20.37
C THR C 239 4.13 -13.26 20.31
N PRO C 240 4.20 -13.93 21.47
CA PRO C 240 4.24 -15.38 21.60
C PRO C 240 3.27 -16.22 20.78
N ASN C 241 2.22 -15.62 20.23
CA ASN C 241 1.29 -16.42 19.46
C ASN C 241 0.19 -15.63 18.78
N VAL C 242 -0.34 -16.18 17.69
CA VAL C 242 -1.39 -15.54 16.88
C VAL C 242 -0.76 -14.57 15.89
N SER C 243 -0.94 -14.82 14.60
CA SER C 243 -0.34 -13.93 13.61
C SER C 243 -1.28 -13.45 12.53
N VAL C 244 -0.78 -12.58 11.67
CA VAL C 244 -1.59 -12.01 10.61
C VAL C 244 -0.90 -11.97 9.26
N VAL C 245 -1.64 -12.25 8.19
CA VAL C 245 -1.09 -12.21 6.84
C VAL C 245 -1.61 -10.98 6.08
N ASP C 246 -0.73 -10.41 5.27
CA ASP C 246 -1.05 -9.23 4.50
C ASP C 246 -0.89 -9.51 2.99
N LEU C 247 -1.92 -10.10 2.39
CA LEU C 247 -1.91 -10.44 0.96
C LEU C 247 -2.29 -9.28 0.02
N VAL C 248 -1.49 -9.10 -1.02
CA VAL C 248 -1.72 -8.03 -1.98
C VAL C 248 -1.64 -8.52 -3.42
N VAL C 249 -2.70 -9.16 -3.90
CA VAL C 249 -2.71 -9.66 -5.27
C VAL C 249 -3.61 -8.81 -6.17
N ASN C 250 -3.08 -8.26 -7.27
CA ASN C 250 -3.96 -7.50 -8.13
C ASN C 250 -4.74 -8.50 -8.99
N ILE C 251 -6.05 -8.52 -8.75
CA ILE C 251 -7.01 -9.40 -9.40
C ILE C 251 -7.04 -9.31 -10.92
N GLU C 252 -7.71 -10.29 -11.51
CA GLU C 252 -7.85 -10.40 -12.94
C GLU C 252 -9.22 -9.85 -13.33
N LYS C 253 -10.22 -10.21 -12.52
CA LYS C 253 -11.57 -9.77 -12.77
C LYS C 253 -11.71 -8.25 -12.83
N VAL C 254 -12.90 -7.83 -13.28
CA VAL C 254 -13.32 -6.44 -13.45
C VAL C 254 -12.56 -5.33 -12.71
N GLY C 255 -13.02 -5.08 -11.48
CA GLY C 255 -12.46 -4.06 -10.62
C GLY C 255 -13.52 -3.92 -9.53
N VAL C 256 -13.87 -5.06 -8.94
CA VAL C 256 -14.88 -5.11 -7.89
C VAL C 256 -14.55 -4.18 -6.73
N THR C 257 -15.51 -4.00 -5.82
CA THR C 257 -15.29 -3.12 -4.67
C THR C 257 -14.85 -3.93 -3.48
N ALA C 258 -14.55 -3.20 -2.41
CA ALA C 258 -14.13 -3.81 -1.17
C ALA C 258 -15.16 -4.81 -0.63
N GLU C 259 -16.10 -4.30 0.18
CA GLU C 259 -17.13 -5.11 0.81
C GLU C 259 -17.75 -6.26 0.01
N ASP C 260 -17.54 -6.33 -1.30
CA ASP C 260 -18.09 -7.45 -2.03
C ASP C 260 -17.05 -8.57 -2.00
N VAL C 261 -15.76 -8.20 -2.11
CA VAL C 261 -14.69 -9.19 -2.05
C VAL C 261 -15.02 -9.98 -0.79
N ASN C 262 -15.22 -9.24 0.30
CA ASN C 262 -15.56 -9.81 1.59
C ASN C 262 -16.70 -10.83 1.43
N ASN C 263 -17.84 -10.35 0.98
CA ASN C 263 -19.00 -11.22 0.79
C ASN C 263 -18.65 -12.59 0.22
N ALA C 264 -17.66 -12.64 -0.67
CA ALA C 264 -17.25 -13.90 -1.26
C ALA C 264 -16.83 -14.82 -0.14
N PHE C 265 -15.95 -14.29 0.71
CA PHE C 265 -15.47 -15.02 1.86
C PHE C 265 -16.69 -15.42 2.66
N ARG C 266 -17.37 -14.40 3.19
CA ARG C 266 -18.58 -14.61 3.99
C ARG C 266 -19.43 -15.73 3.42
N LYS C 267 -19.54 -15.76 2.09
CA LYS C 267 -20.33 -16.77 1.39
C LYS C 267 -19.65 -18.13 1.50
N ALA C 268 -18.41 -18.19 1.00
CA ALA C 268 -17.63 -19.41 1.03
C ALA C 268 -17.26 -19.79 2.47
N ALA C 269 -17.53 -18.87 3.39
CA ALA C 269 -17.20 -19.09 4.80
C ALA C 269 -18.24 -19.95 5.51
N ALA C 270 -19.51 -19.57 5.39
CA ALA C 270 -20.58 -20.33 6.02
C ALA C 270 -21.00 -21.47 5.10
N GLY C 271 -20.30 -21.62 3.98
CA GLY C 271 -20.64 -22.66 3.03
C GLY C 271 -19.68 -23.83 2.97
N PRO C 272 -18.76 -23.85 1.97
CA PRO C 272 -17.77 -24.90 1.78
C PRO C 272 -16.63 -24.87 2.80
N LEU C 273 -16.35 -23.68 3.32
CA LEU C 273 -15.27 -23.49 4.29
C LEU C 273 -15.76 -23.28 5.72
N LYS C 274 -16.94 -23.81 6.02
CA LYS C 274 -17.53 -23.73 7.36
C LYS C 274 -16.68 -24.56 8.34
N GLY C 275 -15.74 -23.89 9.00
CA GLY C 275 -14.86 -24.56 9.93
C GLY C 275 -13.42 -24.19 9.62
N VAL C 276 -13.20 -23.65 8.42
CA VAL C 276 -11.87 -23.25 7.99
C VAL C 276 -11.77 -21.75 7.87
N LEU C 277 -12.61 -21.16 7.02
CA LEU C 277 -12.58 -19.71 6.86
C LEU C 277 -13.66 -19.06 7.72
N ASP C 278 -13.58 -17.75 7.83
CA ASP C 278 -14.53 -16.99 8.62
C ASP C 278 -14.18 -15.51 8.55
N VAL C 279 -15.19 -14.66 8.71
CA VAL C 279 -14.93 -13.24 8.67
C VAL C 279 -15.49 -12.54 9.90
N CYS C 280 -14.59 -11.84 10.60
CA CYS C 280 -14.91 -11.13 11.81
C CYS C 280 -14.93 -9.65 11.51
N ASP C 281 -16.12 -9.07 11.62
CA ASP C 281 -16.37 -7.65 11.33
C ASP C 281 -16.02 -6.73 12.50
N ILE C 282 -16.06 -7.30 13.70
CA ILE C 282 -15.76 -6.57 14.92
C ILE C 282 -14.26 -6.36 15.09
N PRO C 283 -13.83 -5.10 15.18
CA PRO C 283 -12.43 -4.70 15.34
C PRO C 283 -11.79 -5.19 16.64
N LEU C 284 -10.95 -6.22 16.52
CA LEU C 284 -10.29 -6.79 17.68
C LEU C 284 -8.80 -6.69 17.44
N VAL C 285 -8.04 -7.45 18.24
CA VAL C 285 -6.59 -7.50 18.11
C VAL C 285 -6.12 -8.91 18.33
N SER C 286 -4.91 -9.21 17.87
CA SER C 286 -4.32 -10.54 17.99
C SER C 286 -4.84 -11.38 19.16
N VAL C 287 -4.56 -10.95 20.38
CA VAL C 287 -4.97 -11.70 21.56
C VAL C 287 -6.40 -12.22 21.56
N ASP C 288 -7.24 -11.66 20.72
CA ASP C 288 -8.62 -12.10 20.66
C ASP C 288 -8.80 -13.34 19.78
N PHE C 289 -7.73 -13.79 19.17
CA PHE C 289 -7.83 -14.96 18.31
C PHE C 289 -7.16 -16.20 18.92
N ARG C 290 -6.71 -16.08 20.16
CA ARG C 290 -6.10 -17.22 20.84
C ARG C 290 -7.14 -18.34 20.75
N CYS C 291 -6.68 -19.59 20.68
CA CYS C 291 -7.59 -20.73 20.60
C CYS C 291 -8.70 -20.59 19.54
N SER C 292 -8.33 -20.20 18.32
CA SER C 292 -9.30 -20.04 17.23
C SER C 292 -9.29 -21.26 16.32
N ASP C 293 -10.41 -21.97 16.26
CA ASP C 293 -10.51 -23.17 15.44
C ASP C 293 -10.50 -22.93 13.93
N PHE C 294 -10.62 -21.67 13.51
CA PHE C 294 -10.61 -21.37 12.08
C PHE C 294 -9.19 -21.26 11.54
N SER C 295 -8.92 -21.93 10.43
CA SER C 295 -7.60 -21.91 9.82
C SER C 295 -7.26 -20.52 9.29
N SER C 296 -8.27 -19.65 9.24
CA SER C 296 -8.05 -18.30 8.74
C SER C 296 -9.27 -17.42 9.00
N THR C 297 -9.02 -16.20 9.45
CA THR C 297 -10.08 -15.24 9.74
C THR C 297 -9.74 -13.88 9.11
N ILE C 298 -10.64 -13.34 8.30
CA ILE C 298 -10.36 -12.06 7.64
C ILE C 298 -10.90 -10.88 8.41
N ASP C 299 -10.09 -9.83 8.52
CA ASP C 299 -10.52 -8.64 9.24
C ASP C 299 -11.27 -7.81 8.22
N SER C 300 -12.60 -7.95 8.25
CA SER C 300 -13.49 -7.26 7.34
C SER C 300 -13.06 -5.83 7.08
N SER C 301 -13.17 -5.02 8.13
CA SER C 301 -12.80 -3.62 8.07
C SER C 301 -11.38 -3.32 7.54
N LEU C 302 -10.55 -4.33 7.37
CA LEU C 302 -9.19 -4.11 6.89
C LEU C 302 -9.05 -4.31 5.38
N THR C 303 -9.91 -5.14 4.81
CA THR C 303 -9.86 -5.41 3.37
C THR C 303 -10.05 -4.12 2.62
N MET C 304 -9.39 -4.01 1.45
CA MET C 304 -9.52 -2.80 0.65
C MET C 304 -8.90 -2.93 -0.73
N VAL C 305 -9.73 -2.70 -1.76
CA VAL C 305 -9.29 -2.76 -3.14
C VAL C 305 -8.78 -1.37 -3.51
N MET C 306 -7.66 -1.30 -4.22
CA MET C 306 -7.10 0.00 -4.58
C MET C 306 -7.45 0.48 -5.98
N GLY C 307 -6.72 0.00 -6.97
CA GLY C 307 -6.99 0.44 -8.34
C GLY C 307 -7.90 -0.47 -9.15
N GLY C 308 -9.02 -0.87 -8.55
CA GLY C 308 -9.95 -1.75 -9.25
C GLY C 308 -9.40 -3.16 -9.40
N ASP C 309 -8.13 -3.27 -9.80
CA ASP C 309 -7.51 -4.59 -9.98
C ASP C 309 -6.77 -5.09 -8.74
N MET C 310 -6.14 -4.19 -7.99
CA MET C 310 -5.38 -4.57 -6.79
C MET C 310 -6.20 -4.74 -5.52
N VAL C 311 -6.31 -5.98 -5.04
CA VAL C 311 -7.06 -6.28 -3.82
C VAL C 311 -6.06 -6.52 -2.71
N LYS C 312 -6.45 -6.17 -1.47
CA LYS C 312 -5.59 -6.36 -0.30
C LYS C 312 -6.42 -6.94 0.82
N VAL C 313 -5.93 -8.03 1.38
CA VAL C 313 -6.63 -8.70 2.47
C VAL C 313 -5.70 -8.90 3.66
N VAL C 314 -6.30 -9.13 4.82
CA VAL C 314 -5.56 -9.35 6.06
C VAL C 314 -6.30 -10.45 6.81
N ALA C 315 -5.57 -11.48 7.17
CA ALA C 315 -6.21 -12.58 7.86
C ALA C 315 -5.57 -12.86 9.21
N TRP C 316 -6.39 -13.39 10.13
CA TRP C 316 -5.94 -13.74 11.47
C TRP C 316 -5.92 -15.25 11.66
N TYR C 317 -4.83 -15.77 12.23
CA TYR C 317 -4.72 -17.21 12.47
C TYR C 317 -3.82 -17.54 13.66
N ASP C 318 -4.31 -18.41 14.53
CA ASP C 318 -3.52 -18.82 15.68
C ASP C 318 -2.56 -19.86 15.12
N ASN C 319 -1.28 -19.54 15.06
CA ASN C 319 -0.32 -20.49 14.51
C ASN C 319 -0.16 -21.79 15.29
N GLU C 320 -0.35 -21.75 16.60
CA GLU C 320 -0.22 -22.98 17.38
C GLU C 320 -1.48 -23.81 17.31
N TRP C 321 -2.52 -23.31 17.95
CA TRP C 321 -3.81 -23.98 17.99
C TRP C 321 -4.41 -24.31 16.62
N GLY C 322 -4.70 -23.28 15.82
CA GLY C 322 -5.27 -23.50 14.51
C GLY C 322 -4.65 -24.67 13.74
N TYR C 323 -3.37 -24.52 13.40
CA TYR C 323 -2.64 -25.54 12.69
C TYR C 323 -2.84 -26.91 13.35
N SER C 324 -2.57 -26.96 14.66
CA SER C 324 -2.73 -28.19 15.41
C SER C 324 -4.12 -28.75 15.22
N GLN C 325 -5.12 -27.88 15.13
CA GLN C 325 -6.48 -28.35 14.93
C GLN C 325 -6.65 -28.97 13.54
N ARG C 326 -6.01 -28.38 12.52
CA ARG C 326 -6.09 -28.93 11.17
C ARG C 326 -5.36 -30.26 11.20
N VAL C 327 -4.18 -30.26 11.80
CA VAL C 327 -3.38 -31.46 11.90
C VAL C 327 -4.19 -32.61 12.51
N VAL C 328 -5.21 -32.30 13.29
CA VAL C 328 -6.04 -33.36 13.88
C VAL C 328 -7.17 -33.72 12.91
N ASP C 329 -7.47 -32.81 11.99
CA ASP C 329 -8.49 -33.04 11.00
C ASP C 329 -7.85 -33.90 9.91
N LEU C 330 -6.62 -33.56 9.54
CA LEU C 330 -5.87 -34.30 8.53
C LEU C 330 -5.53 -35.70 9.00
N ALA C 331 -5.48 -35.89 10.30
CA ALA C 331 -5.18 -37.22 10.84
C ALA C 331 -6.53 -37.88 11.04
N ASP C 332 -7.57 -37.07 11.09
CA ASP C 332 -8.93 -37.57 11.25
C ASP C 332 -9.34 -38.14 9.88
N LEU C 333 -8.82 -37.52 8.83
CA LEU C 333 -9.12 -37.94 7.46
C LEU C 333 -8.56 -39.34 7.28
N VAL C 334 -7.24 -39.44 7.33
CA VAL C 334 -6.54 -40.71 7.18
C VAL C 334 -7.36 -41.87 7.73
N ALA C 335 -7.94 -41.69 8.91
CA ALA C 335 -8.73 -42.73 9.57
C ALA C 335 -10.09 -42.95 8.93
N ASN C 336 -10.71 -41.90 8.40
CA ASN C 336 -12.01 -42.05 7.77
C ASN C 336 -11.89 -42.68 6.38
N LYS C 337 -10.68 -42.70 5.84
CA LYS C 337 -10.42 -43.28 4.53
C LYS C 337 -9.47 -44.44 4.72
N TRP C 338 -9.71 -45.22 5.76
CA TRP C 338 -8.85 -46.37 6.07
C TRP C 338 -9.63 -47.69 5.95
N PRO C 339 -9.01 -48.71 5.34
CA PRO C 339 -9.59 -50.05 5.14
C PRO C 339 -10.47 -50.51 6.31
N GLY C 340 -11.61 -51.08 5.97
CA GLY C 340 -12.57 -51.52 6.96
C GLY C 340 -13.86 -51.06 6.29
N LEU C 341 -13.67 -50.57 5.07
CA LEU C 341 -14.72 -50.08 4.19
C LEU C 341 -14.54 -50.82 2.84
N GLU C 342 -14.24 -50.08 1.76
CA GLU C 342 -14.06 -50.70 0.45
C GLU C 342 -12.90 -51.70 0.45
N CYS C 364 27.25 -29.83 9.46
CA CYS C 364 26.61 -28.60 9.04
C CYS C 364 25.12 -28.64 9.33
N LYS C 365 24.79 -29.43 10.35
CA LYS C 365 23.41 -29.54 10.82
C LYS C 365 23.41 -28.45 11.91
N LEU C 366 22.92 -27.26 11.57
CA LEU C 366 22.92 -26.13 12.50
C LEU C 366 21.61 -25.75 13.20
N TYR C 367 21.42 -24.45 13.40
CA TYR C 367 20.25 -23.86 14.08
C TYR C 367 20.71 -23.38 15.47
N GLU C 368 20.82 -24.30 16.44
CA GLU C 368 21.25 -23.97 17.81
C GLU C 368 22.76 -23.70 17.94
N LYS D 1 -30.60 -9.93 46.16
CA LYS D 1 -31.40 -9.18 47.19
C LYS D 1 -30.85 -7.76 47.41
N LEU D 2 -29.56 -7.59 47.09
CA LEU D 2 -28.84 -6.31 47.25
C LEU D 2 -28.43 -5.61 45.95
N LYS D 3 -29.09 -4.49 45.64
CA LYS D 3 -28.78 -3.74 44.42
C LYS D 3 -27.39 -3.11 44.45
N VAL D 4 -26.59 -3.39 43.42
CA VAL D 4 -25.22 -2.88 43.33
C VAL D 4 -24.95 -1.97 42.12
N ALA D 5 -24.01 -1.06 42.29
CA ALA D 5 -23.63 -0.13 41.23
C ALA D 5 -22.10 -0.11 41.08
N ILE D 6 -21.62 -0.40 39.88
CA ILE D 6 -20.20 -0.42 39.63
C ILE D 6 -19.76 0.92 39.07
N ASN D 7 -18.96 1.62 39.85
CA ASN D 7 -18.45 2.91 39.40
C ASN D 7 -16.98 2.79 39.12
N GLY D 8 -16.61 2.94 37.85
CA GLY D 8 -15.22 2.81 37.46
C GLY D 8 -15.04 1.44 36.82
N PHE D 9 -15.68 1.27 35.67
CA PHE D 9 -15.65 0.02 34.94
C PHE D 9 -14.27 -0.20 34.31
N GLY D 10 -13.24 -0.16 35.15
CA GLY D 10 -11.89 -0.37 34.67
C GLY D 10 -11.52 -1.84 34.83
N ARG D 11 -10.25 -2.11 35.08
CA ARG D 11 -9.81 -3.49 35.25
C ARG D 11 -10.49 -4.19 36.42
N ILE D 12 -10.53 -3.54 37.58
CA ILE D 12 -11.17 -4.18 38.72
C ILE D 12 -12.67 -4.12 38.57
N GLY D 13 -13.14 -3.13 37.82
CA GLY D 13 -14.56 -3.00 37.61
C GLY D 13 -15.08 -4.20 36.84
N ARG D 14 -14.43 -4.52 35.74
CA ARG D 14 -14.83 -5.62 34.90
C ARG D 14 -14.43 -6.95 35.50
N ASN D 15 -13.19 -7.06 35.98
CA ASN D 15 -12.69 -8.31 36.60
C ASN D 15 -13.68 -8.73 37.70
N PHE D 16 -14.35 -7.74 38.26
CA PHE D 16 -15.35 -7.94 39.32
C PHE D 16 -16.66 -8.46 38.73
N LEU D 17 -17.24 -7.68 37.82
CA LEU D 17 -18.50 -8.03 37.19
C LEU D 17 -18.46 -9.49 36.78
N ARG D 18 -17.37 -9.87 36.11
CA ARG D 18 -17.21 -11.23 35.64
C ARG D 18 -17.01 -12.17 36.80
N CYS D 19 -16.19 -11.76 37.76
CA CYS D 19 -15.97 -12.59 38.93
C CYS D 19 -17.32 -12.96 39.52
N TRP D 20 -18.23 -12.00 39.46
CA TRP D 20 -19.59 -12.15 39.97
C TRP D 20 -20.41 -13.13 39.16
N HIS D 21 -20.51 -12.89 37.85
CA HIS D 21 -21.28 -13.75 36.98
C HIS D 21 -21.04 -15.24 37.26
N GLY D 22 -19.84 -15.56 37.72
CA GLY D 22 -19.50 -16.95 38.00
C GLY D 22 -19.97 -17.52 39.33
N ARG D 23 -20.39 -16.64 40.23
CA ARG D 23 -20.85 -17.07 41.54
C ARG D 23 -22.27 -17.61 41.45
N LYS D 24 -22.57 -18.57 42.33
CA LYS D 24 -23.90 -19.18 42.37
C LYS D 24 -24.77 -18.61 43.50
N ASP D 25 -25.95 -18.10 43.11
CA ASP D 25 -26.89 -17.50 44.06
C ASP D 25 -26.17 -16.38 44.80
N SER D 26 -25.92 -15.30 44.08
CA SER D 26 -25.20 -14.14 44.63
C SER D 26 -26.09 -13.05 45.22
N PRO D 27 -25.98 -12.83 46.54
CA PRO D 27 -26.76 -11.81 47.24
C PRO D 27 -26.60 -10.45 46.53
N LEU D 28 -25.60 -10.37 45.67
CA LEU D 28 -25.33 -9.16 44.91
C LEU D 28 -26.13 -9.14 43.61
N ASP D 29 -26.38 -7.93 43.12
CA ASP D 29 -27.09 -7.75 41.85
C ASP D 29 -26.69 -6.43 41.21
N VAL D 30 -25.90 -6.53 40.15
CA VAL D 30 -25.46 -5.35 39.42
C VAL D 30 -26.59 -4.84 38.56
N VAL D 31 -26.79 -3.53 38.56
CA VAL D 31 -27.87 -2.90 37.80
C VAL D 31 -27.44 -1.71 36.97
N VAL D 32 -26.41 -1.01 37.45
CA VAL D 32 -25.93 0.16 36.76
C VAL D 32 -24.41 0.18 36.75
N ILE D 33 -23.86 0.70 35.66
CA ILE D 33 -22.42 0.81 35.51
C ILE D 33 -22.06 2.24 35.08
N ASN D 34 -21.14 2.85 35.80
CA ASN D 34 -20.74 4.19 35.45
C ASN D 34 -19.26 4.26 35.13
N ASP D 35 -18.97 4.66 33.91
CA ASP D 35 -17.60 4.80 33.46
C ASP D 35 -17.58 5.84 32.35
N THR D 36 -16.49 6.58 32.28
CA THR D 36 -16.30 7.64 31.31
C THR D 36 -16.60 7.17 29.88
N GLY D 37 -16.62 5.84 29.71
CA GLY D 37 -16.88 5.27 28.39
C GLY D 37 -18.33 4.95 28.01
N GLY D 38 -18.61 5.08 26.72
CA GLY D 38 -19.94 4.82 26.19
C GLY D 38 -20.36 3.36 26.24
N VAL D 39 -21.61 3.09 25.92
CA VAL D 39 -22.12 1.72 25.95
C VAL D 39 -21.24 0.81 25.09
N LYS D 40 -20.71 1.35 23.99
CA LYS D 40 -19.84 0.56 23.13
C LYS D 40 -18.69 0.04 24.00
N GLN D 41 -17.91 0.99 24.50
CA GLN D 41 -16.77 0.72 25.36
C GLN D 41 -17.03 -0.31 26.44
N ALA D 42 -18.16 -0.18 27.14
CA ALA D 42 -18.49 -1.10 28.22
C ALA D 42 -18.71 -2.51 27.71
N SER D 43 -19.40 -2.62 26.58
CA SER D 43 -19.67 -3.92 25.98
C SER D 43 -18.36 -4.60 25.59
N HIS D 44 -17.76 -4.10 24.51
CA HIS D 44 -16.51 -4.60 23.96
C HIS D 44 -15.56 -5.17 25.04
N LEU D 45 -15.04 -4.28 25.85
CA LEU D 45 -14.12 -4.64 26.92
C LEU D 45 -14.63 -5.60 27.98
N LEU D 46 -15.93 -5.77 28.09
CA LEU D 46 -16.42 -6.73 29.07
C LEU D 46 -16.35 -8.11 28.40
N LYS D 47 -16.50 -8.08 27.06
CA LYS D 47 -16.48 -9.29 26.23
C LYS D 47 -15.08 -9.74 25.84
N TYR D 48 -14.28 -8.80 25.36
CA TYR D 48 -12.92 -9.11 24.91
C TYR D 48 -11.88 -8.55 25.86
N ASP D 49 -11.27 -9.45 26.63
CA ASP D 49 -10.26 -9.05 27.59
C ASP D 49 -8.91 -9.62 27.19
N SER D 50 -7.87 -8.79 27.23
CA SER D 50 -6.55 -9.26 26.84
C SER D 50 -5.87 -10.08 27.93
N ILE D 51 -6.47 -10.16 29.11
CA ILE D 51 -5.85 -10.93 30.18
C ILE D 51 -6.71 -12.08 30.66
N LEU D 52 -8.03 -11.87 30.67
CA LEU D 52 -8.94 -12.93 31.08
C LEU D 52 -9.45 -13.68 29.85
N GLY D 53 -9.19 -13.10 28.68
CA GLY D 53 -9.61 -13.70 27.43
C GLY D 53 -11.08 -13.45 27.21
N THR D 54 -11.56 -13.69 26.00
CA THR D 54 -12.96 -13.48 25.69
C THR D 54 -13.88 -14.08 26.76
N PHE D 55 -14.88 -13.30 27.15
CA PHE D 55 -15.86 -13.68 28.18
C PHE D 55 -16.87 -14.68 27.64
N ASP D 56 -17.03 -15.79 28.36
CA ASP D 56 -17.97 -16.82 27.94
C ASP D 56 -19.39 -16.45 28.37
N ALA D 57 -20.07 -15.74 27.48
CA ALA D 57 -21.44 -15.29 27.71
C ALA D 57 -21.82 -14.38 26.55
N ASP D 58 -23.11 -14.21 26.33
CA ASP D 58 -23.57 -13.38 25.24
C ASP D 58 -23.63 -11.93 25.72
N VAL D 59 -22.75 -11.09 25.17
CA VAL D 59 -22.72 -9.69 25.56
C VAL D 59 -23.02 -8.74 24.42
N LYS D 60 -24.23 -8.20 24.41
CA LYS D 60 -24.61 -7.26 23.36
C LYS D 60 -24.88 -5.87 23.91
N THR D 61 -24.88 -4.91 23.00
CA THR D 61 -25.10 -3.51 23.33
C THR D 61 -26.58 -3.13 23.32
N ALA D 62 -27.37 -3.76 24.20
CA ALA D 62 -28.82 -3.50 24.27
C ALA D 62 -29.17 -2.13 24.89
N GLY D 63 -29.61 -1.20 24.05
CA GLY D 63 -29.97 0.11 24.53
C GLY D 63 -29.00 1.22 24.15
N ASP D 64 -29.36 2.45 24.54
CA ASP D 64 -28.53 3.62 24.26
C ASP D 64 -27.80 3.91 25.56
N SER D 65 -28.37 3.39 26.66
CA SER D 65 -27.81 3.56 28.00
C SER D 65 -27.82 2.24 28.77
N ALA D 66 -27.48 1.15 28.09
CA ALA D 66 -27.45 -0.15 28.74
C ALA D 66 -26.78 -1.20 27.88
N ILE D 67 -26.48 -2.33 28.52
CA ILE D 67 -25.84 -3.45 27.84
C ILE D 67 -26.48 -4.73 28.37
N SER D 68 -26.40 -5.82 27.61
CA SER D 68 -26.98 -7.05 28.07
C SER D 68 -25.95 -8.15 28.24
N VAL D 69 -26.12 -8.92 29.32
CA VAL D 69 -25.24 -10.03 29.65
C VAL D 69 -26.09 -11.26 29.93
N ASP D 70 -26.23 -12.12 28.92
CA ASP D 70 -27.02 -13.32 29.10
C ASP D 70 -28.45 -12.94 29.41
N GLY D 71 -28.88 -11.79 28.91
CA GLY D 71 -30.23 -11.35 29.17
C GLY D 71 -30.33 -10.31 30.29
N LYS D 72 -29.63 -10.55 31.40
CA LYS D 72 -29.67 -9.60 32.52
C LYS D 72 -29.25 -8.23 31.94
N VAL D 73 -30.15 -7.24 32.04
CA VAL D 73 -29.85 -5.93 31.50
C VAL D 73 -29.24 -4.98 32.54
N ILE D 74 -28.31 -4.15 32.09
CA ILE D 74 -27.65 -3.20 32.97
C ILE D 74 -27.49 -1.85 32.30
N LYS D 75 -27.73 -0.80 33.07
CA LYS D 75 -27.62 0.56 32.56
C LYS D 75 -26.21 1.06 32.66
N VAL D 76 -25.82 1.84 31.66
CA VAL D 76 -24.50 2.43 31.60
C VAL D 76 -24.66 3.92 31.51
N VAL D 77 -24.15 4.62 32.51
CA VAL D 77 -24.23 6.06 32.54
C VAL D 77 -22.81 6.58 32.48
N SER D 78 -22.65 7.91 32.55
CA SER D 78 -21.31 8.48 32.49
C SER D 78 -21.15 9.93 32.96
N ASP D 79 -20.94 10.10 34.26
CA ASP D 79 -20.74 11.43 34.83
C ASP D 79 -19.45 11.45 35.61
N ARG D 80 -18.53 12.31 35.17
CA ARG D 80 -17.23 12.42 35.82
C ARG D 80 -17.34 12.90 37.27
N ASN D 81 -18.54 13.33 37.66
CA ASN D 81 -18.79 13.79 39.02
C ASN D 81 -19.93 12.94 39.55
N PRO D 82 -19.63 12.06 40.53
CA PRO D 82 -20.57 11.14 41.20
C PRO D 82 -21.91 11.71 41.63
N VAL D 83 -21.87 12.79 42.42
CA VAL D 83 -23.08 13.44 42.93
C VAL D 83 -24.26 13.35 41.96
N ASN D 84 -23.99 13.44 40.66
CA ASN D 84 -25.01 13.38 39.62
C ASN D 84 -25.63 11.99 39.38
N LEU D 85 -24.79 10.96 39.42
CA LEU D 85 -25.26 9.60 39.21
C LEU D 85 -26.57 9.39 39.97
N PRO D 86 -27.57 8.82 39.30
CA PRO D 86 -28.88 8.57 39.92
C PRO D 86 -28.88 7.38 40.88
N TRP D 87 -28.01 7.40 41.89
CA TRP D 87 -27.94 6.31 42.86
C TRP D 87 -29.21 6.25 43.67
N GLY D 88 -29.68 7.42 44.09
CA GLY D 88 -30.91 7.50 44.87
C GLY D 88 -32.11 7.07 44.05
N ASP D 89 -32.18 7.57 42.81
CA ASP D 89 -33.29 7.25 41.90
C ASP D 89 -33.42 5.74 41.64
N MET D 90 -32.29 5.06 41.54
CA MET D 90 -32.29 3.61 41.30
C MET D 90 -32.22 2.79 42.58
N GLY D 91 -32.20 3.48 43.73
CA GLY D 91 -32.14 2.82 45.02
C GLY D 91 -30.89 1.98 45.14
N ILE D 92 -29.75 2.62 44.87
CA ILE D 92 -28.46 1.94 44.94
C ILE D 92 -28.08 1.69 46.38
N ASP D 93 -28.03 0.41 46.75
CA ASP D 93 -27.69 0.00 48.11
C ASP D 93 -26.18 -0.06 48.31
N LEU D 94 -25.45 -0.43 47.26
CA LEU D 94 -24.01 -0.53 47.34
C LEU D 94 -23.32 -0.08 46.07
N VAL D 95 -22.19 0.59 46.25
CA VAL D 95 -21.42 1.09 45.13
C VAL D 95 -19.99 0.56 45.23
N ILE D 96 -19.53 -0.05 44.14
CA ILE D 96 -18.18 -0.59 44.08
C ILE D 96 -17.26 0.46 43.44
N GLU D 97 -16.69 1.31 44.29
CA GLU D 97 -15.80 2.40 43.84
C GLU D 97 -14.43 1.95 43.32
N GLY D 98 -14.36 1.68 42.02
CA GLY D 98 -13.11 1.26 41.42
C GLY D 98 -12.72 2.23 40.33
N THR D 99 -12.42 3.47 40.72
CA THR D 99 -12.03 4.49 39.75
C THR D 99 -10.60 4.93 40.04
N GLY D 100 -10.20 4.79 41.31
CA GLY D 100 -8.86 5.16 41.70
C GLY D 100 -8.69 6.60 42.13
N VAL D 101 -9.78 7.37 42.09
CA VAL D 101 -9.72 8.78 42.47
C VAL D 101 -10.47 9.06 43.79
N PHE D 102 -11.66 8.48 43.92
CA PHE D 102 -12.49 8.63 45.10
C PHE D 102 -12.12 7.61 46.15
N VAL D 103 -11.03 7.89 46.85
CA VAL D 103 -10.49 7.01 47.87
C VAL D 103 -10.50 7.65 49.26
N ASP D 104 -11.10 8.83 49.37
CA ASP D 104 -11.16 9.56 50.63
C ASP D 104 -12.58 9.85 51.10
N ARG D 105 -12.69 10.19 52.37
CA ARG D 105 -13.97 10.54 52.94
C ARG D 105 -14.78 11.40 51.96
N ASP D 106 -14.24 12.58 51.68
CA ASP D 106 -14.86 13.56 50.77
C ASP D 106 -15.31 12.96 49.45
N GLY D 107 -14.38 12.31 48.74
CA GLY D 107 -14.67 11.72 47.45
C GLY D 107 -15.70 10.61 47.44
N ALA D 108 -15.40 9.49 48.10
CA ALA D 108 -16.32 8.36 48.16
C ALA D 108 -17.71 8.82 48.58
N GLY D 109 -17.74 9.85 49.43
CA GLY D 109 -19.00 10.40 49.90
C GLY D 109 -19.96 10.87 48.81
N LYS D 110 -19.43 11.53 47.78
CA LYS D 110 -20.27 12.03 46.69
C LYS D 110 -21.24 10.95 46.21
N HIS D 111 -20.90 9.69 46.48
CA HIS D 111 -21.76 8.57 46.12
C HIS D 111 -22.97 8.54 47.03
N LEU D 112 -22.71 8.78 48.31
CA LEU D 112 -23.77 8.80 49.31
C LEU D 112 -24.77 9.88 48.93
N GLN D 113 -24.23 11.04 48.53
CA GLN D 113 -25.08 12.15 48.11
C GLN D 113 -25.97 11.76 46.94
N ALA D 114 -25.38 11.12 45.93
CA ALA D 114 -26.13 10.69 44.75
C ALA D 114 -27.31 9.77 45.13
N GLY D 115 -27.40 9.41 46.41
CA GLY D 115 -28.49 8.57 46.88
C GLY D 115 -28.07 7.16 47.20
N ALA D 116 -26.77 6.87 47.07
CA ALA D 116 -26.26 5.54 47.37
C ALA D 116 -26.24 5.34 48.89
N LYS D 117 -26.36 4.08 49.31
CA LYS D 117 -26.36 3.76 50.73
C LYS D 117 -24.97 3.43 51.30
N LYS D 118 -24.20 2.62 50.56
CA LYS D 118 -22.85 2.24 50.97
C LYS D 118 -21.84 2.36 49.83
N VAL D 119 -20.58 2.53 50.19
CA VAL D 119 -19.52 2.64 49.19
C VAL D 119 -18.30 1.75 49.48
N LEU D 120 -18.16 0.68 48.71
CA LEU D 120 -17.03 -0.23 48.89
C LEU D 120 -15.91 0.23 47.96
N ILE D 121 -14.83 0.71 48.56
CA ILE D 121 -13.68 1.19 47.80
C ILE D 121 -12.73 0.06 47.47
N THR D 122 -12.61 -0.24 46.17
CA THR D 122 -11.75 -1.32 45.67
C THR D 122 -10.28 -1.01 45.80
N ALA D 123 -9.91 -0.30 46.86
CA ALA D 123 -8.51 0.06 47.08
C ALA D 123 -8.33 0.43 48.55
N PRO D 124 -7.08 0.73 48.95
CA PRO D 124 -6.88 1.10 50.36
C PRO D 124 -7.58 2.44 50.58
N GLY D 125 -8.10 2.63 51.80
CA GLY D 125 -8.77 3.88 52.10
C GLY D 125 -7.78 4.93 52.53
N LYS D 126 -8.00 6.18 52.11
CA LYS D 126 -7.10 7.26 52.50
C LYS D 126 -7.73 8.01 53.67
N GLY D 127 -7.01 8.01 54.80
CA GLY D 127 -7.49 8.68 55.99
C GLY D 127 -8.15 7.73 56.97
N ASP D 128 -9.22 8.19 57.61
CA ASP D 128 -9.94 7.37 58.59
C ASP D 128 -11.09 6.61 57.91
N ILE D 129 -10.85 5.36 57.52
CA ILE D 129 -11.87 4.53 56.89
C ILE D 129 -11.67 3.06 57.28
N PRO D 130 -12.79 2.33 57.42
CA PRO D 130 -12.72 0.91 57.80
C PRO D 130 -12.06 0.10 56.70
N THR D 131 -10.98 -0.59 57.06
CA THR D 131 -10.29 -1.41 56.10
C THR D 131 -10.47 -2.87 56.55
N TYR D 132 -10.97 -3.70 55.64
CA TYR D 132 -11.20 -5.12 55.96
C TYR D 132 -10.59 -6.00 54.86
N VAL D 133 -9.95 -7.09 55.28
CA VAL D 133 -9.34 -8.03 54.34
C VAL D 133 -9.95 -9.41 54.54
N VAL D 134 -10.96 -9.73 53.75
CA VAL D 134 -11.65 -11.00 53.86
C VAL D 134 -10.74 -12.14 54.25
N GLY D 135 -10.90 -12.64 55.47
CA GLY D 135 -10.09 -13.74 55.95
C GLY D 135 -9.18 -13.28 57.06
N VAL D 136 -9.00 -11.97 57.15
CA VAL D 136 -8.13 -11.40 58.16
C VAL D 136 -8.86 -10.61 59.25
N ASN D 137 -10.12 -10.25 59.01
CA ASN D 137 -10.89 -9.48 60.00
C ASN D 137 -12.23 -8.99 59.46
N GLU D 138 -12.91 -9.81 58.66
CA GLU D 138 -14.20 -9.40 58.09
C GLU D 138 -15.29 -9.36 59.17
N GLU D 139 -14.99 -9.94 60.34
CA GLU D 139 -15.95 -9.94 61.43
C GLU D 139 -15.96 -8.57 62.08
N GLY D 140 -14.93 -7.77 61.78
CA GLY D 140 -14.89 -6.43 62.33
C GLY D 140 -15.98 -5.58 61.70
N TYR D 141 -16.43 -5.97 60.52
CA TYR D 141 -17.47 -5.23 59.82
C TYR D 141 -18.77 -5.23 60.58
N THR D 142 -19.55 -4.16 60.39
CA THR D 142 -20.86 -3.95 60.99
C THR D 142 -21.66 -3.11 60.00
N HIS D 143 -22.94 -3.43 59.81
CA HIS D 143 -23.76 -2.68 58.87
C HIS D 143 -23.71 -1.17 59.13
N ALA D 144 -23.09 -0.78 60.24
CA ALA D 144 -22.98 0.63 60.63
C ALA D 144 -22.06 1.43 59.69
N ASP D 145 -21.01 0.79 59.20
CA ASP D 145 -20.03 1.40 58.30
C ASP D 145 -20.63 1.75 56.94
N THR D 146 -20.53 3.01 56.54
CA THR D 146 -21.07 3.44 55.26
C THR D 146 -20.01 3.45 54.17
N ILE D 147 -18.75 3.48 54.59
CA ILE D 147 -17.65 3.50 53.65
C ILE D 147 -16.49 2.60 54.11
N ILE D 148 -16.25 1.53 53.34
CA ILE D 148 -15.18 0.58 53.66
C ILE D 148 -14.27 0.35 52.45
N SER D 149 -13.01 0.01 52.73
CA SER D 149 -12.04 -0.27 51.68
C SER D 149 -11.63 -1.72 51.87
N ASN D 150 -11.50 -2.42 50.75
CA ASN D 150 -11.12 -3.83 50.74
C ASN D 150 -9.61 -3.97 50.57
N ALA D 151 -8.88 -2.96 51.08
CA ALA D 151 -7.42 -2.90 51.03
C ALA D 151 -6.86 -3.03 49.61
N SER D 152 -5.54 -3.21 49.50
CA SER D 152 -4.88 -3.35 48.20
C SER D 152 -4.73 -4.80 47.75
N CYS D 153 -4.34 -4.99 46.48
CA CYS D 153 -4.15 -6.33 45.92
C CYS D 153 -3.03 -7.02 46.66
N THR D 154 -2.01 -6.25 47.04
CA THR D 154 -0.87 -6.79 47.77
C THR D 154 -1.25 -7.17 49.20
N THR D 155 -1.75 -6.21 49.97
CA THR D 155 -2.16 -6.44 51.35
C THR D 155 -3.05 -7.68 51.43
N ASN D 156 -4.04 -7.76 50.54
CA ASN D 156 -4.95 -8.88 50.53
C ASN D 156 -4.24 -10.22 50.33
N CYS D 157 -2.98 -10.17 49.91
CA CYS D 157 -2.22 -11.39 49.73
C CYS D 157 -1.36 -11.59 50.97
N LEU D 158 -0.52 -10.60 51.24
CA LEU D 158 0.42 -10.63 52.36
C LEU D 158 -0.25 -10.83 53.71
N ALA D 159 -1.41 -10.22 53.91
CA ALA D 159 -2.09 -10.34 55.20
C ALA D 159 -2.39 -11.77 55.67
N PRO D 160 -3.23 -12.51 54.92
CA PRO D 160 -3.62 -13.88 55.26
C PRO D 160 -2.50 -14.73 55.83
N PHE D 161 -1.39 -14.84 55.12
CA PHE D 161 -0.32 -15.67 55.62
C PHE D 161 0.57 -15.01 56.70
N VAL D 162 0.39 -13.70 56.90
CA VAL D 162 1.17 -13.01 57.93
C VAL D 162 0.47 -13.39 59.23
N LYS D 163 -0.86 -13.33 59.19
CA LYS D 163 -1.66 -13.69 60.34
C LYS D 163 -1.19 -15.07 60.79
N VAL D 164 -1.12 -16.00 59.83
CA VAL D 164 -0.70 -17.36 60.11
C VAL D 164 0.65 -17.41 60.82
N LEU D 165 1.59 -16.60 60.35
CA LEU D 165 2.91 -16.58 60.96
C LEU D 165 2.88 -16.08 62.39
N ASP D 166 2.56 -14.79 62.55
CA ASP D 166 2.48 -14.15 63.87
C ASP D 166 1.69 -14.99 64.87
N GLN D 167 0.49 -15.38 64.45
CA GLN D 167 -0.44 -16.20 65.22
C GLN D 167 0.13 -17.58 65.56
N LYS D 168 1.41 -17.80 65.24
CA LYS D 168 2.03 -19.10 65.46
C LYS D 168 3.51 -19.07 65.85
N PHE D 169 4.24 -18.08 65.34
CA PHE D 169 5.68 -17.95 65.63
C PHE D 169 6.02 -16.59 66.23
N GLY D 170 5.08 -15.65 66.13
CA GLY D 170 5.27 -14.31 66.66
C GLY D 170 6.18 -13.43 65.81
N ILE D 171 5.61 -12.60 64.94
CA ILE D 171 6.44 -11.75 64.12
C ILE D 171 7.01 -10.62 64.94
N ILE D 172 8.33 -10.57 65.01
CA ILE D 172 9.03 -9.52 65.76
C ILE D 172 9.15 -8.28 64.88
N LYS D 173 9.68 -8.48 63.68
CA LYS D 173 9.86 -7.41 62.71
C LYS D 173 10.12 -8.06 61.36
N GLY D 174 10.00 -7.31 60.28
CA GLY D 174 10.25 -7.90 58.99
C GLY D 174 9.90 -7.03 57.81
N THR D 175 10.72 -7.13 56.76
CA THR D 175 10.51 -6.36 55.55
C THR D 175 9.91 -7.27 54.50
N MET D 176 9.55 -6.69 53.38
CA MET D 176 9.00 -7.45 52.29
C MET D 176 9.14 -6.65 51.00
N THR D 177 9.21 -7.36 49.89
CA THR D 177 9.36 -6.77 48.57
C THR D 177 8.44 -7.53 47.62
N THR D 178 7.58 -6.80 46.92
CA THR D 178 6.66 -7.42 45.99
C THR D 178 6.99 -7.19 44.53
N THR D 179 7.38 -8.25 43.84
CA THR D 179 7.66 -8.16 42.43
C THR D 179 6.27 -8.17 41.83
N HIS D 180 5.87 -7.02 41.33
CA HIS D 180 4.53 -6.81 40.83
C HIS D 180 4.34 -6.55 39.33
N SER D 181 3.29 -7.11 38.76
CA SER D 181 2.99 -6.91 37.34
C SER D 181 2.70 -5.42 37.26
N TYR D 182 2.74 -4.85 36.07
CA TYR D 182 2.46 -3.41 35.96
C TYR D 182 0.94 -3.15 35.97
N THR D 183 0.55 -1.88 36.09
CA THR D 183 -0.86 -1.53 36.11
C THR D 183 -1.19 -0.26 35.37
N GLY D 184 -2.48 -0.04 35.14
CA GLY D 184 -2.89 1.15 34.43
C GLY D 184 -2.17 2.40 34.88
N ASP D 185 -1.74 2.42 36.14
CA ASP D 185 -1.05 3.58 36.71
C ASP D 185 0.29 3.93 36.05
N GLN D 186 0.98 2.96 35.51
CA GLN D 186 2.27 3.26 34.90
C GLN D 186 2.13 3.89 33.55
N ARG D 187 3.19 4.58 33.12
CA ARG D 187 3.22 5.22 31.82
C ARG D 187 3.74 4.22 30.80
N LEU D 188 3.09 4.12 29.64
CA LEU D 188 3.55 3.16 28.65
C LEU D 188 4.88 3.59 28.05
N LEU D 189 5.13 4.89 28.05
CA LEU D 189 6.39 5.39 27.53
C LEU D 189 6.78 6.59 28.36
N ASP D 190 8.07 6.67 28.68
CA ASP D 190 8.58 7.77 29.47
C ASP D 190 7.75 9.02 29.33
N ALA D 191 6.83 9.22 30.26
CA ALA D 191 5.96 10.40 30.25
C ALA D 191 5.79 10.90 31.68
N SER D 192 5.38 12.16 31.80
CA SER D 192 5.19 12.79 33.09
C SER D 192 4.34 11.98 34.05
N HIS D 193 4.63 12.11 35.34
CA HIS D 193 3.94 11.37 36.38
C HIS D 193 4.40 11.99 37.69
N ARG D 194 3.67 11.78 38.78
CA ARG D 194 4.09 12.35 40.06
C ARG D 194 5.11 11.44 40.76
N ASP D 195 5.38 10.29 40.12
CA ASP D 195 6.32 9.30 40.63
C ASP D 195 7.30 9.04 39.48
N LEU D 196 8.34 9.84 39.39
CA LEU D 196 9.30 9.71 38.28
C LEU D 196 9.79 8.29 38.00
N ARG D 197 9.40 7.34 38.83
CA ARG D 197 9.77 5.96 38.59
C ARG D 197 8.60 5.44 37.76
N ARG D 198 7.42 5.45 38.36
CA ARG D 198 6.23 4.99 37.67
C ARG D 198 6.10 5.70 36.33
N ALA D 199 6.77 6.84 36.21
CA ALA D 199 6.73 7.64 34.98
C ALA D 199 7.52 7.01 33.86
N ARG D 200 8.32 6.01 34.17
CA ARG D 200 9.16 5.35 33.19
C ARG D 200 8.54 4.21 32.42
N ALA D 201 9.17 3.88 31.30
CA ALA D 201 8.79 2.82 30.35
C ALA D 201 7.80 1.73 30.74
N ALA D 202 7.80 1.30 31.99
CA ALA D 202 6.86 0.27 32.46
C ALA D 202 7.08 -1.11 31.89
N CYS D 203 7.17 -1.23 30.58
CA CYS D 203 7.38 -2.53 29.93
C CYS D 203 8.84 -2.83 29.63
N LEU D 204 9.71 -1.88 29.91
CA LEU D 204 11.12 -2.07 29.61
C LEU D 204 11.96 -2.02 30.87
N ASN D 205 11.31 -1.84 32.01
CA ASN D 205 12.08 -1.77 33.24
C ASN D 205 11.45 -2.48 34.42
N ILE D 206 12.26 -2.54 35.46
CA ILE D 206 11.90 -3.08 36.76
C ILE D 206 11.75 -1.73 37.40
N VAL D 207 10.51 -1.36 37.73
CA VAL D 207 10.25 -0.05 38.29
C VAL D 207 10.01 -0.12 39.78
N PRO D 208 10.95 0.39 40.58
CA PRO D 208 10.76 0.34 42.01
C PRO D 208 9.75 1.41 42.33
N THR D 209 8.68 1.03 43.01
CA THR D 209 7.71 2.00 43.42
C THR D 209 7.42 1.61 44.84
N SER D 210 6.75 2.49 45.57
CA SER D 210 6.46 2.19 46.94
C SER D 210 5.06 1.63 47.07
N THR D 211 4.84 0.87 48.13
CA THR D 211 3.53 0.30 48.41
C THR D 211 3.13 0.46 49.86
N GLY D 212 1.82 0.65 50.08
CA GLY D 212 1.30 0.83 51.41
C GLY D 212 1.07 -0.48 52.11
N ALA D 213 0.76 -1.51 51.32
CA ALA D 213 0.52 -2.84 51.85
C ALA D 213 1.43 -3.14 53.04
N ALA D 214 2.57 -2.47 53.07
CA ALA D 214 3.55 -2.64 54.15
C ALA D 214 2.90 -2.29 55.49
N LYS D 215 2.51 -1.02 55.63
CA LYS D 215 1.89 -0.54 56.86
C LYS D 215 0.41 -0.92 56.90
N ALA D 216 -0.20 -1.07 55.73
CA ALA D 216 -1.60 -1.44 55.64
C ALA D 216 -1.86 -2.77 56.33
N VAL D 217 -0.87 -3.65 56.39
CA VAL D 217 -1.07 -4.92 57.06
C VAL D 217 -1.60 -4.56 58.44
N ALA D 218 -0.81 -3.81 59.18
CA ALA D 218 -1.16 -3.38 60.54
C ALA D 218 -2.61 -2.88 60.63
N LEU D 219 -3.07 -2.27 59.55
CA LEU D 219 -4.43 -1.76 59.51
C LEU D 219 -5.40 -2.87 59.88
N VAL D 220 -5.16 -4.07 59.36
CA VAL D 220 -6.04 -5.19 59.63
C VAL D 220 -5.52 -6.20 60.63
N LEU D 221 -4.23 -6.09 60.94
CA LEU D 221 -3.62 -6.97 61.92
C LEU D 221 -2.93 -6.04 62.90
N PRO D 222 -3.75 -5.28 63.65
CA PRO D 222 -3.33 -4.31 64.66
C PRO D 222 -2.03 -4.65 65.36
N ASN D 223 -1.82 -5.93 65.62
CA ASN D 223 -0.62 -6.37 66.31
C ASN D 223 0.71 -6.00 65.63
N LEU D 224 0.78 -6.08 64.31
CA LEU D 224 2.02 -5.76 63.59
C LEU D 224 2.32 -4.29 63.36
N LYS D 225 1.61 -3.38 64.02
CA LYS D 225 1.86 -1.96 63.78
C LYS D 225 3.34 -1.62 63.87
N GLY D 226 3.83 -1.04 62.77
CA GLY D 226 5.22 -0.63 62.69
C GLY D 226 6.27 -1.74 62.71
N LYS D 227 5.85 -2.97 62.43
CA LYS D 227 6.77 -4.11 62.41
C LYS D 227 7.10 -4.52 60.97
N LEU D 228 6.24 -4.12 60.04
CA LEU D 228 6.43 -4.46 58.64
C LEU D 228 6.61 -3.23 57.79
N ASN D 229 7.29 -3.41 56.68
CA ASN D 229 7.51 -2.34 55.71
C ASN D 229 8.34 -2.84 54.55
N GLY D 230 7.92 -2.47 53.34
CA GLY D 230 8.64 -2.89 52.17
C GLY D 230 8.40 -2.00 50.97
N ILE D 231 9.00 -2.39 49.86
CA ILE D 231 8.88 -1.65 48.62
C ILE D 231 8.24 -2.58 47.62
N ALA D 232 8.31 -2.22 46.34
CA ALA D 232 7.73 -3.04 45.30
C ALA D 232 8.49 -2.85 43.99
N LEU D 233 8.46 -3.86 43.13
CA LEU D 233 9.15 -3.79 41.85
C LEU D 233 8.21 -4.10 40.70
N ARG D 234 7.95 -3.10 39.85
CA ARG D 234 7.04 -3.27 38.72
C ARG D 234 7.70 -3.88 37.50
N VAL D 235 7.54 -5.18 37.33
CA VAL D 235 8.16 -5.81 36.18
C VAL D 235 7.21 -6.07 35.01
N PRO D 236 7.76 -6.09 33.80
CA PRO D 236 7.02 -6.31 32.56
C PRO D 236 6.12 -7.52 32.45
N THR D 237 4.99 -7.48 33.14
CA THR D 237 3.99 -8.55 33.05
C THR D 237 2.66 -7.89 33.36
N PRO D 238 1.64 -8.20 32.57
CA PRO D 238 0.30 -7.63 32.75
C PRO D 238 -0.50 -8.16 33.92
N ASN D 239 -0.04 -9.22 34.57
CA ASN D 239 -0.83 -9.71 35.68
C ASN D 239 -0.18 -10.79 36.49
N VAL D 240 -0.69 -10.96 37.71
CA VAL D 240 -0.18 -11.94 38.65
C VAL D 240 1.13 -11.44 39.24
N SER D 241 1.20 -11.36 40.55
CA SER D 241 2.41 -10.88 41.16
C SER D 241 2.84 -11.73 42.31
N VAL D 242 4.07 -11.52 42.76
CA VAL D 242 4.62 -12.30 43.86
C VAL D 242 5.23 -11.45 44.95
N VAL D 243 5.00 -11.86 46.19
CA VAL D 243 5.52 -11.16 47.36
C VAL D 243 6.62 -11.98 48.04
N ASP D 244 7.63 -11.26 48.52
CA ASP D 244 8.79 -11.87 49.14
C ASP D 244 8.93 -11.40 50.59
N LEU D 245 8.13 -11.97 51.47
CA LEU D 245 8.16 -11.59 52.88
C LEU D 245 9.39 -12.11 53.61
N VAL D 246 9.84 -11.39 54.63
CA VAL D 246 11.01 -11.80 55.42
C VAL D 246 10.83 -11.31 56.88
N VAL D 247 10.21 -12.14 57.69
CA VAL D 247 9.99 -11.81 59.09
C VAL D 247 10.89 -12.60 60.02
N GLN D 248 11.13 -12.03 61.20
CA GLN D 248 11.95 -12.65 62.24
C GLN D 248 10.97 -12.99 63.34
N VAL D 249 10.80 -14.27 63.62
CA VAL D 249 9.86 -14.66 64.66
C VAL D 249 10.60 -14.99 65.94
N SER D 250 9.85 -15.14 67.04
CA SER D 250 10.45 -15.44 68.33
C SER D 250 10.76 -16.92 68.43
N LYS D 251 9.70 -17.73 68.33
CA LYS D 251 9.77 -19.19 68.40
C LYS D 251 10.65 -19.79 67.30
N LYS D 252 11.84 -20.26 67.65
CA LYS D 252 12.74 -20.83 66.65
C LYS D 252 11.96 -21.84 65.81
N THR D 253 12.15 -21.83 64.51
CA THR D 253 11.42 -22.75 63.63
C THR D 253 12.24 -23.18 62.41
N PHE D 254 11.71 -24.13 61.66
CA PHE D 254 12.40 -24.63 60.48
C PHE D 254 11.51 -24.67 59.23
N ALA D 255 12.18 -24.75 58.10
CA ALA D 255 11.54 -24.77 56.79
C ALA D 255 10.15 -25.42 56.70
N GLU D 256 10.11 -26.75 56.69
CA GLU D 256 8.84 -27.46 56.54
C GLU D 256 7.80 -27.20 57.63
N GLU D 257 8.22 -26.81 58.84
CA GLU D 257 7.26 -26.54 59.92
C GLU D 257 6.39 -25.35 59.53
N VAL D 258 7.05 -24.32 59.01
CA VAL D 258 6.36 -23.13 58.57
C VAL D 258 5.30 -23.54 57.54
N ASN D 259 5.78 -24.05 56.40
CA ASN D 259 4.89 -24.46 55.33
C ASN D 259 3.72 -25.25 55.88
N ALA D 260 4.04 -26.20 56.75
CA ALA D 260 3.01 -27.03 57.37
C ALA D 260 1.89 -26.14 57.91
N ALA D 261 2.25 -25.28 58.85
CA ALA D 261 1.30 -24.36 59.47
C ALA D 261 0.41 -23.74 58.40
N PHE D 262 1.03 -23.23 57.33
CA PHE D 262 0.29 -22.62 56.26
C PHE D 262 -0.77 -23.59 55.76
N ARG D 263 -0.32 -24.76 55.30
CA ARG D 263 -1.27 -25.75 54.81
C ARG D 263 -2.42 -25.95 55.79
N GLU D 264 -2.08 -26.24 57.04
CA GLU D 264 -3.13 -26.47 58.04
C GLU D 264 -4.21 -25.40 57.93
N SER D 265 -3.82 -24.13 58.04
CA SER D 265 -4.79 -23.03 57.95
C SER D 265 -5.51 -23.00 56.62
N ALA D 266 -4.76 -23.28 55.55
CA ALA D 266 -5.31 -23.27 54.20
C ALA D 266 -6.39 -24.32 54.02
N ASP D 267 -6.31 -25.39 54.82
CA ASP D 267 -7.26 -26.48 54.74
C ASP D 267 -8.44 -26.29 55.68
N ASN D 268 -8.24 -25.46 56.71
CA ASN D 268 -9.29 -25.19 57.68
C ASN D 268 -9.89 -23.79 57.57
N GLU D 269 -9.39 -22.89 58.40
CA GLU D 269 -9.85 -21.51 58.47
C GLU D 269 -9.74 -20.69 57.18
N LEU D 270 -8.54 -20.64 56.60
CA LEU D 270 -8.36 -19.86 55.38
C LEU D 270 -8.77 -20.58 54.09
N LYS D 271 -9.35 -21.77 54.23
CA LYS D 271 -9.80 -22.53 53.05
C LYS D 271 -10.59 -21.63 52.11
N GLY D 272 -10.02 -21.40 50.93
CA GLY D 272 -10.67 -20.54 49.96
C GLY D 272 -9.90 -19.24 49.78
N ILE D 273 -9.10 -18.89 50.79
CA ILE D 273 -8.30 -17.67 50.75
C ILE D 273 -6.83 -17.98 50.51
N LEU D 274 -6.20 -18.66 51.47
CA LEU D 274 -4.80 -19.01 51.32
C LEU D 274 -4.74 -20.40 50.69
N SER D 275 -3.55 -20.76 50.23
CA SER D 275 -3.32 -22.07 49.64
C SER D 275 -1.84 -22.25 49.33
N VAL D 276 -1.41 -23.50 49.31
CA VAL D 276 -0.03 -23.82 49.02
C VAL D 276 0.08 -24.54 47.68
N CYS D 277 1.27 -24.53 47.10
CA CYS D 277 1.50 -25.18 45.81
C CYS D 277 2.93 -25.65 45.73
N ASP D 278 3.11 -26.96 45.58
CA ASP D 278 4.43 -27.55 45.51
C ASP D 278 4.94 -27.68 44.07
N GLU D 279 4.01 -27.95 43.16
CA GLU D 279 4.34 -28.06 41.75
C GLU D 279 5.07 -26.77 41.33
N PRO D 280 6.38 -26.85 40.99
CA PRO D 280 7.18 -25.68 40.57
C PRO D 280 6.61 -25.00 39.35
N LEU D 281 5.85 -23.93 39.59
CA LEU D 281 5.21 -23.17 38.52
C LEU D 281 5.81 -21.79 38.31
N VAL D 282 5.08 -20.95 37.58
CA VAL D 282 5.53 -19.60 37.27
C VAL D 282 4.31 -18.69 37.16
N SER D 283 4.56 -17.37 37.09
CA SER D 283 3.49 -16.36 36.97
C SER D 283 2.26 -16.88 36.26
N ILE D 284 2.29 -16.82 34.93
CA ILE D 284 1.18 -17.24 34.09
C ILE D 284 0.37 -18.43 34.64
N ASP D 285 1.03 -19.35 35.32
CA ASP D 285 0.31 -20.51 35.85
C ASP D 285 -0.65 -20.15 36.97
N PHE D 286 -0.76 -18.87 37.31
CA PHE D 286 -1.63 -18.47 38.40
C PHE D 286 -2.77 -17.53 38.01
N ARG D 287 -3.12 -17.49 36.73
CA ARG D 287 -4.22 -16.64 36.28
C ARG D 287 -5.51 -17.21 36.90
N CYS D 288 -6.60 -16.45 36.81
CA CYS D 288 -7.89 -16.88 37.34
C CYS D 288 -7.81 -17.79 38.57
N THR D 289 -7.20 -17.32 39.66
CA THR D 289 -7.12 -18.17 40.84
C THR D 289 -7.93 -17.57 41.95
N ASP D 290 -9.10 -18.16 42.20
CA ASP D 290 -10.05 -17.67 43.20
C ASP D 290 -9.50 -17.33 44.60
N VAL D 291 -8.31 -17.81 44.91
CA VAL D 291 -7.75 -17.53 46.23
C VAL D 291 -6.98 -16.21 46.23
N SER D 292 -6.82 -15.64 47.42
CA SER D 292 -6.10 -14.38 47.59
C SER D 292 -4.59 -14.55 47.57
N SER D 293 -4.11 -15.62 48.20
CA SER D 293 -2.66 -15.87 48.28
C SER D 293 -2.31 -17.36 48.07
N THR D 294 -1.15 -17.62 47.47
CA THR D 294 -0.72 -18.99 47.21
C THR D 294 0.77 -19.15 47.51
N ILE D 295 1.09 -19.90 48.55
CA ILE D 295 2.48 -20.11 48.96
C ILE D 295 3.27 -21.07 48.08
N ASP D 296 4.45 -20.63 47.65
CA ASP D 296 5.30 -21.48 46.82
C ASP D 296 6.21 -22.22 47.78
N SER D 297 5.64 -23.27 48.37
CA SER D 297 6.31 -24.11 49.35
C SER D 297 7.80 -24.36 49.14
N SER D 298 8.14 -24.97 48.01
CA SER D 298 9.54 -25.28 47.70
C SER D 298 10.53 -24.10 47.81
N LEU D 299 10.01 -22.88 47.92
CA LEU D 299 10.83 -21.67 48.01
C LEU D 299 11.07 -21.20 49.43
N THR D 300 10.10 -21.47 50.31
CA THR D 300 10.17 -21.09 51.71
C THR D 300 11.46 -21.53 52.36
N MET D 301 12.16 -20.62 53.01
CA MET D 301 13.41 -20.98 53.65
C MET D 301 13.67 -20.18 54.92
N VAL D 302 14.28 -20.83 55.90
CA VAL D 302 14.59 -20.22 57.18
C VAL D 302 16.07 -20.08 57.43
N MET D 303 16.44 -19.07 58.21
CA MET D 303 17.85 -18.79 58.54
C MET D 303 18.07 -18.56 60.03
N GLY D 304 19.15 -19.12 60.55
CA GLY D 304 19.48 -18.95 61.96
C GLY D 304 18.33 -19.28 62.90
N ASP D 305 17.37 -20.08 62.42
CA ASP D 305 16.22 -20.53 63.21
C ASP D 305 15.08 -19.54 63.38
N ASP D 306 15.34 -18.23 63.22
CA ASP D 306 14.28 -17.23 63.45
C ASP D 306 13.92 -16.30 62.30
N MET D 307 14.74 -16.29 61.25
CA MET D 307 14.51 -15.43 60.09
C MET D 307 13.81 -16.25 59.01
N VAL D 308 12.52 -15.98 58.80
CA VAL D 308 11.72 -16.71 57.82
C VAL D 308 11.44 -15.91 56.55
N LYS D 309 11.61 -16.54 55.39
CA LYS D 309 11.32 -15.90 54.10
C LYS D 309 10.22 -16.74 53.45
N VAL D 310 9.21 -16.10 52.90
CA VAL D 310 8.12 -16.83 52.27
C VAL D 310 7.77 -16.15 50.96
N ILE D 311 7.71 -16.92 49.88
CA ILE D 311 7.32 -16.34 48.60
C ILE D 311 5.86 -16.65 48.43
N ALA D 312 5.11 -15.74 47.81
CA ALA D 312 3.70 -15.98 47.64
C ALA D 312 3.14 -15.33 46.38
N TRP D 313 2.41 -16.11 45.58
CA TRP D 313 1.84 -15.61 44.36
C TRP D 313 0.41 -15.14 44.59
N TYR D 314 -0.08 -14.35 43.66
CA TYR D 314 -1.44 -13.85 43.76
C TYR D 314 -1.84 -13.10 42.50
N ASP D 315 -3.07 -13.32 42.03
CA ASP D 315 -3.54 -12.63 40.84
C ASP D 315 -4.11 -11.28 41.23
N ASN D 316 -3.25 -10.27 41.20
CA ASN D 316 -3.62 -8.91 41.55
C ASN D 316 -4.92 -8.40 40.95
N GLU D 317 -5.43 -9.08 39.93
CA GLU D 317 -6.67 -8.63 39.32
C GLU D 317 -7.88 -9.48 39.68
N TRP D 318 -7.82 -10.75 39.29
CA TRP D 318 -8.89 -11.69 39.55
C TRP D 318 -9.06 -11.98 41.03
N GLY D 319 -8.04 -12.62 41.61
CA GLY D 319 -8.10 -12.95 43.03
C GLY D 319 -8.60 -11.79 43.88
N TYR D 320 -8.17 -10.57 43.54
CA TYR D 320 -8.62 -9.41 44.29
C TYR D 320 -10.13 -9.26 44.06
N SER D 321 -10.51 -9.20 42.79
CA SER D 321 -11.92 -9.06 42.45
C SER D 321 -12.71 -10.06 43.29
N GLN D 322 -12.32 -11.34 43.22
CA GLN D 322 -13.02 -12.37 43.98
C GLN D 322 -13.16 -11.99 45.44
N ARG D 323 -12.21 -11.20 45.96
CA ARG D 323 -12.27 -10.75 47.34
C ARG D 323 -13.28 -9.64 47.41
N VAL D 324 -13.14 -8.67 46.51
CA VAL D 324 -14.08 -7.56 46.46
C VAL D 324 -15.51 -8.13 46.50
N VAL D 325 -15.80 -9.08 45.60
CA VAL D 325 -17.12 -9.70 45.56
C VAL D 325 -17.45 -10.34 46.91
N ASP D 326 -16.51 -11.10 47.46
CA ASP D 326 -16.69 -11.76 48.76
C ASP D 326 -17.00 -10.76 49.88
N LEU D 327 -16.46 -9.55 49.77
CA LEU D 327 -16.71 -8.51 50.78
C LEU D 327 -18.12 -8.01 50.57
N ALA D 328 -18.44 -7.62 49.34
CA ALA D 328 -19.77 -7.14 49.00
C ALA D 328 -20.75 -8.27 49.30
N ASP D 329 -20.29 -9.50 49.07
CA ASP D 329 -21.09 -10.70 49.32
C ASP D 329 -21.46 -10.68 50.80
N ILE D 330 -20.55 -10.17 51.62
CA ILE D 330 -20.78 -10.09 53.06
C ILE D 330 -21.74 -8.94 53.39
N VAL D 331 -21.47 -7.74 52.89
CA VAL D 331 -22.34 -6.62 53.17
C VAL D 331 -23.81 -6.98 52.96
N ALA D 332 -24.09 -7.83 51.97
CA ALA D 332 -25.45 -8.29 51.68
C ALA D 332 -25.99 -9.11 52.85
N ASN D 333 -25.12 -9.92 53.45
CA ASN D 333 -25.48 -10.70 54.62
C ASN D 333 -25.22 -9.69 55.72
N LYS D 334 -25.71 -9.96 56.92
CA LYS D 334 -25.49 -9.02 58.02
C LYS D 334 -25.83 -7.57 57.59
N TRP D 335 -26.93 -7.43 56.87
CA TRP D 335 -27.43 -6.15 56.39
C TRP D 335 -28.85 -6.03 56.97
N GLN D 336 -29.07 -5.03 57.80
CA GLN D 336 -30.38 -4.82 58.43
C GLN D 336 -31.24 -3.73 57.78
N ALA D 337 -30.72 -2.51 57.71
CA ALA D 337 -31.42 -1.35 57.13
C ALA D 337 -31.48 -1.26 55.59
N LYS E 1 -6.03 46.47 -59.05
CA LYS E 1 -6.29 47.69 -59.85
C LYS E 1 -7.69 47.72 -60.48
N LEU E 2 -7.92 46.88 -61.48
CA LEU E 2 -9.20 46.81 -62.20
C LEU E 2 -10.42 46.41 -61.35
N LYS E 3 -11.33 47.36 -61.11
CA LYS E 3 -12.54 47.10 -60.32
C LYS E 3 -13.50 46.15 -61.01
N VAL E 4 -13.85 45.05 -60.32
CA VAL E 4 -14.76 44.05 -60.88
C VAL E 4 -16.06 43.85 -60.12
N ALA E 5 -17.09 43.46 -60.85
CA ALA E 5 -18.40 43.23 -60.26
C ALA E 5 -18.92 41.88 -60.69
N ILE E 6 -19.28 41.03 -59.73
CA ILE E 6 -19.80 39.72 -60.05
C ILE E 6 -21.31 39.74 -60.04
N ASN E 7 -21.90 39.53 -61.20
CA ASN E 7 -23.34 39.52 -61.29
C ASN E 7 -23.80 38.08 -61.60
N GLY E 8 -24.47 37.48 -60.63
CA GLY E 8 -24.92 36.10 -60.79
C GLY E 8 -24.01 35.22 -59.94
N PHE E 9 -24.09 35.43 -58.63
CA PHE E 9 -23.27 34.69 -57.69
C PHE E 9 -23.72 33.25 -57.61
N GLY E 10 -23.78 32.59 -58.76
CA GLY E 10 -24.18 31.19 -58.77
C GLY E 10 -22.97 30.31 -58.70
N ARG E 11 -23.02 29.15 -59.35
CA ARG E 11 -21.88 28.25 -59.34
C ARG E 11 -20.61 28.84 -59.98
N ILE E 12 -20.74 29.43 -61.15
CA ILE E 12 -19.58 30.03 -61.76
C ILE E 12 -19.22 31.32 -61.07
N GLY E 13 -20.23 31.95 -60.48
CA GLY E 13 -19.98 33.19 -59.78
C GLY E 13 -19.05 32.95 -58.61
N ARG E 14 -19.39 31.97 -57.79
CA ARG E 14 -18.60 31.66 -56.62
C ARG E 14 -17.32 30.92 -56.98
N ASN E 15 -17.43 29.91 -57.86
CA ASN E 15 -16.27 29.13 -58.29
C ASN E 15 -15.21 30.11 -58.80
N PHE E 16 -15.66 31.26 -59.28
CA PHE E 16 -14.79 32.29 -59.81
C PHE E 16 -14.16 33.07 -58.67
N LEU E 17 -14.99 33.63 -57.81
CA LEU E 17 -14.50 34.45 -56.70
C LEU E 17 -13.41 33.71 -55.98
N ARG E 18 -13.66 32.43 -55.72
CA ARG E 18 -12.67 31.61 -55.03
C ARG E 18 -11.46 31.36 -55.92
N CYS E 19 -11.71 31.06 -57.19
CA CYS E 19 -10.63 30.84 -58.13
C CYS E 19 -9.69 32.02 -58.04
N TRP E 20 -10.29 33.19 -57.89
CA TRP E 20 -9.57 34.45 -57.79
C TRP E 20 -8.76 34.56 -56.51
N HIS E 21 -9.40 34.40 -55.37
CA HIS E 21 -8.70 34.48 -54.09
C HIS E 21 -7.38 33.73 -54.08
N GLY E 22 -7.30 32.68 -54.88
CA GLY E 22 -6.08 31.86 -54.93
C GLY E 22 -4.96 32.38 -55.80
N ARG E 23 -5.26 33.35 -56.66
CA ARG E 23 -4.26 33.93 -57.54
C ARG E 23 -3.38 34.94 -56.80
N LYS E 24 -2.13 35.05 -57.23
CA LYS E 24 -1.18 35.96 -56.62
C LYS E 24 -1.02 37.24 -57.44
N ASP E 25 -1.23 38.37 -56.79
CA ASP E 25 -1.10 39.67 -57.43
C ASP E 25 -2.04 39.69 -58.63
N SER E 26 -3.34 39.75 -58.33
CA SER E 26 -4.37 39.75 -59.36
C SER E 26 -4.83 41.12 -59.82
N PRO E 27 -4.59 41.45 -61.10
CA PRO E 27 -5.00 42.73 -61.66
C PRO E 27 -6.50 42.97 -61.42
N LEU E 28 -7.21 41.91 -61.05
CA LEU E 28 -8.64 41.97 -60.76
C LEU E 28 -8.89 42.34 -59.30
N ASP E 29 -10.04 42.95 -59.06
CA ASP E 29 -10.45 43.31 -57.70
C ASP E 29 -11.97 43.34 -57.60
N VAL E 30 -12.51 42.34 -56.92
CA VAL E 30 -13.94 42.23 -56.73
C VAL E 30 -14.36 43.20 -55.64
N VAL E 31 -15.45 43.92 -55.90
CA VAL E 31 -15.92 44.92 -54.94
C VAL E 31 -17.42 44.82 -54.66
N VAL E 32 -18.17 44.33 -55.62
CA VAL E 32 -19.61 44.21 -55.46
C VAL E 32 -20.08 42.89 -56.01
N ILE E 33 -21.13 42.35 -55.40
CA ILE E 33 -21.71 41.10 -55.83
C ILE E 33 -23.21 41.26 -55.93
N ASN E 34 -23.78 40.89 -57.05
CA ASN E 34 -25.21 41.01 -57.22
C ASN E 34 -25.84 39.66 -57.50
N ASP E 35 -26.75 39.25 -56.63
CA ASP E 35 -27.45 37.98 -56.77
C ASP E 35 -28.79 38.10 -56.04
N THR E 36 -29.79 37.44 -56.57
CA THR E 36 -31.13 37.46 -56.01
C THR E 36 -31.12 37.16 -54.52
N GLY E 37 -30.01 36.60 -54.04
CA GLY E 37 -29.91 36.26 -52.63
C GLY E 37 -29.32 37.29 -51.68
N GLY E 38 -29.82 37.26 -50.45
CA GLY E 38 -29.37 38.18 -49.41
C GLY E 38 -27.96 37.93 -48.93
N VAL E 39 -27.45 38.84 -48.11
CA VAL E 39 -26.08 38.72 -47.60
C VAL E 39 -25.85 37.35 -46.94
N LYS E 40 -26.88 36.82 -46.30
CA LYS E 40 -26.79 35.51 -45.66
C LYS E 40 -26.36 34.53 -46.76
N GLN E 41 -27.26 34.36 -47.73
CA GLN E 41 -27.07 33.47 -48.87
C GLN E 41 -25.68 33.56 -49.50
N ALA E 42 -25.19 34.79 -49.71
CA ALA E 42 -23.88 34.98 -50.33
C ALA E 42 -22.77 34.47 -49.45
N SER E 43 -22.87 34.74 -48.16
CA SER E 43 -21.86 34.28 -47.22
C SER E 43 -21.80 32.76 -47.19
N HIS E 44 -22.83 32.17 -46.60
CA HIS E 44 -22.97 30.72 -46.44
C HIS E 44 -22.37 29.97 -47.62
N LEU E 45 -23.02 30.07 -48.77
CA LEU E 45 -22.58 29.38 -49.97
C LEU E 45 -21.18 29.70 -50.52
N LEU E 46 -20.58 30.79 -50.06
CA LEU E 46 -19.24 31.08 -50.53
C LEU E 46 -18.33 30.29 -49.63
N LYS E 47 -18.77 30.09 -48.38
CA LYS E 47 -18.00 29.35 -47.37
C LYS E 47 -18.18 27.84 -47.43
N TYR E 48 -19.43 27.39 -47.51
CA TYR E 48 -19.74 25.98 -47.57
C TYR E 48 -20.19 25.53 -48.95
N ASP E 49 -19.31 24.85 -49.66
CA ASP E 49 -19.62 24.38 -51.00
C ASP E 49 -19.69 22.86 -51.00
N SER E 50 -20.70 22.29 -51.64
CA SER E 50 -20.84 20.83 -51.68
C SER E 50 -19.95 20.18 -52.71
N ILE E 51 -19.25 20.98 -53.51
CA ILE E 51 -18.37 20.40 -54.51
C ILE E 51 -16.93 20.82 -54.33
N LEU E 52 -16.71 22.04 -53.89
CA LEU E 52 -15.35 22.50 -53.67
C LEU E 52 -14.99 22.32 -52.20
N GLY E 53 -16.01 22.03 -51.41
CA GLY E 53 -15.80 21.83 -49.98
C GLY E 53 -15.66 23.16 -49.28
N THR E 54 -15.74 23.16 -47.96
CA THR E 54 -15.61 24.39 -47.22
C THR E 54 -14.41 25.22 -47.68
N PHE E 55 -14.65 26.52 -47.85
CA PHE E 55 -13.64 27.50 -48.30
C PHE E 55 -12.63 27.84 -47.20
N ASP E 56 -11.35 27.71 -47.52
CA ASP E 56 -10.32 28.01 -46.53
C ASP E 56 -10.06 29.49 -46.49
N ALA E 57 -10.81 30.17 -45.62
CA ALA E 57 -10.71 31.60 -45.41
C ALA E 57 -11.81 32.00 -44.43
N ASP E 58 -11.65 33.15 -43.79
CA ASP E 58 -12.64 33.61 -42.82
C ASP E 58 -13.71 34.38 -43.58
N VAL E 59 -14.91 33.82 -43.63
CA VAL E 59 -16.01 34.46 -44.34
C VAL E 59 -17.17 34.83 -43.43
N LYS E 60 -17.26 36.10 -43.07
CA LYS E 60 -18.35 36.55 -42.20
C LYS E 60 -19.29 37.51 -42.93
N THR E 61 -20.46 37.66 -42.34
CA THR E 61 -21.51 38.51 -42.88
C THR E 61 -21.39 39.96 -42.39
N ALA E 62 -20.28 40.62 -42.75
CA ALA E 62 -20.05 41.99 -42.33
C ALA E 62 -20.92 43.02 -43.08
N GLY E 63 -21.92 43.57 -42.39
CA GLY E 63 -22.78 44.57 -43.01
C GLY E 63 -24.19 44.08 -43.29
N ASP E 64 -25.02 44.98 -43.79
CA ASP E 64 -26.40 44.68 -44.13
C ASP E 64 -26.40 44.50 -45.64
N SER E 65 -25.38 45.06 -46.28
CA SER E 65 -25.21 45.00 -47.72
C SER E 65 -23.77 44.67 -48.08
N ALA E 66 -23.17 43.75 -47.34
CA ALA E 66 -21.80 43.37 -47.61
C ALA E 66 -21.38 42.11 -46.85
N ILE E 67 -20.25 41.54 -47.26
CA ILE E 67 -19.71 40.33 -46.65
C ILE E 67 -18.19 40.50 -46.58
N SER E 68 -17.54 39.79 -45.68
CA SER E 68 -16.10 39.92 -45.58
C SER E 68 -15.37 38.63 -45.86
N VAL E 69 -14.27 38.73 -46.58
CA VAL E 69 -13.45 37.59 -46.93
C VAL E 69 -12.00 37.87 -46.57
N ASP E 70 -11.57 37.39 -45.42
CA ASP E 70 -10.19 37.63 -44.98
C ASP E 70 -9.98 39.13 -44.82
N GLY E 71 -11.05 39.85 -44.50
CA GLY E 71 -10.91 41.28 -44.32
C GLY E 71 -11.40 42.09 -45.51
N LYS E 72 -11.01 41.68 -46.72
CA LYS E 72 -11.44 42.38 -47.93
C LYS E 72 -12.97 42.45 -47.88
N VAL E 73 -13.52 43.65 -47.89
CA VAL E 73 -14.97 43.78 -47.83
C VAL E 73 -15.60 43.88 -49.19
N ILE E 74 -16.80 43.30 -49.33
CA ILE E 74 -17.49 43.33 -50.61
C ILE E 74 -18.97 43.60 -50.39
N LYS E 75 -19.55 44.43 -51.25
CA LYS E 75 -20.95 44.76 -51.15
C LYS E 75 -21.80 43.76 -51.90
N VAL E 76 -22.96 43.47 -51.34
CA VAL E 76 -23.90 42.56 -51.94
C VAL E 76 -25.21 43.29 -52.16
N VAL E 77 -25.61 43.39 -53.42
CA VAL E 77 -26.85 44.07 -53.74
C VAL E 77 -27.76 43.03 -54.36
N SER E 78 -28.95 43.45 -54.79
CA SER E 78 -29.89 42.51 -55.38
C SER E 78 -31.03 43.09 -56.23
N ASP E 79 -30.78 43.30 -57.51
CA ASP E 79 -31.81 43.81 -58.39
C ASP E 79 -31.93 42.88 -59.58
N ARG E 80 -33.12 42.32 -59.75
CA ARG E 80 -33.36 41.40 -60.84
C ARG E 80 -33.24 42.08 -62.19
N ASN E 81 -33.12 43.40 -62.19
CA ASN E 81 -32.95 44.16 -63.42
C ASN E 81 -31.66 44.95 -63.29
N PRO E 82 -30.63 44.58 -64.05
CA PRO E 82 -29.30 45.19 -64.06
C PRO E 82 -29.25 46.73 -64.09
N VAL E 83 -29.90 47.34 -65.07
CA VAL E 83 -29.91 48.78 -65.22
C VAL E 83 -29.84 49.53 -63.89
N ASN E 84 -30.44 48.97 -62.85
CA ASN E 84 -30.46 49.59 -61.54
C ASN E 84 -29.14 49.48 -60.76
N LEU E 85 -28.48 48.35 -60.86
CA LEU E 85 -27.24 48.16 -60.15
C LEU E 85 -26.39 49.42 -60.28
N PRO E 86 -25.78 49.86 -59.18
CA PRO E 86 -24.95 51.06 -59.17
C PRO E 86 -23.55 50.83 -59.75
N TRP E 87 -23.49 50.36 -60.99
CA TRP E 87 -22.20 50.10 -61.61
C TRP E 87 -21.46 51.40 -61.85
N GLY E 88 -22.20 52.39 -62.34
CA GLY E 88 -21.59 53.69 -62.58
C GLY E 88 -21.15 54.34 -61.28
N ASP E 89 -22.00 54.29 -60.27
CA ASP E 89 -21.70 54.89 -58.99
C ASP E 89 -20.44 54.31 -58.37
N MET E 90 -20.23 53.01 -58.54
CA MET E 90 -19.06 52.38 -57.96
C MET E 90 -17.89 52.32 -58.92
N GLY E 91 -18.10 52.86 -60.11
CA GLY E 91 -17.05 52.88 -61.11
C GLY E 91 -16.64 51.48 -61.50
N ILE E 92 -17.63 50.67 -61.86
CA ILE E 92 -17.42 49.28 -62.26
C ILE E 92 -16.79 49.22 -63.64
N ASP E 93 -15.55 48.74 -63.67
CA ASP E 93 -14.81 48.64 -64.93
C ASP E 93 -15.16 47.35 -65.66
N LEU E 94 -15.42 46.28 -64.91
CA LEU E 94 -15.75 44.99 -65.51
C LEU E 94 -16.81 44.24 -64.74
N VAL E 95 -17.69 43.60 -65.47
CA VAL E 95 -18.76 42.83 -64.88
C VAL E 95 -18.70 41.39 -65.36
N ILE E 96 -18.71 40.46 -64.41
CA ILE E 96 -18.66 39.04 -64.76
C ILE E 96 -20.09 38.50 -64.77
N GLU E 97 -20.72 38.58 -65.95
CA GLU E 97 -22.10 38.14 -66.14
C GLU E 97 -22.32 36.63 -66.09
N GLY E 98 -22.56 36.11 -64.89
CA GLY E 98 -22.80 34.69 -64.73
C GLY E 98 -24.17 34.44 -64.13
N THR E 99 -25.21 34.80 -64.89
CA THR E 99 -26.58 34.63 -64.43
C THR E 99 -27.30 33.65 -65.33
N GLY E 100 -26.85 33.57 -66.57
CA GLY E 100 -27.44 32.66 -67.54
C GLY E 100 -28.59 33.23 -68.35
N VAL E 101 -28.96 34.47 -68.07
CA VAL E 101 -30.07 35.10 -68.77
C VAL E 101 -29.60 36.20 -69.73
N PHE E 102 -28.68 37.03 -69.26
CA PHE E 102 -28.15 38.13 -70.03
C PHE E 102 -26.97 37.64 -70.85
N VAL E 103 -27.31 37.01 -71.97
CA VAL E 103 -26.32 36.45 -72.87
C VAL E 103 -26.38 37.06 -74.25
N ASP E 104 -27.19 38.11 -74.41
CA ASP E 104 -27.33 38.76 -75.70
C ASP E 104 -27.01 40.24 -75.65
N ARG E 105 -26.80 40.82 -76.82
CA ARG E 105 -26.50 42.23 -76.95
C ARG E 105 -27.36 43.03 -75.97
N ASP E 106 -28.67 42.99 -76.21
CA ASP E 106 -29.67 43.69 -75.40
C ASP E 106 -29.48 43.51 -73.89
N GLY E 107 -29.44 42.24 -73.45
CA GLY E 107 -29.29 41.92 -72.04
C GLY E 107 -28.02 42.36 -71.37
N ALA E 108 -26.89 41.80 -71.79
CA ALA E 108 -25.62 42.16 -71.20
C ALA E 108 -25.47 43.66 -71.17
N GLY E 109 -26.03 44.32 -72.18
CA GLY E 109 -25.95 45.76 -72.27
C GLY E 109 -26.46 46.52 -71.05
N LYS E 110 -27.59 46.07 -70.49
CA LYS E 110 -28.16 46.72 -69.31
C LYS E 110 -27.08 47.01 -68.28
N HIS E 111 -25.98 46.27 -68.35
CA HIS E 111 -24.88 46.48 -67.41
C HIS E 111 -24.16 47.75 -67.77
N LEU E 112 -23.98 47.95 -69.06
CA LEU E 112 -23.31 49.13 -69.56
C LEU E 112 -24.10 50.34 -69.08
N GLN E 113 -25.43 50.26 -69.20
CA GLN E 113 -26.29 51.37 -68.77
C GLN E 113 -26.09 51.67 -67.30
N ALA E 114 -26.02 50.63 -66.49
CA ALA E 114 -25.84 50.80 -65.06
C ALA E 114 -24.57 51.55 -64.74
N GLY E 115 -23.78 51.82 -65.76
CA GLY E 115 -22.54 52.55 -65.56
C GLY E 115 -21.30 51.69 -65.66
N ALA E 116 -21.50 50.41 -65.99
CA ALA E 116 -20.38 49.49 -66.13
C ALA E 116 -19.66 49.75 -67.44
N LYS E 117 -18.37 49.46 -67.48
CA LYS E 117 -17.58 49.69 -68.66
C LYS E 117 -17.50 48.48 -69.59
N LYS E 118 -17.30 47.29 -69.04
CA LYS E 118 -17.23 46.06 -69.84
C LYS E 118 -18.02 44.93 -69.22
N VAL E 119 -18.44 43.99 -70.06
CA VAL E 119 -19.22 42.86 -69.59
C VAL E 119 -18.71 41.50 -70.10
N LEU E 120 -18.08 40.73 -69.21
CA LEU E 120 -17.57 39.43 -69.56
C LEU E 120 -18.66 38.41 -69.27
N ILE E 121 -19.21 37.82 -70.32
CA ILE E 121 -20.25 36.82 -70.20
C ILE E 121 -19.67 35.43 -69.99
N THR E 122 -19.90 34.87 -68.81
CA THR E 122 -19.39 33.54 -68.46
C THR E 122 -20.07 32.43 -69.21
N ALA E 123 -20.43 32.67 -70.46
CA ALA E 123 -21.08 31.65 -71.26
C ALA E 123 -20.96 32.02 -72.72
N PRO E 124 -21.45 31.15 -73.62
CA PRO E 124 -21.34 31.49 -75.05
C PRO E 124 -22.19 32.71 -75.31
N GLY E 125 -21.77 33.55 -76.23
CA GLY E 125 -22.55 34.72 -76.53
C GLY E 125 -23.63 34.40 -77.55
N LYS E 126 -24.80 35.01 -77.39
CA LYS E 126 -25.87 34.78 -78.33
C LYS E 126 -25.91 35.94 -79.33
N GLY E 127 -25.72 35.61 -80.61
CA GLY E 127 -25.72 36.61 -81.65
C GLY E 127 -24.32 37.04 -82.05
N ASP E 128 -24.18 38.33 -82.35
CA ASP E 128 -22.89 38.89 -82.74
C ASP E 128 -22.11 39.40 -81.52
N ILE E 129 -21.25 38.55 -80.96
CA ILE E 129 -20.42 38.94 -79.82
C ILE E 129 -19.06 38.27 -79.90
N PRO E 130 -18.02 38.96 -79.47
CA PRO E 130 -16.67 38.43 -79.49
C PRO E 130 -16.55 37.24 -78.54
N THR E 131 -16.15 36.10 -79.09
CA THR E 131 -15.97 34.91 -78.30
C THR E 131 -14.48 34.61 -78.28
N TYR E 132 -13.93 34.44 -77.09
CA TYR E 132 -12.51 34.16 -76.93
C TYR E 132 -12.30 32.99 -75.97
N VAL E 133 -11.39 32.09 -76.32
CA VAL E 133 -11.08 30.94 -75.49
C VAL E 133 -9.61 30.93 -75.12
N VAL E 134 -9.30 31.48 -73.95
CA VAL E 134 -7.93 31.58 -73.49
C VAL E 134 -7.06 30.41 -73.91
N GLY E 135 -6.13 30.66 -74.81
CA GLY E 135 -5.25 29.59 -75.28
C GLY E 135 -5.53 29.27 -76.73
N VAL E 136 -6.68 29.70 -77.21
CA VAL E 136 -7.07 29.45 -78.58
C VAL E 136 -7.17 30.71 -79.45
N ASN E 137 -7.18 31.90 -78.85
CA ASN E 137 -7.25 33.14 -79.61
C ASN E 137 -7.47 34.37 -78.76
N GLU E 138 -6.85 34.42 -77.59
CA GLU E 138 -7.03 35.56 -76.72
C GLU E 138 -6.34 36.79 -77.28
N GLU E 139 -5.50 36.60 -78.29
CA GLU E 139 -4.80 37.74 -78.87
C GLU E 139 -5.75 38.48 -79.78
N GLY E 140 -6.87 37.85 -80.10
CA GLY E 140 -7.85 38.50 -80.94
C GLY E 140 -8.53 39.63 -80.18
N TYR E 141 -8.46 39.57 -78.85
CA TYR E 141 -9.07 40.60 -78.01
C TYR E 141 -8.38 41.93 -78.17
N THR E 142 -9.16 43.00 -77.98
CA THR E 142 -8.69 44.39 -78.05
C THR E 142 -9.58 45.18 -77.09
N HIS E 143 -8.97 46.09 -76.34
CA HIS E 143 -9.74 46.88 -75.36
C HIS E 143 -10.99 47.51 -75.98
N ALA E 144 -11.11 47.42 -77.31
CA ALA E 144 -12.24 48.01 -78.02
C ALA E 144 -13.57 47.30 -77.74
N ASP E 145 -13.50 46.00 -77.53
CA ASP E 145 -14.67 45.17 -77.27
C ASP E 145 -15.28 45.49 -75.91
N THR E 146 -16.57 45.82 -75.89
CA THR E 146 -17.25 46.14 -74.64
C THR E 146 -17.97 44.93 -74.05
N ILE E 147 -18.22 43.93 -74.90
CA ILE E 147 -18.91 42.73 -74.47
C ILE E 147 -18.30 41.47 -75.09
N ILE E 148 -17.73 40.61 -74.26
CA ILE E 148 -17.13 39.40 -74.75
C ILE E 148 -17.63 38.20 -73.96
N SER E 149 -17.60 37.03 -74.59
CA SER E 149 -18.02 35.77 -73.96
C SER E 149 -16.81 34.87 -73.94
N ASN E 150 -16.63 34.19 -72.81
CA ASN E 150 -15.51 33.27 -72.62
C ASN E 150 -15.93 31.85 -73.01
N ALA E 151 -16.85 31.77 -73.99
CA ALA E 151 -17.37 30.49 -74.50
C ALA E 151 -17.94 29.58 -73.41
N SER E 152 -18.25 28.33 -73.77
CA SER E 152 -18.79 27.35 -72.83
C SER E 152 -17.72 26.50 -72.12
N CYS E 153 -18.14 25.75 -71.11
CA CYS E 153 -17.24 24.90 -70.35
C CYS E 153 -16.67 23.81 -71.27
N THR E 154 -17.50 23.35 -72.19
CA THR E 154 -17.12 22.30 -73.15
C THR E 154 -16.15 22.86 -74.18
N THR E 155 -16.59 23.88 -74.89
CA THR E 155 -15.75 24.51 -75.90
C THR E 155 -14.36 24.80 -75.33
N ASN E 156 -14.33 25.39 -74.15
CA ASN E 156 -13.06 25.73 -73.53
C ASN E 156 -12.19 24.50 -73.33
N CYS E 157 -12.77 23.32 -73.47
CA CYS E 157 -11.99 22.12 -73.32
C CYS E 157 -11.63 21.61 -74.67
N LEU E 158 -12.65 21.34 -75.45
CA LEU E 158 -12.50 20.80 -76.78
C LEU E 158 -11.62 21.63 -77.70
N ALA E 159 -11.71 22.94 -77.59
CA ALA E 159 -10.93 23.82 -78.46
C ALA E 159 -9.42 23.63 -78.42
N PRO E 160 -8.79 23.86 -77.25
CA PRO E 160 -7.35 23.73 -77.09
C PRO E 160 -6.73 22.55 -77.84
N PHE E 161 -7.23 21.35 -77.60
CA PHE E 161 -6.64 20.21 -78.25
C PHE E 161 -7.12 19.97 -79.67
N VAL E 162 -8.13 20.73 -80.11
CA VAL E 162 -8.59 20.61 -81.48
C VAL E 162 -7.58 21.38 -82.28
N LYS E 163 -7.22 22.56 -81.77
CA LYS E 163 -6.24 23.41 -82.41
C LYS E 163 -5.03 22.56 -82.66
N VAL E 164 -4.59 21.86 -81.62
CA VAL E 164 -3.41 21.01 -81.71
C VAL E 164 -3.53 20.00 -82.82
N LEU E 165 -4.69 19.38 -82.97
CA LEU E 165 -4.89 18.40 -84.02
C LEU E 165 -4.80 19.03 -85.40
N ASP E 166 -5.78 19.87 -85.73
CA ASP E 166 -5.83 20.54 -87.03
C ASP E 166 -4.46 21.14 -87.41
N GLN E 167 -3.93 21.92 -86.49
CA GLN E 167 -2.65 22.59 -86.65
C GLN E 167 -1.50 21.62 -86.84
N LYS E 168 -1.82 20.34 -86.98
CA LYS E 168 -0.77 19.33 -87.11
C LYS E 168 -1.12 18.15 -88.01
N PHE E 169 -2.39 17.79 -88.07
CA PHE E 169 -2.82 16.66 -88.88
C PHE E 169 -3.91 17.06 -89.87
N GLY E 170 -4.49 18.24 -89.65
CA GLY E 170 -5.54 18.74 -90.50
C GLY E 170 -6.91 18.09 -90.32
N ILE E 171 -7.77 18.70 -89.52
CA ILE E 171 -9.09 18.12 -89.31
C ILE E 171 -9.94 18.30 -90.55
N ILE E 172 -10.37 17.19 -91.12
CA ILE E 172 -11.21 17.20 -92.30
C ILE E 172 -12.66 17.37 -91.86
N LYS E 173 -13.08 16.52 -90.93
CA LYS E 173 -14.44 16.56 -90.40
C LYS E 173 -14.44 15.72 -89.15
N GLY E 174 -15.46 15.87 -88.31
CA GLY E 174 -15.50 15.07 -87.11
C GLY E 174 -16.60 15.42 -86.13
N THR E 175 -17.13 14.39 -85.47
CA THR E 175 -18.18 14.58 -84.48
C THR E 175 -17.57 14.42 -83.09
N MET E 176 -18.38 14.70 -82.08
CA MET E 176 -17.93 14.58 -80.72
C MET E 176 -19.13 14.46 -79.82
N THR E 177 -18.93 13.83 -78.68
CA THR E 177 -19.99 13.62 -77.72
C THR E 177 -19.39 13.84 -76.34
N THR E 178 -20.04 14.71 -75.55
CA THR E 178 -19.55 15.01 -74.23
C THR E 178 -20.43 14.45 -73.12
N THR E 179 -19.87 13.49 -72.38
CA THR E 179 -20.56 12.90 -71.25
C THR E 179 -20.31 13.95 -70.18
N HIS E 180 -21.38 14.65 -69.85
CA HIS E 180 -21.33 15.78 -68.96
C HIS E 180 -22.04 15.64 -67.62
N SER E 181 -21.44 16.18 -66.55
CA SER E 181 -22.04 16.16 -65.21
C SER E 181 -23.28 17.02 -65.38
N TYR E 182 -24.25 16.93 -64.46
CA TYR E 182 -25.44 17.75 -64.62
C TYR E 182 -25.18 19.16 -64.13
N THR E 183 -26.13 20.06 -64.39
CA THR E 183 -26.00 21.47 -63.96
C THR E 183 -27.30 22.09 -63.49
N GLY E 184 -27.18 23.23 -62.84
CA GLY E 184 -28.36 23.90 -62.34
C GLY E 184 -29.53 23.90 -63.32
N ASP E 185 -29.21 23.87 -64.61
CA ASP E 185 -30.25 23.90 -65.63
C ASP E 185 -31.19 22.70 -65.65
N GLN E 186 -30.74 21.54 -65.21
CA GLN E 186 -31.62 20.38 -65.22
C GLN E 186 -32.64 20.37 -64.09
N ARG E 187 -33.72 19.62 -64.29
CA ARG E 187 -34.75 19.52 -63.29
C ARG E 187 -34.40 18.42 -62.34
N LEU E 188 -34.56 18.63 -61.03
CA LEU E 188 -34.23 17.59 -60.06
C LEU E 188 -35.22 16.45 -60.12
N LEU E 189 -36.45 16.76 -60.52
CA LEU E 189 -37.46 15.72 -60.65
C LEU E 189 -38.32 16.09 -61.84
N ASP E 190 -38.66 15.10 -62.65
CA ASP E 190 -39.48 15.33 -63.83
C ASP E 190 -40.40 16.53 -63.68
N ALA E 191 -39.95 17.67 -64.20
CA ALA E 191 -40.73 18.89 -64.13
C ALA E 191 -40.60 19.62 -65.45
N SER E 192 -41.54 20.52 -65.70
CA SER E 192 -41.56 21.30 -66.95
C SER E 192 -40.23 21.96 -67.30
N HIS E 193 -39.99 22.09 -68.59
CA HIS E 193 -38.75 22.67 -69.10
C HIS E 193 -38.94 22.84 -70.60
N ARG E 194 -38.11 23.64 -71.24
CA ARG E 194 -38.27 23.83 -72.69
C ARG E 194 -37.55 22.76 -73.47
N ASP E 195 -36.86 21.91 -72.74
CA ASP E 195 -36.09 20.81 -73.32
C ASP E 195 -36.57 19.54 -72.60
N LEU E 196 -37.62 18.92 -73.12
CA LEU E 196 -38.21 17.74 -72.49
C LEU E 196 -37.21 16.67 -72.06
N ARG E 197 -35.96 16.84 -72.43
CA ARG E 197 -34.95 15.90 -72.01
C ARG E 197 -34.42 16.48 -70.70
N ARG E 198 -33.88 17.69 -70.77
CA ARG E 198 -33.37 18.36 -69.58
C ARG E 198 -34.46 18.43 -68.52
N ALA E 199 -35.70 18.26 -68.94
CA ALA E 199 -36.81 18.31 -68.01
C ALA E 199 -36.92 17.06 -67.14
N ARG E 200 -36.18 16.01 -67.49
CA ARG E 200 -36.21 14.76 -66.79
C ARG E 200 -35.29 14.64 -65.57
N ALA E 201 -35.62 13.66 -64.74
CA ALA E 201 -34.91 13.33 -63.50
C ALA E 201 -33.51 13.87 -63.21
N ALA E 202 -32.66 13.98 -64.23
CA ALA E 202 -31.31 14.50 -64.04
C ALA E 202 -30.36 13.59 -63.29
N CYS E 203 -30.77 13.12 -62.11
CA CYS E 203 -29.93 12.24 -61.29
C CYS E 203 -30.23 10.77 -61.50
N LEU E 204 -31.24 10.48 -62.31
CA LEU E 204 -31.63 9.10 -62.55
C LEU E 204 -31.46 8.71 -64.00
N ASN E 205 -30.96 9.63 -64.82
CA ASN E 205 -30.80 9.32 -66.23
C ASN E 205 -29.56 9.87 -66.88
N ILE E 206 -29.39 9.41 -68.10
CA ILE E 206 -28.35 9.84 -68.98
C ILE E 206 -29.27 10.71 -69.81
N VAL E 207 -29.09 12.02 -69.73
CA VAL E 207 -29.95 12.93 -70.45
C VAL E 207 -29.28 13.50 -71.67
N PRO E 208 -29.72 13.07 -72.86
CA PRO E 208 -29.11 13.59 -74.07
C PRO E 208 -29.61 15.01 -74.23
N THR E 209 -28.70 15.96 -74.36
CA THR E 209 -29.12 17.32 -74.60
C THR E 209 -28.15 17.76 -75.66
N SER E 210 -28.45 18.89 -76.29
CA SER E 210 -27.59 19.38 -77.34
C SER E 210 -26.62 20.40 -76.77
N THR E 211 -25.48 20.56 -77.45
CA THR E 211 -24.49 21.54 -77.04
C THR E 211 -23.99 22.33 -78.24
N GLY E 212 -23.67 23.60 -78.00
CA GLY E 212 -23.19 24.47 -79.06
C GLY E 212 -21.70 24.32 -79.28
N ALA E 213 -20.99 23.97 -78.21
CA ALA E 213 -19.56 23.79 -78.26
C ALA E 213 -19.16 23.17 -79.58
N ALA E 214 -20.08 22.46 -80.20
CA ALA E 214 -19.84 21.82 -81.48
C ALA E 214 -19.48 22.88 -82.52
N LYS E 215 -20.42 23.78 -82.79
CA LYS E 215 -20.20 24.83 -83.77
C LYS E 215 -19.39 25.97 -83.17
N ALA E 216 -19.49 26.14 -81.85
CA ALA E 216 -18.75 27.19 -81.16
C ALA E 216 -17.23 27.05 -81.35
N VAL E 217 -16.76 25.84 -81.59
CA VAL E 217 -15.32 25.67 -81.80
C VAL E 217 -14.97 26.63 -82.91
N ALA E 218 -15.65 26.46 -84.04
CA ALA E 218 -15.44 27.29 -85.22
C ALA E 218 -15.39 28.77 -84.89
N LEU E 219 -16.17 29.17 -83.90
CA LEU E 219 -16.21 30.56 -83.48
C LEU E 219 -14.80 31.04 -83.17
N VAL E 220 -14.01 30.20 -82.51
CA VAL E 220 -12.67 30.59 -82.15
C VAL E 220 -11.58 29.97 -83.02
N LEU E 221 -11.95 28.95 -83.78
CA LEU E 221 -11.01 28.31 -84.69
C LEU E 221 -11.66 28.35 -86.05
N PRO E 222 -11.79 29.56 -86.61
CA PRO E 222 -12.40 29.86 -87.90
C PRO E 222 -12.27 28.77 -88.93
N ASN E 223 -11.12 28.10 -88.92
CA ASN E 223 -10.85 27.07 -89.89
C ASN E 223 -11.84 25.90 -89.86
N LEU E 224 -12.27 25.49 -88.67
CA LEU E 224 -13.18 24.35 -88.58
C LEU E 224 -14.65 24.64 -88.82
N LYS E 225 -14.98 25.77 -89.41
CA LYS E 225 -16.40 26.09 -89.64
C LYS E 225 -17.13 24.95 -90.33
N GLY E 226 -18.18 24.47 -89.67
CA GLY E 226 -19.01 23.38 -90.19
C GLY E 226 -18.35 22.03 -90.36
N LYS E 227 -17.24 21.81 -89.67
CA LYS E 227 -16.52 20.54 -89.74
C LYS E 227 -16.77 19.71 -88.48
N LEU E 228 -17.19 20.38 -87.43
CA LEU E 228 -17.47 19.72 -86.17
C LEU E 228 -18.92 19.85 -85.77
N ASN E 229 -19.37 18.88 -85.00
CA ASN E 229 -20.73 18.86 -84.48
C ASN E 229 -20.97 17.65 -83.62
N GLY E 230 -21.63 17.86 -82.50
CA GLY E 230 -21.92 16.77 -81.59
C GLY E 230 -23.06 17.02 -80.63
N ILE E 231 -23.30 16.04 -79.77
CA ILE E 231 -24.36 16.14 -78.80
C ILE E 231 -23.69 16.05 -77.44
N ALA E 232 -24.49 15.81 -76.40
CA ALA E 232 -23.96 15.71 -75.04
C ALA E 232 -24.85 14.80 -74.21
N LEU E 233 -24.26 14.19 -73.18
CA LEU E 233 -25.01 13.28 -72.32
C LEU E 233 -24.86 13.67 -70.84
N ARG E 234 -25.95 14.10 -70.26
CA ARG E 234 -25.98 14.53 -68.87
C ARG E 234 -26.07 13.40 -67.87
N VAL E 235 -24.93 12.93 -67.36
CA VAL E 235 -24.98 11.83 -66.41
C VAL E 235 -24.89 12.24 -64.95
N PRO E 236 -25.49 11.44 -64.06
CA PRO E 236 -25.52 11.64 -62.62
C PRO E 236 -24.22 11.93 -61.87
N THR E 237 -23.66 13.11 -62.11
CA THR E 237 -22.45 13.53 -61.42
C THR E 237 -22.53 15.04 -61.31
N PRO E 238 -22.19 15.59 -60.14
CA PRO E 238 -22.24 17.04 -59.93
C PRO E 238 -21.11 17.84 -60.56
N ASN E 239 -20.05 17.20 -61.03
CA ASN E 239 -18.96 17.96 -61.60
C ASN E 239 -17.91 17.13 -62.31
N VAL E 240 -17.20 17.80 -63.20
CA VAL E 240 -16.15 17.18 -63.99
C VAL E 240 -16.77 16.42 -65.11
N SER E 241 -16.36 16.70 -66.33
CA SER E 241 -16.94 16.02 -67.45
C SER E 241 -15.90 15.61 -68.45
N VAL E 242 -16.30 14.73 -69.37
CA VAL E 242 -15.40 14.23 -70.38
C VAL E 242 -15.94 14.34 -71.80
N VAL E 243 -15.05 14.69 -72.72
CA VAL E 243 -15.41 14.84 -74.11
C VAL E 243 -14.79 13.72 -74.94
N ASP E 244 -15.55 13.25 -75.92
CA ASP E 244 -15.14 12.15 -76.77
C ASP E 244 -15.07 12.61 -78.22
N LEU E 245 -13.97 13.27 -78.60
CA LEU E 245 -13.82 13.76 -79.96
C LEU E 245 -13.46 12.66 -80.96
N VAL E 246 -13.87 12.82 -82.22
CA VAL E 246 -13.58 11.84 -83.26
C VAL E 246 -13.41 12.55 -84.61
N VAL E 247 -12.18 12.97 -84.90
CA VAL E 247 -11.90 13.68 -86.13
C VAL E 247 -11.16 12.83 -87.13
N GLN E 248 -11.32 13.16 -88.40
CA GLN E 248 -10.66 12.46 -89.50
C GLN E 248 -9.64 13.47 -90.02
N VAL E 249 -8.37 13.16 -89.91
CA VAL E 249 -7.34 14.07 -90.39
C VAL E 249 -6.82 13.64 -91.75
N SER E 250 -6.05 14.51 -92.40
CA SER E 250 -5.51 14.19 -93.70
C SER E 250 -4.26 13.34 -93.55
N LYS E 251 -3.27 13.91 -92.89
CA LYS E 251 -1.98 13.26 -92.65
C LYS E 251 -2.14 11.97 -91.85
N LYS E 252 -1.97 10.82 -92.49
CA LYS E 252 -2.10 9.53 -91.79
C LYS E 252 -1.26 9.59 -90.50
N THR E 253 -1.81 9.09 -89.41
CA THR E 253 -1.09 9.12 -88.15
C THR E 253 -1.40 7.93 -87.27
N PHE E 254 -0.66 7.79 -86.16
CA PHE E 254 -0.88 6.68 -85.24
C PHE E 254 -1.02 7.10 -83.78
N ALA E 255 -1.59 6.21 -82.99
CA ALA E 255 -1.84 6.43 -81.57
C ALA E 255 -0.88 7.34 -80.82
N GLU E 256 0.30 6.82 -80.48
CA GLU E 256 1.23 7.59 -79.70
C GLU E 256 1.73 8.91 -80.35
N GLU E 257 1.71 9.01 -81.68
CA GLU E 257 2.17 10.24 -82.33
C GLU E 257 1.26 11.37 -81.93
N VAL E 258 -0.04 11.09 -81.96
CA VAL E 258 -1.03 12.09 -81.61
C VAL E 258 -0.75 12.55 -80.19
N ASN E 259 -0.85 11.65 -79.23
CA ASN E 259 -0.60 11.97 -77.84
C ASN E 259 0.66 12.81 -77.71
N ALA E 260 1.70 12.38 -78.38
CA ALA E 260 2.96 13.10 -78.33
C ALA E 260 2.73 14.57 -78.61
N ALA E 261 2.21 14.86 -79.79
CA ALA E 261 1.92 16.24 -80.20
C ALA E 261 1.25 17.00 -79.06
N PHE E 262 0.22 16.39 -78.47
CA PHE E 262 -0.48 17.01 -77.36
C PHE E 262 0.51 17.40 -76.28
N ARG E 263 1.24 16.41 -75.75
CA ARG E 263 2.22 16.71 -74.71
C ARG E 263 3.10 17.87 -75.12
N GLU E 264 3.73 17.79 -76.28
CA GLU E 264 4.61 18.87 -76.73
C GLU E 264 3.95 20.22 -76.50
N SER E 265 2.75 20.43 -77.05
CA SER E 265 2.06 21.70 -76.87
C SER E 265 1.77 21.97 -75.41
N ALA E 266 1.38 20.93 -74.67
CA ALA E 266 1.06 21.08 -73.27
C ALA E 266 2.25 21.52 -72.44
N ASP E 267 3.46 21.25 -72.94
CA ASP E 267 4.68 21.62 -72.24
C ASP E 267 5.21 22.96 -72.70
N ASN E 268 4.78 23.41 -73.87
CA ASN E 268 5.23 24.69 -74.41
C ASN E 268 4.15 25.76 -74.41
N GLU E 269 3.49 25.89 -75.56
CA GLU E 269 2.44 26.88 -75.79
C GLU E 269 1.22 26.79 -74.88
N LEU E 270 0.59 25.63 -74.81
CA LEU E 270 -0.60 25.47 -73.97
C LEU E 270 -0.30 25.20 -72.50
N LYS E 271 0.97 25.29 -72.10
CA LYS E 271 1.35 25.05 -70.71
C LYS E 271 0.44 25.84 -69.79
N GLY E 272 -0.35 25.12 -69.00
CA GLY E 272 -1.27 25.79 -68.10
C GLY E 272 -2.70 25.60 -68.54
N ILE E 273 -2.89 25.34 -69.83
CA ILE E 273 -4.22 25.12 -70.39
C ILE E 273 -4.49 23.65 -70.66
N LEU E 274 -3.74 23.06 -71.58
CA LEU E 274 -3.91 21.64 -71.90
C LEU E 274 -2.93 20.85 -71.05
N SER E 275 -3.15 19.54 -70.95
CA SER E 275 -2.26 18.66 -70.20
C SER E 275 -2.68 17.22 -70.45
N VAL E 276 -1.72 16.33 -70.29
CA VAL E 276 -1.95 14.90 -70.51
C VAL E 276 -1.83 14.15 -69.18
N CYS E 277 -2.46 12.98 -69.10
CA CYS E 277 -2.41 12.16 -67.89
C CYS E 277 -2.45 10.69 -68.23
N ASP E 278 -1.41 9.98 -67.83
CA ASP E 278 -1.30 8.56 -68.13
C ASP E 278 -1.88 7.69 -67.02
N GLU E 279 -1.67 8.13 -65.78
CA GLU E 279 -2.21 7.42 -64.64
C GLU E 279 -3.72 7.22 -64.84
N PRO E 280 -4.18 5.96 -64.99
CA PRO E 280 -5.60 5.63 -65.19
C PRO E 280 -6.49 6.10 -64.05
N LEU E 281 -7.11 7.26 -64.24
CA LEU E 281 -7.98 7.84 -63.22
C LEU E 281 -9.44 7.84 -63.58
N VAL E 282 -10.22 8.64 -62.86
CA VAL E 282 -11.66 8.73 -63.08
C VAL E 282 -12.15 10.14 -62.76
N SER E 283 -13.41 10.44 -63.08
CA SER E 283 -13.99 11.76 -62.82
C SER E 283 -13.40 12.45 -61.60
N ILE E 284 -13.97 12.13 -60.44
CA ILE E 284 -13.55 12.71 -59.16
C ILE E 284 -12.08 13.04 -59.05
N ASP E 285 -11.22 12.27 -59.71
CA ASP E 285 -9.81 12.56 -59.60
C ASP E 285 -9.42 13.84 -60.33
N PHE E 286 -10.38 14.52 -60.95
CA PHE E 286 -10.05 15.74 -61.67
C PHE E 286 -10.66 17.04 -61.11
N ARG E 287 -11.05 17.03 -59.84
CA ARG E 287 -11.63 18.22 -59.23
C ARG E 287 -10.53 19.27 -59.16
N CYS E 288 -10.89 20.50 -58.83
CA CYS E 288 -9.91 21.57 -58.71
C CYS E 288 -8.69 21.43 -59.64
N THR E 289 -8.90 21.38 -60.95
CA THR E 289 -7.77 21.27 -61.86
C THR E 289 -7.64 22.55 -62.69
N ASP E 290 -6.68 23.39 -62.30
CA ASP E 290 -6.44 24.69 -62.96
C ASP E 290 -6.39 24.71 -64.48
N VAL E 291 -6.24 23.56 -65.12
CA VAL E 291 -6.18 23.52 -66.57
C VAL E 291 -7.57 23.38 -67.19
N SER E 292 -7.69 23.78 -68.45
CA SER E 292 -8.94 23.73 -69.16
C SER E 292 -9.26 22.33 -69.67
N SER E 293 -8.24 21.63 -70.17
CA SER E 293 -8.42 20.29 -70.73
C SER E 293 -7.29 19.32 -70.33
N THR E 294 -7.63 18.04 -70.15
CA THR E 294 -6.66 17.02 -69.75
C THR E 294 -6.89 15.73 -70.54
N ILE E 295 -5.94 15.42 -71.43
CA ILE E 295 -6.02 14.22 -72.28
C ILE E 295 -5.75 12.89 -71.56
N ASP E 296 -6.66 11.93 -71.72
CA ASP E 296 -6.49 10.63 -71.11
C ASP E 296 -5.74 9.78 -72.12
N SER E 297 -4.43 9.99 -72.16
CA SER E 297 -3.54 9.33 -73.10
C SER E 297 -3.86 7.88 -73.43
N SER E 298 -3.85 7.02 -72.41
CA SER E 298 -4.12 5.59 -72.58
C SER E 298 -5.43 5.24 -73.31
N LEU E 299 -6.28 6.23 -73.53
CA LEU E 299 -7.57 6.05 -74.20
C LEU E 299 -7.53 6.41 -75.68
N THR E 300 -6.68 7.36 -76.04
CA THR E 300 -6.53 7.83 -77.42
C THR E 300 -6.28 6.68 -78.36
N MET E 301 -7.06 6.61 -79.43
CA MET E 301 -6.88 5.54 -80.39
C MET E 301 -7.21 5.96 -81.81
N VAL E 302 -6.46 5.40 -82.76
CA VAL E 302 -6.61 5.70 -84.17
C VAL E 302 -7.13 4.53 -84.98
N MET E 303 -7.81 4.84 -86.08
CA MET E 303 -8.37 3.81 -86.95
C MET E 303 -8.09 4.09 -88.42
N GLY E 304 -7.74 3.05 -89.16
CA GLY E 304 -7.49 3.22 -90.58
C GLY E 304 -6.53 4.34 -90.92
N ASP E 305 -5.70 4.71 -89.94
CA ASP E 305 -4.67 5.75 -90.09
C ASP E 305 -5.14 7.21 -90.06
N ASP E 306 -6.42 7.47 -90.33
CA ASP E 306 -6.89 8.85 -90.38
C ASP E 306 -8.03 9.25 -89.44
N MET E 307 -8.66 8.27 -88.80
CA MET E 307 -9.76 8.54 -87.87
C MET E 307 -9.22 8.51 -86.45
N VAL E 308 -9.11 9.69 -85.83
CA VAL E 308 -8.60 9.83 -84.47
C VAL E 308 -9.68 10.09 -83.42
N LYS E 309 -9.62 9.38 -82.30
CA LYS E 309 -10.56 9.56 -81.20
C LYS E 309 -9.73 10.02 -80.03
N VAL E 310 -10.18 11.03 -79.30
CA VAL E 310 -9.45 11.52 -78.14
C VAL E 310 -10.40 11.74 -76.99
N ILE E 311 -10.09 11.21 -75.83
CA ILE E 311 -10.98 11.45 -74.70
C ILE E 311 -10.31 12.54 -73.91
N ALA E 312 -11.10 13.42 -73.30
CA ALA E 312 -10.51 14.52 -72.53
C ALA E 312 -11.36 14.96 -71.36
N TRP E 313 -10.75 15.05 -70.19
CA TRP E 313 -11.46 15.44 -68.99
C TRP E 313 -11.37 16.93 -68.78
N TYR E 314 -12.27 17.47 -67.97
CA TYR E 314 -12.24 18.88 -67.65
C TYR E 314 -13.22 19.22 -66.55
N ASP E 315 -12.81 20.08 -65.62
CA ASP E 315 -13.71 20.45 -64.53
C ASP E 315 -14.61 21.59 -64.97
N ASN E 316 -15.76 21.24 -65.52
CA ASN E 316 -16.68 22.23 -66.02
C ASN E 316 -16.97 23.42 -65.10
N GLU E 317 -16.58 23.35 -63.84
CA GLU E 317 -16.83 24.45 -62.93
C GLU E 317 -15.59 25.24 -62.60
N TRP E 318 -14.63 24.57 -61.97
CA TRP E 318 -13.38 25.19 -61.57
C TRP E 318 -12.53 25.60 -62.76
N GLY E 319 -12.11 24.61 -63.54
CA GLY E 319 -11.28 24.87 -64.69
C GLY E 319 -11.84 26.00 -65.53
N TYR E 320 -13.15 26.03 -65.69
CA TYR E 320 -13.74 27.10 -66.46
C TYR E 320 -13.49 28.40 -65.71
N SER E 321 -13.91 28.48 -64.46
CA SER E 321 -13.70 29.69 -63.69
C SER E 321 -12.28 30.17 -63.86
N GLN E 322 -11.31 29.28 -63.66
CA GLN E 322 -9.92 29.67 -63.81
C GLN E 322 -9.69 30.32 -65.16
N ARG E 323 -10.48 29.94 -66.15
CA ARG E 323 -10.34 30.55 -67.47
C ARG E 323 -10.98 31.93 -67.41
N VAL E 324 -12.22 31.97 -66.92
CA VAL E 324 -12.91 33.24 -66.80
C VAL E 324 -11.94 34.21 -66.14
N VAL E 325 -11.38 33.85 -65.00
CA VAL E 325 -10.42 34.73 -64.32
C VAL E 325 -9.27 35.12 -65.26
N ASP E 326 -8.70 34.13 -65.94
CA ASP E 326 -7.59 34.36 -66.86
C ASP E 326 -7.97 35.33 -67.98
N LEU E 327 -9.23 35.33 -68.37
CA LEU E 327 -9.68 36.23 -69.42
C LEU E 327 -9.76 37.63 -68.83
N ALA E 328 -10.46 37.75 -67.71
CA ALA E 328 -10.59 39.03 -67.03
C ALA E 328 -9.21 39.47 -66.64
N ASP E 329 -8.37 38.50 -66.30
CA ASP E 329 -7.00 38.79 -65.92
C ASP E 329 -6.37 39.51 -67.12
N ILE E 330 -6.77 39.12 -68.32
CA ILE E 330 -6.25 39.73 -69.54
C ILE E 330 -6.81 41.12 -69.74
N VAL E 331 -8.14 41.26 -69.69
CA VAL E 331 -8.76 42.57 -69.87
C VAL E 331 -8.06 43.63 -69.05
N ALA E 332 -7.59 43.26 -67.86
CA ALA E 332 -6.88 44.20 -66.99
C ALA E 332 -5.57 44.63 -67.62
N ASN E 333 -4.91 43.69 -68.30
CA ASN E 333 -3.69 43.99 -69.00
C ASN E 333 -4.26 44.47 -70.33
N LYS E 334 -3.44 45.09 -71.15
CA LYS E 334 -3.93 45.56 -72.44
C LYS E 334 -5.24 46.35 -72.30
N TRP E 335 -5.30 47.19 -71.27
CA TRP E 335 -6.45 48.05 -70.97
C TRP E 335 -5.90 49.46 -70.96
N GLN E 336 -6.38 50.30 -71.88
CA GLN E 336 -5.89 51.67 -71.92
C GLN E 336 -6.90 52.68 -71.37
N LYS F 1 9.55 5.44 -33.05
CA LYS F 1 10.15 4.21 -32.45
C LYS F 1 9.24 2.97 -32.41
N LEU F 2 7.91 3.15 -32.42
CA LEU F 2 7.06 1.96 -32.39
C LEU F 2 6.64 1.55 -33.81
N LYS F 3 7.01 0.34 -34.20
CA LYS F 3 6.68 -0.18 -35.53
C LYS F 3 5.22 -0.66 -35.66
N VAL F 4 4.51 -0.15 -36.67
CA VAL F 4 3.12 -0.52 -36.90
C VAL F 4 2.84 -1.17 -38.23
N ALA F 5 1.95 -2.16 -38.18
CA ALA F 5 1.53 -2.89 -39.37
C ALA F 5 0.05 -2.60 -39.56
N ILE F 6 -0.40 -2.66 -40.81
CA ILE F 6 -1.79 -2.40 -41.14
C ILE F 6 -2.32 -3.57 -41.91
N ASN F 7 -3.12 -4.40 -41.27
CA ASN F 7 -3.68 -5.56 -41.96
C ASN F 7 -5.06 -5.20 -42.49
N GLY F 8 -5.13 -4.98 -43.81
CA GLY F 8 -6.38 -4.61 -44.45
C GLY F 8 -6.31 -3.21 -45.01
N PHE F 9 -5.87 -3.09 -46.26
CA PHE F 9 -5.74 -1.76 -46.85
C PHE F 9 -6.98 -1.31 -47.61
N GLY F 10 -8.04 -1.06 -46.85
CA GLY F 10 -9.28 -0.61 -47.44
C GLY F 10 -9.85 0.50 -46.59
N ARG F 11 -10.55 1.43 -47.23
CA ARG F 11 -11.16 2.59 -46.57
C ARG F 11 -10.55 2.88 -45.19
N ILE F 12 -11.02 2.17 -44.17
CA ILE F 12 -10.56 2.37 -42.81
C ILE F 12 -9.08 2.22 -42.63
N GLY F 13 -8.48 1.26 -43.31
CA GLY F 13 -7.05 1.03 -43.19
C GLY F 13 -6.27 2.11 -43.91
N ARG F 14 -6.77 2.49 -45.08
CA ARG F 14 -6.14 3.53 -45.87
C ARG F 14 -6.44 4.87 -45.20
N ASN F 15 -7.66 5.05 -44.71
CA ASN F 15 -8.03 6.28 -44.01
C ASN F 15 -7.09 6.37 -42.81
N PHE F 16 -6.70 5.23 -42.27
CA PHE F 16 -5.76 5.21 -41.14
C PHE F 16 -4.46 5.84 -41.64
N LEU F 17 -3.73 5.08 -42.45
CA LEU F 17 -2.44 5.54 -42.97
C LEU F 17 -2.44 7.03 -43.27
N ARG F 18 -3.49 7.51 -43.92
CA ARG F 18 -3.57 8.92 -44.25
C ARG F 18 -3.56 9.73 -42.94
N CYS F 19 -4.51 9.42 -42.06
CA CYS F 19 -4.62 10.12 -40.78
C CYS F 19 -3.26 10.23 -40.13
N TRP F 20 -2.57 9.09 -40.07
CA TRP F 20 -1.26 9.02 -39.47
C TRP F 20 -0.19 9.89 -40.13
N HIS F 21 -0.11 9.82 -41.46
CA HIS F 21 0.89 10.61 -42.17
C HIS F 21 0.95 12.05 -41.69
N GLY F 22 0.03 12.86 -42.19
CA GLY F 22 -0.01 14.24 -41.77
C GLY F 22 -0.41 14.35 -40.31
N ARG F 23 0.56 14.11 -39.43
CA ARG F 23 0.32 14.18 -38.00
C ARG F 23 1.47 14.88 -37.29
N LYS F 24 1.23 15.33 -36.07
CA LYS F 24 2.25 15.99 -35.27
C LYS F 24 3.59 15.24 -35.36
N ASP F 25 3.67 14.10 -34.68
CA ASP F 25 4.86 13.28 -34.69
C ASP F 25 4.57 11.96 -33.97
N SER F 26 3.52 11.28 -34.44
CA SER F 26 3.08 10.01 -33.86
C SER F 26 4.23 9.06 -33.56
N PRO F 27 4.18 8.41 -32.39
CA PRO F 27 5.21 7.46 -31.96
C PRO F 27 5.11 6.24 -32.85
N LEU F 28 3.98 6.18 -33.56
CA LEU F 28 3.67 5.10 -34.49
C LEU F 28 4.54 5.22 -35.75
N ASP F 29 4.73 4.11 -36.45
CA ASP F 29 5.51 4.12 -37.67
C ASP F 29 5.10 2.97 -38.55
N VAL F 30 4.19 3.24 -39.48
CA VAL F 30 3.70 2.23 -40.39
C VAL F 30 4.87 1.76 -41.24
N VAL F 31 5.15 0.46 -41.22
CA VAL F 31 6.26 -0.07 -42.01
C VAL F 31 5.82 -1.18 -42.94
N VAL F 32 4.58 -1.62 -42.80
CA VAL F 32 4.06 -2.68 -43.66
C VAL F 32 2.54 -2.68 -43.78
N VAL F 33 2.06 -3.06 -44.95
CA VAL F 33 0.64 -3.10 -45.23
C VAL F 33 0.34 -4.47 -45.80
N ASN F 34 -0.87 -4.98 -45.57
CA ASN F 34 -1.24 -6.29 -46.12
C ASN F 34 -2.45 -6.15 -47.02
N ASP F 35 -2.22 -5.66 -48.24
CA ASP F 35 -3.30 -5.49 -49.21
C ASP F 35 -3.15 -6.56 -50.28
N SER F 36 -4.12 -7.47 -50.33
CA SER F 36 -4.10 -8.55 -51.29
C SER F 36 -4.22 -8.00 -52.72
N GLY F 37 -3.20 -7.24 -53.16
CA GLY F 37 -3.23 -6.66 -54.50
C GLY F 37 -1.90 -6.15 -55.01
N GLY F 38 -0.87 -6.21 -54.17
CA GLY F 38 0.43 -5.77 -54.61
C GLY F 38 0.66 -4.30 -54.37
N VAL F 39 1.83 -3.84 -54.77
CA VAL F 39 2.20 -2.46 -54.59
C VAL F 39 1.35 -1.60 -55.51
N LYS F 40 1.04 -2.12 -56.69
CA LYS F 40 0.20 -1.36 -57.62
C LYS F 40 -1.14 -1.03 -56.94
N SER F 41 -2.01 -2.02 -56.87
CA SER F 41 -3.34 -1.87 -56.28
C SER F 41 -3.32 -1.19 -54.92
N ALA F 42 -2.24 -1.33 -54.18
CA ALA F 42 -2.13 -0.71 -52.88
C ALA F 42 -1.71 0.75 -52.96
N THR F 43 -0.89 1.08 -53.95
CA THR F 43 -0.43 2.45 -54.13
C THR F 43 -1.56 3.30 -54.70
N HIS F 44 -1.94 3.00 -55.94
CA HIS F 44 -2.99 3.72 -56.61
C HIS F 44 -4.06 4.17 -55.64
N LEU F 45 -4.67 3.23 -54.93
CA LEU F 45 -5.74 3.59 -54.00
C LEU F 45 -5.38 4.46 -52.81
N LEU F 46 -4.08 4.59 -52.55
CA LEU F 46 -3.62 5.44 -51.46
C LEU F 46 -3.47 6.83 -52.03
N LYS F 47 -3.14 6.91 -53.32
CA LYS F 47 -2.93 8.18 -54.00
C LYS F 47 -4.20 8.84 -54.50
N TYR F 48 -5.09 8.04 -55.06
CA TYR F 48 -6.34 8.56 -55.60
C TYR F 48 -7.51 7.94 -54.85
N ASP F 49 -8.23 8.79 -54.12
CA ASP F 49 -9.36 8.32 -53.33
C ASP F 49 -10.60 9.11 -53.66
N SER F 50 -11.66 8.40 -54.04
CA SER F 50 -12.90 9.05 -54.43
C SER F 50 -13.59 9.81 -53.33
N ILE F 51 -13.29 9.49 -52.08
CA ILE F 51 -13.93 10.18 -50.97
C ILE F 51 -13.03 11.15 -50.22
N LEU F 52 -11.72 10.99 -50.36
CA LEU F 52 -10.81 11.90 -49.67
C LEU F 52 -10.10 12.77 -50.68
N GLY F 53 -10.07 12.30 -51.94
CA GLY F 53 -9.41 13.05 -52.98
C GLY F 53 -7.91 12.82 -53.03
N THR F 54 -7.35 12.90 -54.23
CA THR F 54 -5.92 12.71 -54.44
C THR F 54 -5.04 13.06 -53.24
N PHE F 55 -4.33 12.07 -52.71
CA PHE F 55 -3.43 12.22 -51.56
C PHE F 55 -2.25 13.15 -51.88
N LYS F 56 -2.10 14.18 -51.05
CA LYS F 56 -1.07 15.19 -51.25
C LYS F 56 0.36 14.83 -50.86
N ALA F 57 1.03 14.02 -51.67
CA ALA F 57 2.43 13.65 -51.38
C ALA F 57 2.99 12.62 -52.35
N ASP F 58 4.28 12.75 -52.65
CA ASP F 58 4.93 11.83 -53.57
C ASP F 58 4.84 10.38 -53.11
N VAL F 59 4.05 9.60 -53.82
CA VAL F 59 3.90 8.19 -53.49
C VAL F 59 4.45 7.36 -54.63
N LYS F 60 5.67 6.84 -54.48
CA LYS F 60 6.23 6.03 -55.55
C LYS F 60 6.44 4.55 -55.23
N ILE F 61 6.46 3.75 -56.29
CA ILE F 61 6.63 2.33 -56.17
C ILE F 61 8.09 1.90 -56.26
N ILE F 62 8.71 1.64 -55.11
CA ILE F 62 10.10 1.17 -55.06
C ILE F 62 9.99 -0.34 -54.96
N ASP F 63 11.07 -1.02 -55.33
CA ASP F 63 11.05 -2.48 -55.23
C ASP F 63 9.80 -3.02 -55.95
N ASN F 64 9.50 -4.28 -55.69
CA ASN F 64 8.36 -4.96 -56.27
C ASN F 64 7.41 -5.21 -55.10
N GLU F 65 7.82 -4.69 -53.95
CA GLU F 65 7.06 -4.85 -52.72
C GLU F 65 7.49 -3.80 -51.71
N THR F 66 7.56 -2.53 -52.13
CA THR F 66 7.99 -1.51 -51.20
C THR F 66 7.74 -0.07 -51.67
N PHE F 67 6.49 0.39 -51.62
CA PHE F 67 6.25 1.76 -52.07
C PHE F 67 6.76 2.73 -51.02
N SER F 68 6.72 4.03 -51.34
CA SER F 68 7.22 5.05 -50.42
C SER F 68 6.47 6.39 -50.40
N ILE F 69 6.10 6.83 -49.20
CA ILE F 69 5.36 8.08 -49.04
C ILE F 69 6.29 9.22 -48.66
N ASP F 70 6.84 9.88 -49.68
CA ASP F 70 7.75 11.00 -49.49
C ASP F 70 9.13 10.50 -49.05
N GLY F 71 9.57 9.38 -49.62
CA GLY F 71 10.86 8.84 -49.26
C GLY F 71 10.79 7.70 -48.26
N LYS F 72 9.96 7.85 -47.22
CA LYS F 72 9.78 6.84 -46.16
C LYS F 72 9.19 5.57 -46.78
N PRO F 73 9.95 4.47 -46.78
CA PRO F 73 9.47 3.21 -47.35
C PRO F 73 8.41 2.52 -46.53
N ILE F 74 7.66 1.66 -47.20
CA ILE F 74 6.64 0.87 -46.58
C ILE F 74 6.61 -0.45 -47.33
N LYS F 75 7.03 -1.51 -46.65
CA LYS F 75 7.08 -2.84 -47.22
C LYS F 75 5.63 -3.31 -47.30
N VAL F 76 5.29 -4.02 -48.37
CA VAL F 76 3.92 -4.51 -48.50
C VAL F 76 3.83 -5.98 -48.88
N VAL F 77 3.16 -6.74 -48.02
CA VAL F 77 3.00 -8.16 -48.26
C VAL F 77 1.54 -8.44 -48.44
N SER F 78 1.23 -9.68 -48.77
CA SER F 78 -0.14 -10.08 -48.99
C SER F 78 -0.40 -11.57 -48.80
N ASN F 79 -1.30 -11.87 -47.87
CA ASN F 79 -1.70 -13.25 -47.59
C ASN F 79 -2.89 -13.24 -46.65
N ARG F 80 -3.94 -13.95 -47.04
CA ARG F 80 -5.15 -14.01 -46.23
C ARG F 80 -4.91 -14.65 -44.86
N ASP F 81 -3.88 -15.49 -44.74
CA ASP F 81 -3.61 -16.18 -43.48
C ASP F 81 -2.54 -15.52 -42.62
N PRO F 82 -2.95 -14.66 -41.67
CA PRO F 82 -2.03 -13.96 -40.79
C PRO F 82 -0.82 -14.79 -40.33
N LEU F 83 -1.04 -16.07 -40.09
CA LEU F 83 0.03 -16.95 -39.64
C LEU F 83 1.27 -16.90 -40.51
N LYS F 84 1.08 -16.70 -41.82
CA LYS F 84 2.20 -16.64 -42.76
C LYS F 84 2.87 -15.27 -42.77
N LEU F 85 2.28 -14.31 -42.05
CA LEU F 85 2.82 -12.94 -42.01
C LEU F 85 4.15 -12.82 -41.28
N PRO F 86 5.04 -11.97 -41.81
CA PRO F 86 6.37 -11.71 -41.27
C PRO F 86 6.38 -10.73 -40.09
N TRP F 87 5.34 -10.74 -39.27
CA TRP F 87 5.25 -9.84 -38.14
C TRP F 87 6.49 -9.90 -37.26
N ALA F 88 6.90 -11.13 -36.94
CA ALA F 88 8.06 -11.36 -36.10
C ALA F 88 9.32 -10.91 -36.84
N GLU F 89 9.49 -11.39 -38.06
CA GLU F 89 10.65 -11.04 -38.87
C GLU F 89 10.89 -9.52 -38.89
N LEU F 90 9.83 -8.75 -39.15
CA LEU F 90 9.91 -7.29 -39.21
C LEU F 90 9.91 -6.70 -37.80
N GLY F 91 9.36 -7.45 -36.86
CA GLY F 91 9.30 -6.99 -35.48
C GLY F 91 8.18 -5.99 -35.28
N ILE F 92 6.99 -6.37 -35.72
CA ILE F 92 5.83 -5.51 -35.61
C ILE F 92 5.32 -5.38 -34.17
N ASP F 93 5.18 -4.13 -33.73
CA ASP F 93 4.70 -3.87 -32.38
C ASP F 93 3.17 -3.72 -32.28
N ILE F 94 2.56 -3.06 -33.27
CA ILE F 94 1.11 -2.91 -33.27
C ILE F 94 0.53 -3.28 -34.62
N VAL F 95 -0.63 -3.93 -34.61
CA VAL F 95 -1.26 -4.32 -35.84
C VAL F 95 -2.68 -3.77 -35.87
N ILE F 96 -2.98 -3.00 -36.90
CA ILE F 96 -4.32 -2.42 -37.06
C ILE F 96 -5.15 -3.39 -37.92
N GLU F 97 -5.86 -4.30 -37.26
CA GLU F 97 -6.68 -5.27 -37.95
C GLU F 97 -7.94 -4.66 -38.53
N GLY F 98 -7.86 -4.19 -39.77
CA GLY F 98 -9.02 -3.57 -40.40
C GLY F 98 -9.55 -4.32 -41.61
N THR F 99 -10.04 -5.54 -41.38
CA THR F 99 -10.58 -6.36 -42.45
C THR F 99 -12.03 -6.70 -42.16
N GLY F 100 -12.36 -6.75 -40.88
CA GLY F 100 -13.73 -7.06 -40.49
C GLY F 100 -14.01 -8.56 -40.46
N VAL F 101 -12.93 -9.33 -40.52
CA VAL F 101 -13.05 -10.78 -40.51
C VAL F 101 -12.49 -11.27 -39.18
N PHE F 102 -11.26 -10.89 -38.89
CA PHE F 102 -10.62 -11.30 -37.65
C PHE F 102 -11.05 -10.36 -36.55
N VAL F 103 -12.18 -10.67 -35.93
CA VAL F 103 -12.73 -9.84 -34.85
C VAL F 103 -13.03 -10.63 -33.56
N ASP F 104 -12.51 -11.84 -33.49
CA ASP F 104 -12.70 -12.66 -32.29
C ASP F 104 -11.33 -12.93 -31.71
N GLY F 105 -11.30 -13.38 -30.46
CA GLY F 105 -10.04 -13.68 -29.83
C GLY F 105 -9.15 -14.58 -30.69
N PRO F 106 -9.58 -15.82 -30.96
CA PRO F 106 -8.81 -16.77 -31.77
C PRO F 106 -8.24 -16.13 -33.04
N GLY F 107 -9.12 -15.46 -33.78
CA GLY F 107 -8.74 -14.80 -35.03
C GLY F 107 -7.68 -13.73 -34.86
N ALA F 108 -8.12 -12.53 -34.49
CA ALA F 108 -7.21 -11.40 -34.30
C ALA F 108 -5.91 -11.81 -33.63
N GLY F 109 -5.97 -12.84 -32.80
CA GLY F 109 -4.77 -13.30 -32.11
C GLY F 109 -3.78 -14.00 -33.02
N LYS F 110 -4.26 -14.45 -34.17
CA LYS F 110 -3.38 -15.13 -35.12
C LYS F 110 -2.19 -14.23 -35.42
N HIS F 111 -2.39 -12.93 -35.24
CA HIS F 111 -1.33 -11.96 -35.48
C HIS F 111 -0.25 -12.06 -34.42
N ILE F 112 -0.65 -12.38 -33.20
CA ILE F 112 0.32 -12.51 -32.12
C ILE F 112 1.18 -13.72 -32.41
N GLN F 113 0.53 -14.81 -32.81
CA GLN F 113 1.22 -16.06 -33.14
C GLN F 113 2.26 -15.83 -34.24
N ALA F 114 1.97 -14.89 -35.13
CA ALA F 114 2.86 -14.59 -36.23
C ALA F 114 4.08 -13.83 -35.72
N GLY F 115 3.93 -13.22 -34.55
CA GLY F 115 5.04 -12.48 -33.98
C GLY F 115 4.72 -11.04 -33.63
N ALA F 116 3.43 -10.72 -33.58
CA ALA F 116 2.99 -9.36 -33.26
C ALA F 116 2.95 -9.19 -31.75
N LYS F 117 3.16 -7.96 -31.30
CA LYS F 117 3.14 -7.69 -29.87
C LYS F 117 1.72 -7.36 -29.44
N LYS F 118 1.11 -6.38 -30.09
CA LYS F 118 -0.26 -5.99 -29.76
C LYS F 118 -1.16 -5.81 -30.98
N VAL F 119 -2.45 -6.15 -30.83
CA VAL F 119 -3.42 -6.05 -31.92
C VAL F 119 -4.67 -5.18 -31.63
N ILE F 120 -4.93 -4.21 -32.52
CA ILE F 120 -6.09 -3.31 -32.39
C ILE F 120 -7.10 -3.61 -33.49
N ILE F 121 -8.31 -3.96 -33.11
CA ILE F 121 -9.34 -4.24 -34.11
C ILE F 121 -10.09 -2.95 -34.43
N THR F 122 -10.25 -2.65 -35.72
CA THR F 122 -10.99 -1.46 -36.14
C THR F 122 -12.45 -1.83 -36.33
N ALA F 123 -13.06 -2.37 -35.26
CA ALA F 123 -14.46 -2.80 -35.28
C ALA F 123 -14.80 -3.48 -33.96
N PRO F 124 -16.10 -3.78 -33.72
CA PRO F 124 -16.47 -4.43 -32.45
C PRO F 124 -15.98 -5.88 -32.42
N ALA F 125 -15.55 -6.35 -31.26
CA ALA F 125 -15.07 -7.72 -31.10
C ALA F 125 -16.27 -8.66 -31.05
N LYS F 126 -16.11 -9.87 -31.57
CA LYS F 126 -17.21 -10.84 -31.57
C LYS F 126 -17.10 -11.68 -30.31
N GLY F 127 -15.93 -11.65 -29.70
CA GLY F 127 -15.71 -12.40 -28.48
C GLY F 127 -16.38 -11.74 -27.27
N SER F 128 -15.69 -11.74 -26.14
CA SER F 128 -16.20 -11.15 -24.92
C SER F 128 -15.02 -10.83 -24.02
N ASP F 129 -13.92 -11.51 -24.32
CA ASP F 129 -12.68 -11.36 -23.57
C ASP F 129 -11.85 -10.17 -24.05
N ILE F 130 -12.33 -9.50 -25.10
CA ILE F 130 -11.61 -8.36 -25.66
C ILE F 130 -12.23 -7.02 -25.23
N PRO F 131 -11.40 -6.12 -24.70
CA PRO F 131 -11.78 -4.79 -24.22
C PRO F 131 -12.17 -3.84 -25.34
N THR F 132 -13.25 -3.10 -25.12
CA THR F 132 -13.71 -2.14 -26.11
C THR F 132 -13.46 -0.75 -25.55
N TYR F 133 -12.61 0.03 -26.22
CA TYR F 133 -12.30 1.39 -25.76
C TYR F 133 -12.86 2.45 -26.70
N VAL F 134 -13.05 3.66 -26.19
CA VAL F 134 -13.60 4.73 -27.01
C VAL F 134 -12.99 6.06 -26.57
N VAL F 135 -11.83 6.39 -27.13
CA VAL F 135 -11.14 7.63 -26.77
C VAL F 135 -12.13 8.71 -26.42
N GLY F 136 -11.86 9.40 -25.32
CA GLY F 136 -12.74 10.46 -24.86
C GLY F 136 -13.59 9.99 -23.69
N VAL F 137 -13.98 8.72 -23.74
CA VAL F 137 -14.79 8.10 -22.70
C VAL F 137 -13.96 7.36 -21.65
N ASN F 138 -13.57 6.14 -21.96
CA ASN F 138 -12.80 5.32 -21.04
C ASN F 138 -11.46 4.87 -21.60
N GLU F 139 -10.64 5.80 -22.08
CA GLU F 139 -9.37 5.37 -22.63
C GLU F 139 -8.38 5.00 -21.53
N LYS F 140 -8.49 5.69 -20.40
CA LYS F 140 -7.60 5.44 -19.27
C LYS F 140 -7.59 3.96 -18.90
N ASP F 141 -8.77 3.35 -18.91
CA ASP F 141 -8.94 1.95 -18.57
C ASP F 141 -7.97 1.04 -19.30
N TYR F 142 -7.18 1.60 -20.22
CA TYR F 142 -6.20 0.78 -20.93
C TYR F 142 -4.81 0.99 -20.40
N GLY F 143 -4.17 -0.11 -20.04
CA GLY F 143 -2.82 -0.08 -19.53
C GLY F 143 -2.10 -1.33 -19.98
N HIS F 144 -0.82 -1.21 -20.35
CA HIS F 144 -0.02 -2.34 -20.79
C HIS F 144 -0.27 -3.53 -19.87
N ASP F 145 0.04 -4.74 -20.37
CA ASP F 145 -0.14 -5.97 -19.60
C ASP F 145 -1.61 -6.38 -19.56
N VAL F 146 -2.51 -5.41 -19.74
CA VAL F 146 -3.95 -5.67 -19.73
C VAL F 146 -4.39 -5.99 -21.15
N ALA F 147 -4.53 -7.26 -21.45
CA ALA F 147 -4.95 -7.72 -22.79
C ALA F 147 -4.12 -7.12 -23.93
N ASN F 148 -3.71 -7.97 -24.87
CA ASN F 148 -2.91 -7.52 -26.00
C ASN F 148 -3.80 -7.47 -27.25
N ILE F 149 -5.10 -7.41 -27.03
CA ILE F 149 -6.07 -7.31 -28.11
C ILE F 149 -7.22 -6.40 -27.68
N ILE F 150 -7.37 -5.27 -28.36
CA ILE F 150 -8.41 -4.30 -28.04
C ILE F 150 -9.22 -3.91 -29.27
N SER F 151 -10.42 -3.38 -29.04
CA SER F 151 -11.31 -2.97 -30.12
C SER F 151 -11.71 -1.50 -29.97
N ASN F 152 -11.49 -0.71 -31.02
CA ASN F 152 -11.84 0.70 -30.95
C ASN F 152 -13.34 0.89 -31.20
N ALA F 153 -14.13 -0.11 -30.86
CA ALA F 153 -15.58 -0.06 -31.02
C ALA F 153 -16.09 0.13 -32.46
N SER F 154 -17.24 0.80 -32.59
CA SER F 154 -17.86 1.06 -33.88
C SER F 154 -17.79 2.54 -34.26
N CYS F 155 -17.99 2.85 -35.54
CA CYS F 155 -17.99 4.23 -35.99
C CYS F 155 -19.13 4.96 -35.31
N THR F 156 -20.27 4.29 -35.26
CA THR F 156 -21.46 4.82 -34.65
C THR F 156 -21.29 4.91 -33.13
N THR F 157 -20.93 3.80 -32.50
CA THR F 157 -20.72 3.75 -31.06
C THR F 157 -19.69 4.79 -30.63
N ASN F 158 -18.68 5.03 -31.46
CA ASN F 158 -17.65 6.01 -31.12
C ASN F 158 -18.17 7.45 -31.32
N CYS F 159 -19.34 7.58 -31.93
CA CYS F 159 -19.93 8.89 -32.12
C CYS F 159 -20.98 9.10 -31.05
N LEU F 160 -21.58 8.00 -30.62
CA LEU F 160 -22.62 8.07 -29.61
C LEU F 160 -22.01 8.19 -28.22
N ALA F 161 -21.30 7.15 -27.80
CA ALA F 161 -20.69 7.13 -26.48
C ALA F 161 -20.36 8.51 -25.91
N PRO F 162 -19.41 9.22 -26.54
CA PRO F 162 -18.99 10.55 -26.09
C PRO F 162 -20.11 11.44 -25.59
N PHE F 163 -21.03 11.82 -26.47
CA PHE F 163 -22.10 12.70 -26.05
C PHE F 163 -23.18 11.98 -25.27
N VAL F 164 -23.11 10.65 -25.26
CA VAL F 164 -24.09 9.87 -24.49
C VAL F 164 -23.69 10.04 -23.05
N LYS F 165 -22.38 10.03 -22.84
CA LYS F 165 -21.82 10.18 -21.51
C LYS F 165 -22.31 11.50 -20.97
N VAL F 166 -21.81 12.59 -21.51
CA VAL F 166 -22.20 13.92 -21.06
C VAL F 166 -23.68 14.01 -20.73
N LEU F 167 -24.51 13.28 -21.46
CA LEU F 167 -25.95 13.29 -21.17
C LEU F 167 -26.26 12.68 -19.81
N ASP F 168 -25.86 11.44 -19.62
CA ASP F 168 -26.09 10.72 -18.36
C ASP F 168 -25.31 11.32 -17.17
N GLU F 169 -24.03 11.60 -17.41
CA GLU F 169 -23.11 12.15 -16.41
C GLU F 169 -23.47 13.56 -15.93
N GLU F 170 -24.44 14.18 -16.57
CA GLU F 170 -24.86 15.54 -16.20
C GLU F 170 -26.33 15.77 -16.47
N LEU F 171 -27.14 14.74 -16.32
CA LEU F 171 -28.57 14.87 -16.57
C LEU F 171 -29.27 13.56 -16.23
N GLY F 172 -28.50 12.47 -16.21
CA GLY F 172 -29.04 11.17 -15.88
C GLY F 172 -29.95 10.54 -16.91
N ILE F 173 -29.41 9.59 -17.68
CA ILE F 173 -30.17 8.92 -18.73
C ILE F 173 -31.00 7.75 -18.22
N VAL F 174 -32.33 7.93 -18.23
CA VAL F 174 -33.22 6.86 -17.79
C VAL F 174 -33.06 5.70 -18.75
N LYS F 175 -33.29 5.99 -20.02
CA LYS F 175 -33.22 5.01 -21.09
C LYS F 175 -33.82 5.64 -22.33
N GLY F 176 -33.45 5.13 -23.50
CA GLY F 176 -34.00 5.68 -24.73
C GLY F 176 -33.61 4.92 -25.96
N THR F 177 -34.28 5.24 -27.07
CA THR F 177 -34.02 4.59 -28.32
C THR F 177 -33.17 5.51 -29.19
N MET F 178 -32.81 5.04 -30.38
CA MET F 178 -31.99 5.84 -31.30
C MET F 178 -32.00 5.25 -32.70
N THR F 179 -31.73 6.11 -33.68
CA THR F 179 -31.69 5.73 -35.08
C THR F 179 -30.45 6.39 -35.67
N THR F 180 -29.99 5.88 -36.80
CA THR F 180 -28.82 6.48 -37.42
C THR F 180 -28.88 6.41 -38.93
N THR F 181 -29.10 7.56 -39.53
CA THR F 181 -29.15 7.68 -40.97
C THR F 181 -27.68 7.57 -41.34
N HIS F 182 -27.31 6.41 -41.87
CA HIS F 182 -25.93 6.09 -42.20
C HIS F 182 -25.57 5.95 -43.67
N SER F 183 -24.43 6.52 -44.02
CA SER F 183 -23.89 6.47 -45.37
C SER F 183 -23.67 5.00 -45.70
N TYR F 184 -24.03 4.58 -46.89
CA TYR F 184 -23.86 3.18 -47.24
C TYR F 184 -22.39 2.75 -47.08
N THR F 185 -22.17 1.44 -46.96
CA THR F 185 -20.82 0.87 -46.78
C THR F 185 -20.49 -0.39 -47.56
N GLY F 186 -19.19 -0.63 -47.74
CA GLY F 186 -18.72 -1.79 -48.47
C GLY F 186 -19.46 -3.09 -48.30
N ASP F 187 -20.04 -3.33 -47.12
CA ASP F 187 -20.75 -4.57 -46.87
C ASP F 187 -22.06 -4.65 -47.60
N GLN F 188 -22.45 -3.58 -48.27
CA GLN F 188 -23.70 -3.59 -49.01
C GLN F 188 -23.49 -3.95 -50.46
N ARG F 189 -24.54 -4.44 -51.09
CA ARG F 189 -24.47 -4.82 -52.49
C ARG F 189 -24.58 -3.57 -53.34
N LEU F 190 -23.97 -3.57 -54.53
CA LEU F 190 -24.04 -2.40 -55.39
C LEU F 190 -25.38 -2.46 -56.10
N LEU F 191 -25.74 -3.67 -56.49
CA LEU F 191 -27.02 -3.91 -57.12
C LEU F 191 -27.58 -5.17 -56.47
N ASP F 192 -28.90 -5.27 -56.43
CA ASP F 192 -29.58 -6.39 -55.81
C ASP F 192 -28.96 -7.75 -56.12
N ALA F 193 -28.22 -8.28 -55.16
CA ALA F 193 -27.58 -9.59 -55.32
C ALA F 193 -27.54 -10.34 -54.00
N SER F 194 -27.26 -11.64 -54.06
CA SER F 194 -27.24 -12.46 -52.85
C SER F 194 -26.38 -11.89 -51.73
N HIS F 195 -26.94 -11.91 -50.54
CA HIS F 195 -26.27 -11.42 -49.35
C HIS F 195 -27.01 -11.91 -48.10
N ARG F 196 -26.27 -12.41 -47.10
CA ARG F 196 -26.89 -12.95 -45.88
C ARG F 196 -27.95 -12.09 -45.19
N ASP F 197 -28.03 -10.81 -45.54
CA ASP F 197 -29.00 -9.90 -44.96
C ASP F 197 -29.78 -9.28 -46.10
N LEU F 198 -30.98 -9.80 -46.38
CA LEU F 198 -31.81 -9.34 -47.50
C LEU F 198 -32.10 -7.84 -47.60
N ARG F 199 -31.44 -7.05 -46.75
CA ARG F 199 -31.59 -5.61 -46.74
C ARG F 199 -30.31 -5.04 -47.39
N ARG F 200 -29.18 -5.56 -46.96
CA ARG F 200 -27.90 -5.14 -47.48
C ARG F 200 -27.74 -5.66 -48.89
N ALA F 201 -28.55 -6.64 -49.25
CA ALA F 201 -28.45 -7.20 -50.58
C ALA F 201 -29.14 -6.31 -51.59
N ARG F 202 -29.69 -5.19 -51.13
CA ARG F 202 -30.36 -4.31 -52.05
C ARG F 202 -29.48 -3.12 -52.44
N ALA F 203 -29.59 -2.69 -53.70
CA ALA F 203 -28.79 -1.59 -54.23
C ALA F 203 -28.48 -0.53 -53.20
N ALA F 204 -27.29 -0.60 -52.65
CA ALA F 204 -26.87 0.36 -51.64
C ALA F 204 -27.14 1.79 -52.03
N ALA F 205 -27.01 2.05 -53.32
CA ALA F 205 -27.17 3.39 -53.86
C ALA F 205 -28.56 3.90 -54.17
N LEU F 206 -29.58 3.06 -54.14
CA LEU F 206 -30.90 3.57 -54.47
C LEU F 206 -32.00 3.22 -53.49
N ASN F 207 -31.63 2.95 -52.25
CA ASN F 207 -32.62 2.61 -51.25
C ASN F 207 -32.27 3.16 -49.88
N ILE F 208 -33.29 3.32 -49.05
CA ILE F 208 -33.08 3.71 -47.67
C ILE F 208 -33.11 2.28 -47.16
N VAL F 209 -32.02 1.83 -46.55
CA VAL F 209 -31.94 0.44 -46.10
C VAL F 209 -31.79 0.20 -44.61
N PRO F 210 -32.85 -0.32 -43.98
CA PRO F 210 -32.91 -0.62 -42.54
C PRO F 210 -32.09 -1.85 -42.22
N THR F 211 -31.19 -1.73 -41.26
CA THR F 211 -30.37 -2.87 -40.89
C THR F 211 -29.99 -2.76 -39.42
N SER F 212 -30.13 -3.87 -38.73
CA SER F 212 -29.81 -3.93 -37.32
C SER F 212 -28.43 -3.32 -37.07
N THR F 213 -28.18 -3.01 -35.79
CA THR F 213 -26.91 -2.45 -35.33
C THR F 213 -26.76 -2.59 -33.82
N GLY F 214 -25.64 -3.16 -33.41
CA GLY F 214 -25.39 -3.33 -31.98
C GLY F 214 -24.79 -2.06 -31.42
N ALA F 215 -24.26 -1.21 -32.30
CA ALA F 215 -23.64 0.05 -31.89
C ALA F 215 -24.34 0.68 -30.70
N ALA F 216 -25.66 0.46 -30.61
CA ALA F 216 -26.48 0.98 -29.52
C ALA F 216 -26.16 0.29 -28.20
N LYS F 217 -26.33 -1.03 -28.17
CA LYS F 217 -26.04 -1.80 -26.97
C LYS F 217 -24.59 -1.59 -26.52
N ALA F 218 -23.67 -1.83 -27.45
CA ALA F 218 -22.25 -1.70 -27.19
C ALA F 218 -21.85 -0.44 -26.43
N VAL F 219 -22.70 0.57 -26.40
CA VAL F 219 -22.37 1.78 -25.66
C VAL F 219 -21.97 1.38 -24.25
N SER F 220 -22.73 0.43 -23.69
CA SER F 220 -22.50 -0.07 -22.35
C SER F 220 -21.06 -0.51 -22.16
N LEU F 221 -20.55 -1.29 -23.10
CA LEU F 221 -19.17 -1.78 -23.04
C LEU F 221 -18.20 -0.71 -22.51
N VAL F 222 -18.51 0.56 -22.76
CA VAL F 222 -17.66 1.67 -22.30
C VAL F 222 -18.37 2.47 -21.20
N LEU F 223 -19.69 2.44 -21.22
CA LEU F 223 -20.50 3.13 -20.23
C LEU F 223 -21.42 2.11 -19.57
N PRO F 224 -20.87 1.30 -18.66
CA PRO F 224 -21.64 0.28 -17.95
C PRO F 224 -22.97 0.75 -17.42
N GLN F 225 -22.96 1.89 -16.74
CA GLN F 225 -24.18 2.42 -16.18
C GLN F 225 -25.41 2.35 -17.09
N LEU F 226 -25.18 2.39 -18.41
CA LEU F 226 -26.29 2.34 -19.35
C LEU F 226 -26.68 0.93 -19.77
N LYS F 227 -25.82 -0.04 -19.46
CA LYS F 227 -26.03 -1.43 -19.86
C LYS F 227 -27.50 -1.84 -20.00
N GLY F 228 -27.90 -2.12 -21.23
CA GLY F 228 -29.26 -2.54 -21.51
C GLY F 228 -30.33 -1.47 -21.44
N LYS F 229 -29.96 -0.22 -21.69
CA LYS F 229 -30.92 0.88 -21.64
C LYS F 229 -31.10 1.59 -23.00
N LEU F 230 -30.06 1.56 -23.83
CA LEU F 230 -30.12 2.18 -25.15
C LEU F 230 -30.49 1.07 -26.14
N ASN F 231 -30.55 1.42 -27.42
CA ASN F 231 -30.88 0.47 -28.48
C ASN F 231 -31.40 1.20 -29.72
N GLY F 232 -31.44 0.51 -30.86
CA GLY F 232 -31.92 1.15 -32.08
C GLY F 232 -31.61 0.45 -33.40
N ILE F 233 -32.03 1.10 -34.48
CA ILE F 233 -31.80 0.56 -35.80
C ILE F 233 -30.83 1.45 -36.55
N ALA F 234 -30.76 1.30 -37.86
CA ALA F 234 -29.88 2.10 -38.70
C ALA F 234 -30.49 2.14 -40.09
N LEU F 235 -30.32 3.26 -40.78
CA LEU F 235 -30.88 3.40 -42.12
C LEU F 235 -29.81 3.80 -43.12
N ARG F 236 -29.57 2.94 -44.11
CA ARG F 236 -28.57 3.24 -45.12
C ARG F 236 -29.19 4.10 -46.23
N VAL F 237 -28.55 5.24 -46.51
CA VAL F 237 -29.03 6.14 -47.54
C VAL F 237 -27.92 6.48 -48.49
N PRO F 238 -28.24 6.58 -49.77
CA PRO F 238 -27.32 6.89 -50.86
C PRO F 238 -26.38 8.07 -50.61
N THR F 239 -25.44 7.89 -49.69
CA THR F 239 -24.48 8.94 -49.37
C THR F 239 -23.19 8.26 -48.96
N PRO F 240 -22.19 8.24 -49.85
CA PRO F 240 -20.88 7.62 -49.65
C PRO F 240 -20.15 7.83 -48.34
N ASN F 241 -20.52 8.84 -47.59
CA ASN F 241 -19.81 9.07 -46.35
C ASN F 241 -20.40 10.19 -45.52
N VAL F 242 -20.14 10.13 -44.21
CA VAL F 242 -20.65 11.12 -43.24
C VAL F 242 -22.08 10.75 -42.84
N SER F 243 -22.30 10.47 -41.56
CA SER F 243 -23.62 10.10 -41.11
C SER F 243 -24.14 10.85 -39.91
N VAL F 244 -25.38 10.59 -39.54
CA VAL F 244 -26.00 11.26 -38.40
C VAL F 244 -26.76 10.33 -37.47
N VAL F 245 -26.68 10.59 -36.16
CA VAL F 245 -27.40 9.77 -35.20
C VAL F 245 -28.56 10.56 -34.62
N ASP F 246 -29.66 9.88 -34.36
CA ASP F 246 -30.86 10.49 -33.83
C ASP F 246 -31.24 9.87 -32.49
N LEU F 247 -30.59 10.32 -31.41
CA LEU F 247 -30.84 9.80 -30.05
C LEU F 247 -32.07 10.38 -29.35
N VAL F 248 -32.89 9.53 -28.76
CA VAL F 248 -34.10 9.97 -28.08
C VAL F 248 -34.24 9.35 -26.70
N VAL F 249 -33.49 9.84 -25.73
CA VAL F 249 -33.57 9.28 -24.39
C VAL F 249 -34.36 10.18 -23.44
N ASN F 250 -35.41 9.68 -22.80
CA ASN F 250 -36.10 10.56 -21.87
C ASN F 250 -35.30 10.56 -20.57
N ILE F 251 -34.76 11.75 -20.27
CA ILE F 251 -33.94 12.01 -19.11
C ILE F 251 -34.58 11.72 -17.77
N GLU F 252 -33.72 11.71 -16.75
CA GLU F 252 -34.12 11.42 -15.38
C GLU F 252 -34.29 12.73 -14.66
N LYS F 253 -33.35 13.64 -14.91
CA LYS F 253 -33.37 14.97 -14.27
C LYS F 253 -34.65 15.75 -14.55
N VAL F 254 -34.80 16.81 -13.78
CA VAL F 254 -35.93 17.73 -13.82
C VAL F 254 -36.86 17.73 -15.03
N GLY F 255 -36.48 18.55 -15.99
CA GLY F 255 -37.21 18.77 -17.21
C GLY F 255 -36.57 20.03 -17.79
N VAL F 256 -35.25 19.97 -17.93
CA VAL F 256 -34.46 21.08 -18.45
C VAL F 256 -34.94 21.48 -19.83
N THR F 257 -34.46 22.62 -20.31
CA THR F 257 -34.84 23.12 -21.63
C THR F 257 -33.83 22.69 -22.70
N ALA F 258 -34.16 23.03 -23.93
CA ALA F 258 -33.33 22.69 -25.06
C ALA F 258 -31.92 23.28 -24.90
N GLU F 259 -31.76 24.51 -25.37
CA GLU F 259 -30.47 25.21 -25.35
C GLU F 259 -29.57 25.02 -24.12
N ASP F 260 -30.06 24.47 -23.02
CA ASP F 260 -29.17 24.25 -21.88
C ASP F 260 -28.53 22.88 -22.04
N VAL F 261 -29.31 21.92 -22.52
CA VAL F 261 -28.79 20.59 -22.76
C VAL F 261 -27.54 20.86 -23.58
N ASN F 262 -27.72 21.61 -24.65
CA ASN F 262 -26.63 21.97 -25.52
C ASN F 262 -25.45 22.47 -24.71
N ASN F 263 -25.65 23.55 -23.97
CA ASN F 263 -24.59 24.12 -23.15
C ASN F 263 -23.73 23.10 -22.45
N ALA F 264 -24.34 21.99 -22.03
CA ALA F 264 -23.59 20.93 -21.36
C ALA F 264 -22.52 20.42 -22.32
N PHE F 265 -22.94 20.13 -23.54
CA PHE F 265 -22.03 19.66 -24.58
C PHE F 265 -20.98 20.75 -24.73
N ARG F 266 -21.43 21.92 -25.16
CA ARG F 266 -20.58 23.09 -25.36
C ARG F 266 -19.53 23.18 -24.26
N LYS F 267 -19.96 22.93 -23.02
CA LYS F 267 -19.09 23.00 -21.86
C LYS F 267 -18.11 21.84 -21.89
N ALA F 268 -18.66 20.63 -21.92
CA ALA F 268 -17.84 19.42 -21.95
C ALA F 268 -17.10 19.31 -23.27
N ALA F 269 -17.47 20.15 -24.23
CA ALA F 269 -16.85 20.14 -25.55
C ALA F 269 -15.50 20.82 -25.58
N ALA F 270 -15.44 22.04 -25.06
CA ALA F 270 -14.19 22.80 -25.03
C ALA F 270 -13.40 22.44 -23.79
N GLY F 271 -13.90 21.47 -23.03
CA GLY F 271 -13.25 21.07 -21.81
C GLY F 271 -12.60 19.70 -21.82
N PRO F 272 -13.27 18.66 -21.30
CA PRO F 272 -12.75 17.29 -21.26
C PRO F 272 -12.78 16.58 -22.61
N LEU F 273 -13.72 17.00 -23.47
CA LEU F 273 -13.85 16.39 -24.78
C LEU F 273 -13.34 17.27 -25.93
N LYS F 274 -12.38 18.13 -25.62
CA LYS F 274 -11.78 19.02 -26.61
C LYS F 274 -10.99 18.17 -27.59
N GLY F 275 -11.62 17.83 -28.71
CA GLY F 275 -10.98 17.01 -29.71
C GLY F 275 -11.89 15.85 -30.07
N VAL F 276 -12.88 15.60 -29.21
CA VAL F 276 -13.83 14.52 -29.44
C VAL F 276 -15.22 15.07 -29.73
N LEU F 277 -15.76 15.84 -28.80
CA LEU F 277 -17.07 16.41 -29.01
C LEU F 277 -16.95 17.84 -29.51
N ASP F 278 -18.07 18.38 -29.97
CA ASP F 278 -18.12 19.73 -30.50
C ASP F 278 -19.54 20.05 -30.91
N VAL F 279 -19.89 21.32 -30.88
CA VAL F 279 -21.22 21.70 -31.29
C VAL F 279 -21.18 22.79 -32.33
N CYS F 280 -21.82 22.50 -33.45
CA CYS F 280 -21.89 23.42 -34.58
C CYS F 280 -23.28 24.03 -34.67
N ASP F 281 -23.34 25.33 -34.43
CA ASP F 281 -24.58 26.12 -34.42
C ASP F 281 -25.05 26.51 -35.83
N ILE F 282 -24.10 26.59 -36.75
CA ILE F 282 -24.37 26.97 -38.11
C ILE F 282 -24.98 25.82 -38.90
N PRO F 283 -26.19 26.02 -39.45
CA PRO F 283 -26.94 25.04 -40.24
C PRO F 283 -26.24 24.60 -41.51
N LEU F 284 -25.66 23.40 -41.47
CA LEU F 284 -24.95 22.85 -42.61
C LEU F 284 -25.62 21.55 -43.01
N VAL F 285 -24.92 20.74 -43.81
CA VAL F 285 -25.43 19.45 -44.25
C VAL F 285 -24.27 18.49 -44.30
N SER F 286 -24.60 17.21 -44.30
CA SER F 286 -23.60 16.14 -44.32
C SER F 286 -22.26 16.51 -44.94
N VAL F 287 -22.28 16.77 -46.25
CA VAL F 287 -21.06 17.10 -46.98
C VAL F 287 -20.13 18.08 -46.30
N ASP F 288 -20.65 18.85 -45.34
CA ASP F 288 -19.82 19.83 -44.66
C ASP F 288 -19.03 19.23 -43.50
N PHE F 289 -19.22 17.94 -43.25
CA PHE F 289 -18.49 17.29 -42.19
C PHE F 289 -17.40 16.34 -42.70
N ARG F 290 -17.19 16.30 -44.01
CA ARG F 290 -16.14 15.45 -44.57
C ARG F 290 -14.85 15.82 -43.82
N CYS F 291 -13.96 14.86 -43.65
CA CYS F 291 -12.71 15.11 -42.94
C CYS F 291 -12.85 15.87 -41.61
N SER F 292 -13.77 15.43 -40.76
CA SER F 292 -13.98 16.06 -39.44
C SER F 292 -13.28 15.28 -38.34
N ASP F 293 -12.30 15.91 -37.71
CA ASP F 293 -11.56 15.27 -36.65
C ASP F 293 -12.34 14.99 -35.36
N PHE F 294 -13.55 15.51 -35.25
CA PHE F 294 -14.35 15.28 -34.05
C PHE F 294 -15.12 13.96 -34.16
N SER F 295 -15.05 13.16 -33.10
CA SER F 295 -15.73 11.87 -33.05
C SER F 295 -17.23 12.07 -33.05
N SER F 296 -17.67 13.30 -32.79
CA SER F 296 -19.09 13.59 -32.77
C SER F 296 -19.33 15.09 -32.74
N THR F 297 -20.32 15.54 -33.51
CA THR F 297 -20.69 16.96 -33.60
C THR F 297 -22.21 17.08 -33.49
N ILE F 298 -22.70 17.89 -32.55
CA ILE F 298 -24.14 18.05 -32.38
C ILE F 298 -24.70 19.22 -33.17
N ASP F 299 -25.83 19.02 -33.83
CA ASP F 299 -26.45 20.10 -34.59
C ASP F 299 -27.29 20.85 -33.59
N SER F 300 -26.72 21.93 -33.06
CA SER F 300 -27.36 22.76 -32.05
C SER F 300 -28.83 22.95 -32.35
N SER F 301 -29.11 23.65 -33.44
CA SER F 301 -30.47 23.97 -33.86
C SER F 301 -31.41 22.76 -34.00
N LEU F 302 -30.88 21.55 -33.91
CA LEU F 302 -31.70 20.37 -34.04
C LEU F 302 -32.14 19.78 -32.72
N THR F 303 -31.33 19.99 -31.68
CA THR F 303 -31.67 19.46 -30.36
C THR F 303 -33.02 19.99 -29.93
N MET F 304 -33.76 19.20 -29.16
CA MET F 304 -35.06 19.63 -28.67
C MET F 304 -35.67 18.70 -27.65
N VAL F 305 -35.99 19.25 -26.48
CA VAL F 305 -36.60 18.50 -25.38
C VAL F 305 -38.10 18.57 -25.60
N MET F 306 -38.80 17.46 -25.40
CA MET F 306 -40.24 17.45 -25.62
C MET F 306 -41.07 17.62 -24.37
N GLY F 307 -41.25 16.54 -23.63
CA GLY F 307 -42.06 16.62 -22.42
C GLY F 307 -41.29 16.79 -21.12
N GLY F 308 -40.34 17.71 -21.12
CA GLY F 308 -39.55 17.94 -19.92
C GLY F 308 -38.58 16.80 -19.68
N ASP F 309 -39.04 15.56 -19.81
CA ASP F 309 -38.16 14.43 -19.56
C ASP F 309 -37.51 13.89 -20.83
N MET F 310 -38.22 13.92 -21.95
CA MET F 310 -37.69 13.40 -23.21
C MET F 310 -36.80 14.36 -24.00
N VAL F 311 -35.50 14.05 -24.08
CA VAL F 311 -34.53 14.87 -24.81
C VAL F 311 -34.24 14.19 -26.13
N LYS F 312 -33.98 14.99 -27.17
CA LYS F 312 -33.67 14.48 -28.49
C LYS F 312 -32.44 15.20 -29.03
N VAL F 313 -31.44 14.46 -29.46
CA VAL F 313 -30.23 15.05 -29.98
C VAL F 313 -29.91 14.45 -31.34
N VAL F 314 -29.10 15.17 -32.12
CA VAL F 314 -28.69 14.74 -33.46
C VAL F 314 -27.21 15.04 -33.59
N ALA F 315 -26.41 14.06 -33.95
CA ALA F 315 -24.99 14.31 -34.07
C ALA F 315 -24.44 13.98 -35.43
N TRP F 316 -23.39 14.67 -35.82
CA TRP F 316 -22.74 14.47 -37.11
C TRP F 316 -21.35 13.83 -36.92
N TYR F 317 -21.05 12.81 -37.73
CA TYR F 317 -19.77 12.14 -37.65
C TYR F 317 -19.33 11.54 -38.98
N ASP F 318 -18.08 11.78 -39.34
CA ASP F 318 -17.55 11.20 -40.57
C ASP F 318 -17.16 9.79 -40.19
N ASN F 319 -17.88 8.80 -40.70
CA ASN F 319 -17.60 7.42 -40.35
C ASN F 319 -16.24 6.91 -40.80
N GLU F 320 -15.72 7.44 -41.90
CA GLU F 320 -14.43 6.96 -42.35
C GLU F 320 -13.32 7.67 -41.60
N TRP F 321 -13.18 8.95 -41.91
CA TRP F 321 -12.15 9.77 -41.29
C TRP F 321 -12.18 9.78 -39.77
N GLY F 322 -13.26 10.28 -39.19
CA GLY F 322 -13.36 10.34 -37.74
C GLY F 322 -12.83 9.12 -37.02
N TYR F 323 -13.50 7.99 -37.25
CA TYR F 323 -13.13 6.72 -36.65
C TYR F 323 -11.64 6.47 -36.83
N SER F 324 -11.20 6.54 -38.08
CA SER F 324 -9.79 6.34 -38.40
C SER F 324 -8.91 7.25 -37.56
N GLN F 325 -9.39 8.46 -37.30
CA GLN F 325 -8.60 9.37 -36.48
C GLN F 325 -8.53 8.88 -35.05
N ARG F 326 -9.63 8.35 -34.53
CA ARG F 326 -9.63 7.83 -33.17
C ARG F 326 -8.72 6.61 -33.12
N VAL F 327 -8.86 5.76 -34.14
CA VAL F 327 -8.06 4.56 -34.24
C VAL F 327 -6.58 4.91 -34.18
N VAL F 328 -6.21 6.13 -34.57
CA VAL F 328 -4.79 6.52 -34.52
C VAL F 328 -4.48 7.07 -33.14
N ASP F 329 -5.51 7.52 -32.44
CA ASP F 329 -5.33 8.04 -31.10
C ASP F 329 -5.21 6.85 -30.18
N LEU F 330 -6.06 5.84 -30.40
CA LEU F 330 -6.06 4.63 -29.60
C LEU F 330 -4.79 3.83 -29.82
N ALA F 331 -4.14 4.05 -30.95
CA ALA F 331 -2.89 3.36 -31.28
C ALA F 331 -1.79 4.25 -30.76
N ASP F 332 -2.14 5.51 -30.57
CA ASP F 332 -1.21 6.51 -30.06
C ASP F 332 -1.09 6.28 -28.55
N LEU F 333 -2.19 5.81 -27.94
CA LEU F 333 -2.23 5.53 -26.52
C LEU F 333 -1.26 4.39 -26.23
N VAL F 334 -1.59 3.22 -26.77
CA VAL F 334 -0.77 2.02 -26.60
C VAL F 334 0.70 2.35 -26.49
N ALA F 335 1.18 3.22 -27.38
CA ALA F 335 2.57 3.62 -27.41
C ALA F 335 3.00 4.53 -26.27
N ASN F 336 2.09 5.39 -25.80
CA ASN F 336 2.42 6.29 -24.71
C ASN F 336 2.39 5.57 -23.37
N LYS F 337 1.81 4.37 -23.36
CA LYS F 337 1.72 3.55 -22.16
C LYS F 337 2.49 2.26 -22.39
N TRP F 338 3.62 2.38 -23.06
CA TRP F 338 4.47 1.24 -23.38
C TRP F 338 5.82 1.30 -22.68
N PRO F 339 6.28 0.18 -22.12
CA PRO F 339 7.55 0.04 -21.41
C PRO F 339 8.75 0.76 -22.01
N GLY F 340 9.72 1.11 -21.17
CA GLY F 340 10.92 1.77 -21.62
C GLY F 340 12.12 0.86 -21.42
N LEU F 341 11.96 -0.40 -21.85
CA LEU F 341 13.00 -1.43 -21.73
C LEU F 341 13.60 -1.49 -20.32
N GLU F 342 14.66 -2.27 -20.18
CA GLU F 342 15.42 -2.48 -18.93
C GLU F 342 14.73 -3.25 -17.81
N GLY F 343 15.53 -4.06 -17.10
CA GLY F 343 15.02 -4.86 -16.02
C GLY F 343 14.10 -5.94 -16.54
N CYS F 355 -24.64 -17.85 -41.71
CA CYS F 355 -24.92 -17.71 -43.14
C CYS F 355 -26.37 -18.08 -43.46
N CYS F 364 -20.56 -21.02 -46.87
CA CYS F 364 -21.11 -20.33 -45.70
C CYS F 364 -20.29 -19.10 -45.32
N LYS F 365 -20.68 -18.47 -44.21
CA LYS F 365 -20.04 -17.25 -43.70
C LYS F 365 -20.40 -16.15 -44.69
N LEU F 366 -21.60 -16.26 -45.26
CA LEU F 366 -22.12 -15.32 -46.27
C LEU F 366 -21.92 -13.82 -45.99
N TYR F 367 -21.96 -13.03 -47.07
CA TYR F 367 -21.77 -11.57 -47.07
C TYR F 367 -21.38 -11.30 -48.51
N GLU F 368 -20.08 -11.10 -48.74
CA GLU F 368 -19.52 -10.87 -50.06
C GLU F 368 -18.29 -11.77 -50.14
#